data_2L3G
#
_entry.id   2L3G
#
_entity_poly.entity_id   1
_entity_poly.type   'polypeptide(L)'
_entity_poly.pdbx_seq_one_letter_code
;MGHHHHHHSHMNSAEQTVTWLITLGVLESPKKTISDPEGFLQASLKDGVVLCRLLERLLPGTIEKVYPEPRSESECLSNI
REFLRGCGASLRLETFDANDLYQGQNFNKVLSSLVTLNKVTADIGL
;
_entity_poly.pdbx_strand_id   A
#
# COMPACT_ATOMS: atom_id res chain seq x y z
N MET A 1 25.67 14.14 24.69
CA MET A 1 24.80 13.21 23.93
C MET A 1 25.56 11.91 23.59
N GLY A 2 25.33 10.86 24.37
CA GLY A 2 26.04 9.61 24.18
C GLY A 2 25.38 8.67 23.17
N HIS A 3 25.62 8.91 21.88
CA HIS A 3 25.13 8.01 20.83
C HIS A 3 25.85 6.66 20.88
N HIS A 4 25.11 5.59 21.14
CA HIS A 4 25.68 4.25 21.16
C HIS A 4 25.44 3.53 19.82
N HIS A 5 26.45 3.57 18.95
CA HIS A 5 26.33 3.06 17.57
C HIS A 5 26.23 1.52 17.50
N HIS A 6 26.19 0.86 18.66
CA HIS A 6 25.91 -0.58 18.72
C HIS A 6 24.41 -0.83 18.56
N HIS A 7 23.60 -0.10 19.34
CA HIS A 7 22.15 -0.25 19.30
C HIS A 7 21.47 1.03 18.77
N HIS A 8 21.20 1.08 17.46
CA HIS A 8 20.53 2.22 16.85
C HIS A 8 19.06 1.89 16.53
N SER A 9 18.22 2.93 16.43
CA SER A 9 16.80 2.75 16.09
C SER A 9 16.63 2.19 14.67
N HIS A 10 15.48 1.58 14.40
CA HIS A 10 15.20 0.98 13.08
C HIS A 10 13.94 1.59 12.45
N MET A 11 13.94 1.71 11.12
CA MET A 11 12.79 2.27 10.39
C MET A 11 11.51 1.44 10.64
N ASN A 12 10.46 2.12 11.07
CA ASN A 12 9.20 1.45 11.43
C ASN A 12 8.46 0.89 10.20
N SER A 13 7.45 0.05 10.46
CA SER A 13 6.66 -0.61 9.41
C SER A 13 6.17 0.36 8.33
N ALA A 14 5.81 1.57 8.74
CA ALA A 14 5.33 2.59 7.80
C ALA A 14 6.48 3.20 6.98
N GLU A 15 7.60 3.51 7.64
CA GLU A 15 8.75 4.16 6.97
C GLU A 15 9.26 3.34 5.78
N GLN A 16 9.43 2.03 6.00
CA GLN A 16 9.87 1.13 4.94
C GLN A 16 8.87 1.09 3.77
N THR A 17 7.58 1.11 4.10
CA THR A 17 6.51 1.07 3.10
C THR A 17 6.52 2.31 2.20
N VAL A 18 6.61 3.50 2.81
CA VAL A 18 6.70 4.75 2.05
C VAL A 18 7.85 4.69 1.02
N THR A 19 9.05 4.37 1.50
CA THR A 19 10.23 4.24 0.64
C THR A 19 10.03 3.15 -0.43
N TRP A 20 9.39 2.05 -0.03
CA TRP A 20 9.10 0.94 -0.93
C TRP A 20 8.21 1.38 -2.11
N LEU A 21 7.17 2.17 -1.81
CA LEU A 21 6.28 2.70 -2.84
C LEU A 21 7.04 3.65 -3.79
N ILE A 22 7.95 4.44 -3.24
CA ILE A 22 8.74 5.40 -4.04
C ILE A 22 9.70 4.69 -5.01
N THR A 23 10.44 3.69 -4.52
CA THR A 23 11.40 2.97 -5.37
C THR A 23 10.70 2.16 -6.49
N LEU A 24 9.48 1.69 -6.21
CA LEU A 24 8.69 0.98 -7.23
C LEU A 24 8.05 1.95 -8.24
N GLY A 25 8.26 3.26 -8.02
CA GLY A 25 7.76 4.27 -8.94
C GLY A 25 6.23 4.39 -8.95
N VAL A 26 5.60 4.00 -7.85
CA VAL A 26 4.13 4.06 -7.74
C VAL A 26 3.67 5.23 -6.86
N LEU A 27 4.60 5.77 -6.08
CA LEU A 27 4.34 6.94 -5.24
C LEU A 27 5.41 8.01 -5.47
N GLU A 28 5.02 9.29 -5.39
CA GLU A 28 5.95 10.40 -5.64
C GLU A 28 6.88 10.65 -4.44
N SER A 29 7.98 11.37 -4.69
CA SER A 29 8.92 11.74 -3.63
C SER A 29 8.38 12.95 -2.84
N PRO A 30 8.38 12.87 -1.48
CA PRO A 30 7.86 13.94 -0.63
C PRO A 30 8.68 15.25 -0.73
N LYS A 31 8.00 16.39 -0.57
CA LYS A 31 8.67 17.70 -0.67
C LYS A 31 9.29 18.11 0.69
N LYS A 32 9.16 17.24 1.68
CA LYS A 32 9.59 17.54 3.05
C LYS A 32 9.80 16.25 3.86
N THR A 33 10.18 16.42 5.13
CA THR A 33 10.28 15.28 6.06
C THR A 33 8.89 14.77 6.44
N ILE A 34 8.67 13.47 6.32
CA ILE A 34 7.36 12.87 6.64
C ILE A 34 7.16 12.72 8.15
N SER A 35 6.38 13.63 8.74
CA SER A 35 6.07 13.58 10.18
C SER A 35 5.14 12.41 10.50
N ASP A 36 4.15 12.19 9.63
CA ASP A 36 3.19 11.10 9.80
C ASP A 36 3.26 10.11 8.62
N PRO A 37 4.08 9.05 8.74
CA PRO A 37 4.24 8.07 7.65
C PRO A 37 2.95 7.30 7.33
N GLU A 38 2.28 6.77 8.36
CA GLU A 38 1.02 6.05 8.19
C GLU A 38 -0.09 6.97 7.67
N GLY A 39 -0.14 8.20 8.19
CA GLY A 39 -1.13 9.17 7.72
C GLY A 39 -0.91 9.57 6.26
N PHE A 40 0.33 9.90 5.92
CA PHE A 40 0.71 10.21 4.53
C PHE A 40 0.33 9.06 3.58
N LEU A 41 0.58 7.82 4.02
CA LEU A 41 0.20 6.63 3.25
C LEU A 41 -1.32 6.59 3.00
N GLN A 42 -2.11 6.64 4.07
CA GLN A 42 -3.58 6.59 3.97
C GLN A 42 -4.11 7.65 2.99
N ALA A 43 -3.70 8.90 3.18
CA ALA A 43 -4.15 10.01 2.32
C ALA A 43 -3.77 9.78 0.84
N SER A 44 -2.60 9.19 0.61
CA SER A 44 -2.12 8.93 -0.76
C SER A 44 -2.74 7.67 -1.39
N LEU A 45 -2.98 6.66 -0.56
CA LEU A 45 -3.50 5.37 -1.03
C LEU A 45 -5.04 5.34 -1.06
N LYS A 46 -5.66 6.32 -0.42
CA LYS A 46 -7.13 6.40 -0.28
C LYS A 46 -7.88 6.09 -1.59
N ASP A 47 -7.38 6.62 -2.69
CA ASP A 47 -8.06 6.54 -3.98
C ASP A 47 -7.75 5.24 -4.75
N GLY A 48 -6.95 4.36 -4.15
CA GLY A 48 -6.65 3.06 -4.74
C GLY A 48 -5.63 3.09 -5.88
N VAL A 49 -5.65 4.15 -6.69
CA VAL A 49 -4.77 4.27 -7.87
C VAL A 49 -3.31 3.88 -7.59
N VAL A 50 -2.74 4.41 -6.50
CA VAL A 50 -1.35 4.09 -6.12
C VAL A 50 -1.17 2.58 -5.85
N LEU A 51 -2.17 1.97 -5.20
CA LEU A 51 -2.14 0.53 -4.92
C LEU A 51 -2.23 -0.29 -6.22
N CYS A 52 -3.01 0.20 -7.18
CA CYS A 52 -3.13 -0.45 -8.48
C CYS A 52 -1.77 -0.50 -9.19
N ARG A 53 -1.08 0.64 -9.26
CA ARG A 53 0.28 0.70 -9.80
C ARG A 53 1.20 -0.24 -9.01
N LEU A 54 1.08 -0.19 -7.69
CA LEU A 54 1.87 -1.06 -6.79
C LEU A 54 1.78 -2.54 -7.20
N LEU A 55 0.55 -3.02 -7.34
CA LEU A 55 0.32 -4.42 -7.72
C LEU A 55 0.80 -4.71 -9.16
N GLU A 56 0.66 -3.72 -10.05
CA GLU A 56 1.08 -3.88 -11.45
C GLU A 56 2.62 -3.86 -11.61
N ARG A 57 3.33 -3.32 -10.62
CA ARG A 57 4.80 -3.31 -10.66
C ARG A 57 5.38 -4.60 -10.07
N LEU A 58 4.55 -5.34 -9.33
CA LEU A 58 4.95 -6.62 -8.74
C LEU A 58 4.36 -7.80 -9.56
N LEU A 59 3.05 -7.78 -9.73
CA LEU A 59 2.34 -8.73 -10.61
C LEU A 59 1.77 -8.01 -11.84
N PRO A 60 2.58 -7.81 -12.90
CA PRO A 60 2.19 -7.00 -14.07
C PRO A 60 1.04 -7.62 -14.89
N GLY A 61 -0.15 -7.04 -14.79
CA GLY A 61 -1.30 -7.52 -15.56
C GLY A 61 -2.39 -8.15 -14.71
N THR A 62 -2.41 -7.80 -13.42
CA THR A 62 -3.41 -8.33 -12.48
C THR A 62 -4.63 -7.40 -12.36
N ILE A 63 -4.38 -6.09 -12.34
CA ILE A 63 -5.45 -5.10 -12.26
C ILE A 63 -6.26 -5.08 -13.56
N GLU A 64 -7.52 -5.50 -13.50
CA GLU A 64 -8.36 -5.60 -14.70
C GLU A 64 -8.78 -4.22 -15.23
N LYS A 65 -9.22 -3.34 -14.31
CA LYS A 65 -9.49 -1.95 -14.68
C LYS A 65 -9.33 -1.01 -13.48
N VAL A 66 -8.53 0.03 -13.66
CA VAL A 66 -8.32 1.06 -12.63
C VAL A 66 -8.85 2.42 -13.11
N TYR A 67 -9.36 3.20 -12.18
CA TYR A 67 -9.81 4.57 -12.47
C TYR A 67 -8.70 5.57 -12.08
N PRO A 68 -7.90 6.06 -13.06
CA PRO A 68 -6.81 7.01 -12.80
C PRO A 68 -7.33 8.34 -12.23
N GLU A 69 -8.63 8.56 -12.41
CA GLU A 69 -9.32 9.74 -11.88
C GLU A 69 -10.71 9.34 -11.34
N PRO A 70 -10.77 8.85 -10.08
CA PRO A 70 -12.03 8.38 -9.49
C PRO A 70 -12.93 9.53 -9.01
N ARG A 71 -14.05 9.73 -9.70
CA ARG A 71 -15.02 10.78 -9.32
C ARG A 71 -16.03 10.26 -8.30
N SER A 72 -16.58 9.08 -8.56
CA SER A 72 -17.59 8.48 -7.68
C SER A 72 -16.94 7.69 -6.54
N GLU A 73 -17.64 7.61 -5.41
CA GLU A 73 -17.17 6.87 -4.23
C GLU A 73 -16.83 5.41 -4.59
N SER A 74 -17.72 4.76 -5.33
CA SER A 74 -17.54 3.36 -5.74
C SER A 74 -16.29 3.19 -6.63
N GLU A 75 -15.91 4.25 -7.35
CA GLU A 75 -14.71 4.22 -8.19
C GLU A 75 -13.45 4.05 -7.35
N CYS A 76 -13.31 4.86 -6.29
CA CYS A 76 -12.19 4.72 -5.35
C CYS A 76 -12.18 3.32 -4.70
N LEU A 77 -13.35 2.87 -4.26
CA LEU A 77 -13.51 1.54 -3.67
C LEU A 77 -13.13 0.44 -4.67
N SER A 78 -13.46 0.65 -5.94
CA SER A 78 -13.12 -0.32 -7.00
C SER A 78 -11.60 -0.43 -7.19
N ASN A 79 -10.91 0.71 -7.23
CA ASN A 79 -9.45 0.72 -7.34
C ASN A 79 -8.80 -0.09 -6.21
N ILE A 80 -9.24 0.17 -4.97
CA ILE A 80 -8.78 -0.61 -3.81
C ILE A 80 -9.19 -2.09 -3.94
N ARG A 81 -10.38 -2.32 -4.48
CA ARG A 81 -10.90 -3.68 -4.67
C ARG A 81 -10.02 -4.48 -5.64
N GLU A 82 -9.54 -3.84 -6.69
CA GLU A 82 -8.62 -4.48 -7.65
C GLU A 82 -7.31 -4.90 -6.97
N PHE A 83 -6.81 -4.05 -6.07
CA PHE A 83 -5.63 -4.38 -5.26
C PHE A 83 -5.91 -5.63 -4.39
N LEU A 84 -7.07 -5.63 -3.74
CA LEU A 84 -7.51 -6.77 -2.93
C LEU A 84 -7.76 -8.01 -3.80
N ARG A 85 -8.16 -7.77 -5.05
CA ARG A 85 -8.40 -8.84 -6.03
C ARG A 85 -7.13 -9.68 -6.22
N GLY A 86 -6.06 -9.04 -6.69
CA GLY A 86 -4.82 -9.76 -6.97
C GLY A 86 -4.15 -10.31 -5.72
N CYS A 87 -4.02 -9.47 -4.68
CA CYS A 87 -3.41 -9.88 -3.42
C CYS A 87 -4.21 -10.99 -2.71
N GLY A 88 -5.52 -11.01 -2.94
CA GLY A 88 -6.38 -12.04 -2.35
C GLY A 88 -6.47 -13.31 -3.20
N ALA A 89 -6.39 -13.16 -4.51
CA ALA A 89 -6.50 -14.31 -5.43
C ALA A 89 -5.14 -14.96 -5.73
N SER A 90 -4.26 -14.22 -6.41
CA SER A 90 -2.92 -14.74 -6.78
C SER A 90 -2.05 -14.98 -5.55
N LEU A 91 -1.84 -13.94 -4.76
CA LEU A 91 -0.97 -14.01 -3.58
C LEU A 91 -1.68 -14.64 -2.37
N ARG A 92 -2.98 -14.37 -2.22
CA ARG A 92 -3.77 -14.93 -1.12
C ARG A 92 -3.17 -14.54 0.25
N LEU A 93 -2.85 -13.25 0.39
CA LEU A 93 -2.19 -12.73 1.60
C LEU A 93 -3.16 -11.96 2.51
N GLU A 94 -2.62 -11.27 3.52
CA GLU A 94 -3.43 -10.48 4.46
C GLU A 94 -4.23 -9.39 3.74
N THR A 95 -5.55 -9.57 3.64
CA THR A 95 -6.42 -8.58 2.98
C THR A 95 -7.16 -7.70 4.00
N PHE A 96 -7.68 -6.57 3.52
CA PHE A 96 -8.43 -5.62 4.36
C PHE A 96 -9.70 -5.15 3.64
N ASP A 97 -10.49 -4.28 4.28
CA ASP A 97 -11.69 -3.73 3.66
C ASP A 97 -11.41 -2.36 3.04
N ALA A 98 -11.98 -2.11 1.86
CA ALA A 98 -11.81 -0.83 1.17
C ALA A 98 -12.21 0.35 2.07
N ASN A 99 -13.17 0.11 2.97
CA ASN A 99 -13.63 1.14 3.91
C ASN A 99 -12.52 1.53 4.91
N ASP A 100 -11.66 0.57 5.27
CA ASP A 100 -10.56 0.85 6.21
C ASP A 100 -9.61 1.92 5.65
N LEU A 101 -9.21 1.76 4.40
CA LEU A 101 -8.31 2.73 3.75
C LEU A 101 -9.06 4.00 3.32
N TYR A 102 -10.16 3.82 2.58
CA TYR A 102 -10.92 4.94 2.03
C TYR A 102 -11.49 5.85 3.13
N GLN A 103 -12.01 5.27 4.20
CA GLN A 103 -12.58 6.05 5.31
C GLN A 103 -11.61 6.17 6.50
N GLY A 104 -10.38 5.70 6.32
CA GLY A 104 -9.36 5.79 7.36
C GLY A 104 -9.79 5.14 8.68
N GLN A 105 -10.34 3.93 8.62
CA GLN A 105 -10.80 3.22 9.82
C GLN A 105 -9.65 2.45 10.50
N ASN A 106 -9.38 1.24 10.04
CA ASN A 106 -8.28 0.43 10.59
C ASN A 106 -7.09 0.38 9.61
N PHE A 107 -6.19 1.35 9.71
CA PHE A 107 -5.03 1.39 8.83
C PHE A 107 -4.03 0.27 9.19
N ASN A 108 -4.02 -0.13 10.46
CA ASN A 108 -3.16 -1.23 10.93
C ASN A 108 -3.28 -2.48 10.04
N LYS A 109 -4.50 -2.80 9.59
CA LYS A 109 -4.72 -3.92 8.67
C LYS A 109 -4.15 -3.60 7.28
N VAL A 110 -4.38 -2.38 6.80
CA VAL A 110 -3.87 -1.93 5.50
C VAL A 110 -2.34 -2.01 5.45
N LEU A 111 -1.69 -1.47 6.48
CA LEU A 111 -0.23 -1.50 6.59
C LEU A 111 0.28 -2.96 6.65
N SER A 112 -0.41 -3.81 7.41
CA SER A 112 -0.06 -5.23 7.46
C SER A 112 -0.13 -5.88 6.07
N SER A 113 -1.13 -5.49 5.28
CA SER A 113 -1.26 -5.99 3.90
C SER A 113 -0.08 -5.54 3.03
N LEU A 114 0.27 -4.25 3.12
CA LEU A 114 1.40 -3.68 2.38
C LEU A 114 2.73 -4.36 2.77
N VAL A 115 2.98 -4.47 4.07
CA VAL A 115 4.18 -5.15 4.58
C VAL A 115 4.23 -6.62 4.09
N THR A 116 3.08 -7.30 4.15
CA THR A 116 3.00 -8.68 3.67
C THR A 116 3.24 -8.76 2.16
N LEU A 117 2.74 -7.78 1.42
CA LEU A 117 2.96 -7.69 -0.02
C LEU A 117 4.46 -7.59 -0.33
N ASN A 118 5.18 -6.86 0.52
CA ASN A 118 6.65 -6.79 0.45
C ASN A 118 7.29 -8.13 0.86
N LYS A 119 6.72 -8.77 1.88
CA LYS A 119 7.21 -10.06 2.38
C LYS A 119 7.12 -11.16 1.30
N VAL A 120 5.96 -11.28 0.66
CA VAL A 120 5.73 -12.32 -0.36
C VAL A 120 6.58 -12.07 -1.62
N THR A 121 6.71 -10.81 -2.04
CA THR A 121 7.53 -10.47 -3.20
C THR A 121 9.02 -10.69 -2.91
N ALA A 122 9.43 -10.38 -1.68
CA ALA A 122 10.79 -10.71 -1.21
C ALA A 122 11.00 -12.22 -1.22
N ASP A 123 9.98 -12.97 -0.81
CA ASP A 123 10.00 -14.44 -0.81
C ASP A 123 10.18 -14.98 -2.24
N ILE A 124 9.61 -14.29 -3.22
CA ILE A 124 9.81 -14.63 -4.64
C ILE A 124 11.28 -14.40 -5.06
N GLY A 125 11.94 -13.46 -4.39
CA GLY A 125 13.34 -13.16 -4.68
C GLY A 125 13.52 -12.09 -5.75
N LEU A 126 12.73 -11.02 -5.66
CA LEU A 126 12.81 -9.91 -6.62
C LEU A 126 14.04 -9.02 -6.37
N MET A 1 4.54 -22.12 20.47
CA MET A 1 3.33 -21.53 21.09
C MET A 1 3.14 -20.07 20.65
N GLY A 2 4.03 -19.18 21.12
CA GLY A 2 3.94 -17.76 20.78
C GLY A 2 2.61 -17.12 21.17
N HIS A 3 2.26 -16.02 20.49
CA HIS A 3 0.97 -15.35 20.71
C HIS A 3 0.10 -15.35 19.44
N HIS A 4 0.60 -16.00 18.38
CA HIS A 4 -0.14 -16.16 17.11
C HIS A 4 -0.25 -14.84 16.30
N HIS A 5 -0.63 -13.75 16.95
CA HIS A 5 -0.81 -12.46 16.26
C HIS A 5 0.53 -11.84 15.82
N HIS A 6 1.06 -12.31 14.69
CA HIS A 6 2.33 -11.80 14.18
C HIS A 6 2.13 -10.87 12.96
N HIS A 7 2.27 -9.57 13.20
CA HIS A 7 2.27 -8.57 12.13
C HIS A 7 3.37 -7.53 12.38
N HIS A 8 3.61 -7.21 13.65
CA HIS A 8 4.66 -6.25 14.02
C HIS A 8 5.97 -6.95 14.36
N SER A 9 6.80 -7.20 13.35
CA SER A 9 8.15 -7.74 13.57
C SER A 9 9.11 -6.62 14.03
N HIS A 10 8.83 -5.41 13.57
CA HIS A 10 9.62 -4.22 13.92
C HIS A 10 8.74 -2.95 13.90
N MET A 11 9.25 -1.86 14.44
CA MET A 11 8.50 -0.60 14.51
C MET A 11 8.76 0.30 13.29
N ASN A 12 8.00 1.39 13.18
CA ASN A 12 8.21 2.43 12.15
C ASN A 12 8.05 1.89 10.72
N SER A 13 7.41 0.73 10.58
CA SER A 13 7.21 0.11 9.24
C SER A 13 6.67 1.10 8.21
N ALA A 14 5.81 2.03 8.66
CA ALA A 14 5.20 3.03 7.77
C ALA A 14 6.24 3.83 6.98
N GLU A 15 7.34 4.21 7.64
CA GLU A 15 8.42 4.99 6.99
C GLU A 15 9.00 4.24 5.79
N GLN A 16 9.59 3.08 6.05
CA GLN A 16 10.18 2.24 4.99
C GLN A 16 9.12 1.74 3.99
N THR A 17 7.85 1.74 4.38
CA THR A 17 6.76 1.42 3.44
C THR A 17 6.64 2.51 2.36
N VAL A 18 6.77 3.77 2.77
CA VAL A 18 6.83 4.89 1.82
C VAL A 18 7.98 4.68 0.83
N THR A 19 9.18 4.46 1.37
CA THR A 19 10.38 4.19 0.55
C THR A 19 10.15 3.02 -0.42
N TRP A 20 9.47 1.99 0.06
CA TRP A 20 9.14 0.82 -0.77
C TRP A 20 8.26 1.22 -1.97
N LEU A 21 7.25 2.03 -1.73
CA LEU A 21 6.38 2.53 -2.80
C LEU A 21 7.14 3.46 -3.75
N ILE A 22 8.12 4.19 -3.21
CA ILE A 22 8.97 5.09 -4.02
C ILE A 22 9.91 4.30 -4.94
N THR A 23 10.60 3.30 -4.39
CA THR A 23 11.55 2.49 -5.17
C THR A 23 10.86 1.68 -6.28
N LEU A 24 9.56 1.42 -6.10
CA LEU A 24 8.75 0.74 -7.14
C LEU A 24 8.15 1.77 -8.12
N GLY A 25 8.41 3.06 -7.87
CA GLY A 25 7.96 4.12 -8.78
C GLY A 25 6.45 4.35 -8.77
N VAL A 26 5.76 3.86 -7.75
CA VAL A 26 4.29 4.01 -7.66
C VAL A 26 3.88 5.17 -6.75
N LEU A 27 4.77 5.57 -5.84
CA LEU A 27 4.55 6.74 -4.98
C LEU A 27 5.72 7.73 -5.11
N GLU A 28 5.39 9.02 -5.15
CA GLU A 28 6.41 10.06 -5.29
C GLU A 28 7.15 10.32 -3.96
N SER A 29 8.39 10.79 -4.06
CA SER A 29 9.23 11.05 -2.88
C SER A 29 8.73 12.29 -2.11
N PRO A 30 8.71 12.23 -0.77
CA PRO A 30 8.19 13.32 0.08
C PRO A 30 8.98 14.65 -0.07
N LYS A 31 8.26 15.77 -0.04
CA LYS A 31 8.86 17.10 -0.14
C LYS A 31 9.80 17.38 1.04
N LYS A 32 9.34 17.08 2.25
CA LYS A 32 10.10 17.35 3.48
C LYS A 32 9.85 16.26 4.53
N THR A 33 10.38 16.47 5.74
CA THR A 33 10.18 15.52 6.85
C THR A 33 8.69 15.28 7.12
N ILE A 34 8.23 14.06 6.87
CA ILE A 34 6.83 13.70 7.11
C ILE A 34 6.56 13.55 8.61
N SER A 35 5.69 14.41 9.15
CA SER A 35 5.31 14.37 10.57
C SER A 35 4.66 13.04 10.93
N ASP A 36 3.77 12.56 10.06
CA ASP A 36 3.07 11.28 10.28
C ASP A 36 2.99 10.47 8.97
N PRO A 37 3.85 9.45 8.80
CA PRO A 37 3.90 8.63 7.56
C PRO A 37 2.61 7.85 7.31
N GLU A 38 1.92 7.43 8.37
CA GLU A 38 0.67 6.68 8.26
C GLU A 38 -0.41 7.50 7.52
N GLY A 39 -0.57 8.75 7.91
CA GLY A 39 -1.51 9.63 7.22
C GLY A 39 -1.12 9.90 5.76
N PHE A 40 0.18 10.11 5.52
CA PHE A 40 0.70 10.31 4.17
C PHE A 40 0.35 9.14 3.24
N LEU A 41 0.53 7.92 3.73
CA LEU A 41 0.18 6.71 2.98
C LEU A 41 -1.34 6.60 2.80
N GLN A 42 -2.09 6.76 3.89
CA GLN A 42 -3.55 6.65 3.86
C GLN A 42 -4.16 7.57 2.79
N ALA A 43 -3.77 8.83 2.79
CA ALA A 43 -4.27 9.81 1.82
C ALA A 43 -3.95 9.40 0.37
N SER A 44 -2.70 8.99 0.14
CA SER A 44 -2.23 8.64 -1.20
C SER A 44 -2.85 7.31 -1.70
N LEU A 45 -3.09 6.39 -0.79
CA LEU A 45 -3.64 5.06 -1.14
C LEU A 45 -5.18 5.06 -1.10
N LYS A 46 -5.76 6.11 -0.52
CA LYS A 46 -7.21 6.25 -0.35
C LYS A 46 -7.99 5.92 -1.64
N ASP A 47 -7.52 6.45 -2.76
CA ASP A 47 -8.21 6.31 -4.05
C ASP A 47 -7.90 4.96 -4.74
N GLY A 48 -7.04 4.16 -4.13
CA GLY A 48 -6.70 2.84 -4.69
C GLY A 48 -5.80 2.88 -5.92
N VAL A 49 -5.69 4.05 -6.56
CA VAL A 49 -4.89 4.19 -7.79
C VAL A 49 -3.44 3.70 -7.61
N VAL A 50 -2.78 4.18 -6.54
CA VAL A 50 -1.41 3.75 -6.24
C VAL A 50 -1.33 2.24 -5.97
N LEU A 51 -2.38 1.69 -5.35
CA LEU A 51 -2.45 0.25 -5.06
C LEU A 51 -2.47 -0.58 -6.35
N CYS A 52 -3.32 -0.20 -7.30
CA CYS A 52 -3.42 -0.90 -8.58
C CYS A 52 -2.09 -0.87 -9.34
N ARG A 53 -1.45 0.31 -9.40
CA ARG A 53 -0.12 0.43 -10.01
C ARG A 53 0.92 -0.40 -9.26
N LEU A 54 0.83 -0.41 -7.93
CA LEU A 54 1.71 -1.22 -7.08
C LEU A 54 1.67 -2.70 -7.48
N LEU A 55 0.46 -3.24 -7.61
CA LEU A 55 0.29 -4.65 -7.98
C LEU A 55 0.76 -4.91 -9.42
N GLU A 56 0.59 -3.93 -10.30
CA GLU A 56 1.04 -4.07 -11.70
C GLU A 56 2.58 -4.03 -11.84
N ARG A 57 3.25 -3.44 -10.85
CA ARG A 57 4.71 -3.42 -10.83
C ARG A 57 5.28 -4.77 -10.36
N LEU A 58 4.59 -5.41 -9.42
CA LEU A 58 5.01 -6.72 -8.89
C LEU A 58 4.47 -7.87 -9.76
N LEU A 59 3.16 -7.85 -9.99
CA LEU A 59 2.49 -8.83 -10.85
C LEU A 59 1.79 -8.14 -12.04
N PRO A 60 2.52 -7.94 -13.16
CA PRO A 60 1.98 -7.21 -14.33
C PRO A 60 0.85 -7.96 -15.05
N GLY A 61 -0.23 -7.25 -15.35
CA GLY A 61 -1.36 -7.86 -16.06
C GLY A 61 -2.35 -8.56 -15.12
N THR A 62 -2.57 -7.97 -13.95
CA THR A 62 -3.50 -8.53 -12.97
C THR A 62 -4.73 -7.63 -12.78
N ILE A 63 -4.50 -6.33 -12.61
CA ILE A 63 -5.58 -5.35 -12.48
C ILE A 63 -6.33 -5.17 -13.81
N GLU A 64 -7.58 -5.62 -13.86
CA GLU A 64 -8.40 -5.53 -15.07
C GLU A 64 -8.89 -4.10 -15.34
N LYS A 65 -9.45 -3.47 -14.31
CA LYS A 65 -10.09 -2.15 -14.46
C LYS A 65 -9.82 -1.24 -13.24
N VAL A 66 -9.13 -0.13 -13.48
CA VAL A 66 -8.87 0.87 -12.44
C VAL A 66 -9.26 2.28 -12.90
N TYR A 67 -9.65 3.14 -11.97
CA TYR A 67 -9.97 4.53 -12.27
C TYR A 67 -8.80 5.46 -11.91
N PRO A 68 -8.05 5.96 -12.92
CA PRO A 68 -6.90 6.85 -12.68
C PRO A 68 -7.35 8.23 -12.13
N GLU A 69 -8.65 8.50 -12.22
CA GLU A 69 -9.25 9.73 -11.70
C GLU A 69 -10.65 9.44 -11.12
N PRO A 70 -10.74 8.97 -9.87
CA PRO A 70 -12.03 8.70 -9.21
C PRO A 70 -12.86 9.97 -8.96
N ARG A 71 -14.03 10.06 -9.60
CA ARG A 71 -14.96 11.18 -9.39
C ARG A 71 -15.89 10.91 -8.20
N SER A 72 -16.24 9.64 -7.99
CA SER A 72 -17.19 9.25 -6.94
C SER A 72 -16.59 8.16 -6.02
N GLU A 73 -17.12 8.08 -4.80
CA GLU A 73 -16.64 7.12 -3.78
C GLU A 73 -16.53 5.69 -4.32
N SER A 74 -17.58 5.22 -5.01
CA SER A 74 -17.61 3.86 -5.56
C SER A 74 -16.38 3.54 -6.43
N GLU A 75 -15.88 4.56 -7.13
CA GLU A 75 -14.69 4.38 -7.99
C GLU A 75 -13.42 4.18 -7.16
N CYS A 76 -13.22 5.03 -6.14
CA CYS A 76 -12.09 4.87 -5.21
C CYS A 76 -12.11 3.47 -4.56
N LEU A 77 -13.30 3.07 -4.12
CA LEU A 77 -13.50 1.75 -3.51
C LEU A 77 -13.22 0.62 -4.50
N SER A 78 -13.66 0.80 -5.76
CA SER A 78 -13.42 -0.19 -6.81
C SER A 78 -11.93 -0.46 -7.02
N ASN A 79 -11.14 0.62 -7.04
CA ASN A 79 -9.69 0.49 -7.22
C ASN A 79 -9.04 -0.29 -6.08
N ILE A 80 -9.52 -0.10 -4.85
CA ILE A 80 -9.03 -0.85 -3.71
C ILE A 80 -9.49 -2.32 -3.77
N ARG A 81 -10.78 -2.54 -4.09
CA ARG A 81 -11.31 -3.90 -4.24
C ARG A 81 -10.57 -4.67 -5.34
N GLU A 82 -10.20 -3.98 -6.41
CA GLU A 82 -9.45 -4.56 -7.51
C GLU A 82 -8.09 -5.08 -7.02
N PHE A 83 -7.39 -4.24 -6.26
CA PHE A 83 -6.12 -4.61 -5.62
C PHE A 83 -6.29 -5.86 -4.73
N LEU A 84 -7.33 -5.85 -3.90
CA LEU A 84 -7.66 -6.99 -3.02
C LEU A 84 -7.91 -8.28 -3.85
N ARG A 85 -8.65 -8.13 -4.93
CA ARG A 85 -8.96 -9.25 -5.85
C ARG A 85 -7.69 -9.82 -6.49
N GLY A 86 -6.76 -8.94 -6.88
CA GLY A 86 -5.51 -9.39 -7.47
C GLY A 86 -4.59 -10.10 -6.47
N CYS A 87 -4.18 -9.38 -5.43
CA CYS A 87 -3.29 -9.94 -4.40
C CYS A 87 -3.93 -11.15 -3.70
N GLY A 88 -5.23 -11.05 -3.41
CA GLY A 88 -5.94 -12.14 -2.73
C GLY A 88 -6.06 -13.41 -3.57
N ALA A 89 -6.01 -13.28 -4.89
CA ALA A 89 -6.09 -14.44 -5.79
C ALA A 89 -4.73 -15.09 -6.00
N SER A 90 -3.75 -14.31 -6.44
CA SER A 90 -2.41 -14.84 -6.74
C SER A 90 -1.60 -15.14 -5.47
N LEU A 91 -1.41 -14.11 -4.63
CA LEU A 91 -0.61 -14.26 -3.40
C LEU A 91 -1.43 -14.77 -2.22
N ARG A 92 -2.74 -14.51 -2.24
CA ARG A 92 -3.65 -14.98 -1.20
C ARG A 92 -3.24 -14.48 0.21
N LEU A 93 -2.54 -13.35 0.25
CA LEU A 93 -2.05 -12.78 1.50
C LEU A 93 -3.17 -12.10 2.31
N GLU A 94 -2.90 -11.80 3.59
CA GLU A 94 -3.89 -11.15 4.46
C GLU A 94 -4.34 -9.79 3.91
N THR A 95 -5.65 -9.65 3.70
CA THR A 95 -6.21 -8.46 3.06
C THR A 95 -7.06 -7.61 4.02
N PHE A 96 -7.58 -6.49 3.51
CA PHE A 96 -8.42 -5.57 4.27
C PHE A 96 -9.63 -5.14 3.42
N ASP A 97 -10.51 -4.29 3.97
CA ASP A 97 -11.66 -3.78 3.20
C ASP A 97 -11.39 -2.35 2.68
N ALA A 98 -12.08 -2.01 1.59
CA ALA A 98 -11.89 -0.70 0.95
C ALA A 98 -12.21 0.48 1.88
N ASN A 99 -13.26 0.34 2.68
CA ASN A 99 -13.70 1.42 3.56
C ASN A 99 -12.71 1.65 4.73
N ASP A 100 -11.98 0.61 5.14
CA ASP A 100 -10.95 0.75 6.17
C ASP A 100 -9.88 1.77 5.73
N LEU A 101 -9.43 1.65 4.49
CA LEU A 101 -8.41 2.55 3.94
C LEU A 101 -9.02 3.90 3.52
N TYR A 102 -10.09 3.85 2.73
CA TYR A 102 -10.74 5.06 2.20
C TYR A 102 -11.21 6.01 3.33
N GLN A 103 -11.81 5.44 4.37
CA GLN A 103 -12.30 6.23 5.51
C GLN A 103 -11.23 6.38 6.61
N GLY A 104 -10.05 5.77 6.40
CA GLY A 104 -8.97 5.84 7.38
C GLY A 104 -9.31 5.21 8.72
N GLN A 105 -10.09 4.14 8.70
CA GLN A 105 -10.52 3.45 9.92
C GLN A 105 -9.36 2.66 10.56
N ASN A 106 -9.03 1.51 9.98
CA ASN A 106 -7.94 0.66 10.48
C ASN A 106 -6.76 0.62 9.51
N PHE A 107 -5.77 1.49 9.74
CA PHE A 107 -4.58 1.55 8.89
C PHE A 107 -3.65 0.36 9.16
N ASN A 108 -3.76 -0.23 10.35
CA ASN A 108 -2.93 -1.39 10.73
C ASN A 108 -3.10 -2.55 9.72
N LYS A 109 -4.35 -2.82 9.33
CA LYS A 109 -4.64 -3.88 8.35
C LYS A 109 -4.08 -3.52 6.97
N VAL A 110 -4.25 -2.25 6.57
CA VAL A 110 -3.72 -1.77 5.28
C VAL A 110 -2.19 -1.88 5.23
N LEU A 111 -1.53 -1.32 6.25
CA LEU A 111 -0.08 -1.37 6.35
C LEU A 111 0.42 -2.83 6.40
N SER A 112 -0.27 -3.66 7.18
CA SER A 112 0.06 -5.10 7.25
C SER A 112 0.00 -5.76 5.86
N SER A 113 -1.03 -5.40 5.09
CA SER A 113 -1.17 -5.90 3.71
C SER A 113 0.02 -5.46 2.84
N LEU A 114 0.40 -4.20 2.95
CA LEU A 114 1.54 -3.66 2.20
C LEU A 114 2.86 -4.35 2.60
N VAL A 115 3.09 -4.44 3.90
CA VAL A 115 4.29 -5.12 4.42
C VAL A 115 4.34 -6.59 3.98
N THR A 116 3.19 -7.27 4.07
CA THR A 116 3.10 -8.67 3.61
C THR A 116 3.34 -8.78 2.10
N LEU A 117 2.76 -7.85 1.34
CA LEU A 117 2.95 -7.79 -0.11
C LEU A 117 4.45 -7.65 -0.44
N ASN A 118 5.16 -6.90 0.38
CA ASN A 118 6.62 -6.77 0.26
C ASN A 118 7.31 -8.08 0.69
N LYS A 119 6.90 -8.64 1.83
CA LYS A 119 7.50 -9.86 2.37
C LYS A 119 7.39 -11.05 1.40
N VAL A 120 6.20 -11.28 0.85
CA VAL A 120 5.96 -12.41 -0.06
C VAL A 120 6.75 -12.28 -1.37
N THR A 121 6.73 -11.09 -1.98
CA THR A 121 7.47 -10.86 -3.23
C THR A 121 8.98 -10.92 -3.00
N ALA A 122 9.44 -10.29 -1.92
CA ALA A 122 10.86 -10.35 -1.54
C ALA A 122 11.29 -11.78 -1.17
N ASP A 123 10.33 -12.58 -0.69
CA ASP A 123 10.59 -13.98 -0.37
C ASP A 123 10.78 -14.81 -1.66
N ILE A 124 9.97 -14.51 -2.68
CA ILE A 124 10.11 -15.14 -4.01
C ILE A 124 11.46 -14.77 -4.65
N GLY A 125 11.88 -13.53 -4.43
CA GLY A 125 13.15 -13.06 -4.97
C GLY A 125 12.99 -12.06 -6.11
N LEU A 126 13.08 -10.77 -5.78
CA LEU A 126 12.99 -9.70 -6.79
C LEU A 126 14.39 -9.25 -7.27
N MET A 1 23.37 15.77 15.72
CA MET A 1 22.94 15.34 14.36
C MET A 1 21.76 14.35 14.44
N GLY A 2 20.68 14.67 13.72
CA GLY A 2 19.55 13.75 13.55
C GLY A 2 18.93 13.26 14.86
N HIS A 3 17.84 13.90 15.29
CA HIS A 3 17.12 13.46 16.49
C HIS A 3 16.26 12.22 16.19
N HIS A 4 15.68 12.19 14.98
CA HIS A 4 14.89 11.05 14.53
C HIS A 4 15.77 10.00 13.82
N HIS A 5 16.13 8.94 14.54
CA HIS A 5 16.98 7.88 13.99
C HIS A 5 16.14 6.82 13.26
N HIS A 6 16.31 6.73 11.94
CA HIS A 6 15.55 5.77 11.13
C HIS A 6 15.90 4.30 11.50
N HIS A 7 15.13 3.73 12.44
CA HIS A 7 15.28 2.33 12.84
C HIS A 7 13.91 1.68 13.10
N HIS A 8 13.56 0.67 12.31
CA HIS A 8 12.24 0.02 12.43
C HIS A 8 12.21 -0.98 13.61
N SER A 9 12.50 -0.48 14.82
CA SER A 9 12.41 -1.29 16.04
C SER A 9 11.17 -0.87 16.84
N HIS A 10 10.02 -1.47 16.50
CA HIS A 10 8.71 -1.11 17.07
C HIS A 10 8.24 0.29 16.61
N MET A 11 9.05 0.94 15.76
CA MET A 11 8.68 2.23 15.16
C MET A 11 7.70 2.03 14.00
N ASN A 12 7.29 3.11 13.37
CA ASN A 12 6.24 3.06 12.35
C ASN A 12 6.67 2.26 11.11
N SER A 13 6.00 1.13 10.88
CA SER A 13 6.27 0.31 9.68
C SER A 13 6.04 1.12 8.39
N ALA A 14 5.23 2.17 8.49
CA ALA A 14 4.96 3.05 7.36
C ALA A 14 6.23 3.80 6.89
N GLU A 15 7.12 4.13 7.85
CA GLU A 15 8.35 4.87 7.55
C GLU A 15 9.17 4.20 6.43
N GLN A 16 9.27 2.87 6.48
CA GLN A 16 9.99 2.11 5.45
C GLN A 16 9.12 1.88 4.21
N THR A 17 7.81 1.69 4.43
CA THR A 17 6.86 1.46 3.33
C THR A 17 6.86 2.62 2.31
N VAL A 18 6.96 3.85 2.82
CA VAL A 18 7.04 5.04 1.96
C VAL A 18 8.17 4.89 0.91
N THR A 19 9.38 4.62 1.38
CA THR A 19 10.54 4.44 0.49
C THR A 19 10.31 3.32 -0.53
N TRP A 20 9.73 2.22 -0.07
CA TRP A 20 9.41 1.09 -0.94
C TRP A 20 8.44 1.50 -2.08
N LEU A 21 7.43 2.29 -1.73
CA LEU A 21 6.45 2.77 -2.73
C LEU A 21 7.10 3.75 -3.71
N ILE A 22 7.99 4.61 -3.21
CA ILE A 22 8.67 5.59 -4.06
C ILE A 22 9.64 4.91 -5.05
N THR A 23 10.44 3.96 -4.56
CA THR A 23 11.43 3.27 -5.41
C THR A 23 10.75 2.40 -6.49
N LEU A 24 9.51 1.99 -6.24
CA LEU A 24 8.74 1.22 -7.23
C LEU A 24 8.03 2.13 -8.24
N GLY A 25 8.23 3.45 -8.12
CA GLY A 25 7.66 4.40 -9.07
C GLY A 25 6.14 4.50 -9.04
N VAL A 26 5.53 4.13 -7.91
CA VAL A 26 4.08 4.25 -7.74
C VAL A 26 3.70 5.46 -6.87
N LEU A 27 4.63 5.87 -6.00
CA LEU A 27 4.42 7.03 -5.14
C LEU A 27 5.55 8.06 -5.34
N GLU A 28 5.21 9.34 -5.22
CA GLU A 28 6.18 10.42 -5.39
C GLU A 28 6.94 10.72 -4.08
N SER A 29 8.06 11.44 -4.19
CA SER A 29 8.88 11.78 -3.01
C SER A 29 8.26 12.95 -2.22
N PRO A 30 8.23 12.87 -0.88
CA PRO A 30 7.68 13.93 -0.02
C PRO A 30 8.44 15.25 -0.14
N LYS A 31 7.77 16.36 0.16
CA LYS A 31 8.35 17.70 0.05
C LYS A 31 9.23 18.04 1.27
N LYS A 32 8.88 17.47 2.43
CA LYS A 32 9.66 17.66 3.66
C LYS A 32 9.82 16.32 4.41
N THR A 33 10.65 16.31 5.44
CA THR A 33 10.86 15.12 6.27
C THR A 33 9.54 14.70 6.94
N ILE A 34 9.10 13.46 6.67
CA ILE A 34 7.79 12.98 7.14
C ILE A 34 7.78 12.65 8.65
N SER A 35 6.86 13.28 9.37
CA SER A 35 6.62 12.95 10.78
C SER A 35 5.49 11.91 10.92
N ASP A 36 4.45 12.08 10.10
CA ASP A 36 3.29 11.17 10.10
C ASP A 36 3.24 10.32 8.81
N PRO A 37 3.95 9.16 8.78
CA PRO A 37 4.03 8.34 7.57
C PRO A 37 2.73 7.58 7.25
N GLU A 38 2.05 7.04 8.27
CA GLU A 38 0.75 6.37 8.04
C GLU A 38 -0.27 7.35 7.43
N GLY A 39 -0.31 8.58 7.96
CA GLY A 39 -1.18 9.60 7.40
C GLY A 39 -0.81 9.95 5.95
N PHE A 40 0.49 10.12 5.71
CA PHE A 40 1.00 10.39 4.36
C PHE A 40 0.57 9.31 3.35
N LEU A 41 0.66 8.05 3.77
CA LEU A 41 0.26 6.92 2.92
C LEU A 41 -1.27 6.84 2.75
N GLN A 42 -2.00 6.98 3.86
CA GLN A 42 -3.47 6.89 3.84
C GLN A 42 -4.06 7.88 2.82
N ALA A 43 -3.54 9.10 2.80
CA ALA A 43 -4.02 10.14 1.88
C ALA A 43 -3.78 9.79 0.39
N SER A 44 -2.66 9.09 0.12
CA SER A 44 -2.29 8.73 -1.26
C SER A 44 -2.95 7.42 -1.71
N LEU A 45 -2.87 6.40 -0.87
CA LEU A 45 -3.47 5.09 -1.17
C LEU A 45 -5.00 5.11 -1.12
N LYS A 46 -5.56 6.20 -0.57
CA LYS A 46 -7.01 6.37 -0.39
C LYS A 46 -7.83 6.00 -1.65
N ASP A 47 -7.48 6.60 -2.79
CA ASP A 47 -8.24 6.39 -4.03
C ASP A 47 -7.89 5.05 -4.71
N GLY A 48 -6.99 4.28 -4.10
CA GLY A 48 -6.66 2.94 -4.62
C GLY A 48 -5.77 2.94 -5.86
N VAL A 49 -5.66 4.09 -6.54
CA VAL A 49 -4.89 4.20 -7.79
C VAL A 49 -3.43 3.76 -7.59
N VAL A 50 -2.79 4.25 -6.53
CA VAL A 50 -1.41 3.86 -6.21
C VAL A 50 -1.32 2.35 -5.90
N LEU A 51 -2.36 1.82 -5.24
CA LEU A 51 -2.40 0.38 -4.89
C LEU A 51 -2.41 -0.49 -6.15
N CYS A 52 -3.32 -0.21 -7.07
CA CYS A 52 -3.43 -0.98 -8.32
C CYS A 52 -2.10 -1.00 -9.07
N ARG A 53 -1.51 0.17 -9.25
CA ARG A 53 -0.21 0.30 -9.92
C ARG A 53 0.90 -0.43 -9.14
N LEU A 54 0.81 -0.39 -7.82
CA LEU A 54 1.75 -1.12 -6.94
C LEU A 54 1.68 -2.63 -7.23
N LEU A 55 0.47 -3.17 -7.31
CA LEU A 55 0.28 -4.59 -7.61
C LEU A 55 0.76 -4.93 -9.02
N GLU A 56 0.62 -3.99 -9.96
CA GLU A 56 1.10 -4.18 -11.34
C GLU A 56 2.64 -4.20 -11.43
N ARG A 57 3.31 -3.52 -10.49
CA ARG A 57 4.77 -3.56 -10.43
C ARG A 57 5.28 -4.96 -10.02
N LEU A 58 4.57 -5.59 -9.10
CA LEU A 58 4.94 -6.91 -8.58
C LEU A 58 4.37 -8.04 -9.46
N LEU A 59 3.13 -7.85 -9.92
CA LEU A 59 2.44 -8.83 -10.77
C LEU A 59 1.80 -8.14 -11.99
N PRO A 60 2.60 -7.78 -13.02
CA PRO A 60 2.10 -7.09 -14.22
C PRO A 60 0.94 -7.83 -14.92
N GLY A 61 -0.16 -7.12 -15.16
CA GLY A 61 -1.28 -7.70 -15.89
C GLY A 61 -2.33 -8.35 -14.99
N THR A 62 -2.39 -7.93 -13.74
CA THR A 62 -3.39 -8.46 -12.79
C THR A 62 -4.63 -7.57 -12.74
N ILE A 63 -4.41 -6.25 -12.64
CA ILE A 63 -5.50 -5.28 -12.60
C ILE A 63 -6.16 -5.10 -13.99
N GLU A 64 -7.29 -5.76 -14.21
CA GLU A 64 -8.01 -5.71 -15.48
C GLU A 64 -8.45 -4.27 -15.82
N LYS A 65 -8.90 -3.53 -14.82
CA LYS A 65 -9.37 -2.15 -15.01
C LYS A 65 -9.12 -1.31 -13.74
N VAL A 66 -8.57 -0.11 -13.90
CA VAL A 66 -8.38 0.81 -12.78
C VAL A 66 -8.78 2.24 -13.17
N TYR A 67 -9.44 2.94 -12.25
CA TYR A 67 -9.87 4.32 -12.46
C TYR A 67 -8.77 5.30 -12.00
N PRO A 68 -8.02 5.92 -12.95
CA PRO A 68 -6.96 6.87 -12.60
C PRO A 68 -7.52 8.23 -12.15
N GLU A 69 -8.84 8.37 -12.30
CA GLU A 69 -9.56 9.56 -11.85
C GLU A 69 -10.93 9.16 -11.27
N PRO A 70 -10.95 8.55 -10.07
CA PRO A 70 -12.19 8.12 -9.42
C PRO A 70 -12.98 9.29 -8.83
N ARG A 71 -14.10 9.61 -9.46
CA ARG A 71 -14.94 10.74 -9.03
C ARG A 71 -15.83 10.34 -7.86
N SER A 72 -16.54 9.22 -8.03
CA SER A 72 -17.42 8.68 -7.00
C SER A 72 -16.66 7.76 -6.04
N GLU A 73 -17.03 7.79 -4.76
CA GLU A 73 -16.37 6.96 -3.73
C GLU A 73 -16.31 5.48 -4.14
N SER A 74 -17.35 5.00 -4.81
CA SER A 74 -17.43 3.59 -5.27
C SER A 74 -16.30 3.26 -6.26
N GLU A 75 -15.90 4.25 -7.07
CA GLU A 75 -14.81 4.04 -8.03
C GLU A 75 -13.46 3.93 -7.31
N CYS A 76 -13.25 4.76 -6.31
CA CYS A 76 -12.06 4.68 -5.45
C CYS A 76 -12.00 3.30 -4.77
N LEU A 77 -13.13 2.91 -4.15
CA LEU A 77 -13.26 1.59 -3.54
C LEU A 77 -12.98 0.47 -4.57
N SER A 78 -13.43 0.68 -5.81
CA SER A 78 -13.19 -0.28 -6.90
C SER A 78 -11.70 -0.56 -7.07
N ASN A 79 -10.92 0.50 -7.26
CA ASN A 79 -9.46 0.38 -7.39
C ASN A 79 -8.85 -0.43 -6.23
N ILE A 80 -9.32 -0.16 -5.01
CA ILE A 80 -8.85 -0.89 -3.84
C ILE A 80 -9.26 -2.37 -3.90
N ARG A 81 -10.49 -2.66 -4.33
CA ARG A 81 -10.98 -4.04 -4.41
C ARG A 81 -10.18 -4.86 -5.43
N GLU A 82 -9.92 -4.28 -6.59
CA GLU A 82 -9.08 -4.95 -7.61
C GLU A 82 -7.67 -5.26 -7.08
N PHE A 83 -7.12 -4.34 -6.28
CA PHE A 83 -5.84 -4.57 -5.60
C PHE A 83 -5.96 -5.78 -4.65
N LEU A 84 -7.04 -5.82 -3.88
CA LEU A 84 -7.32 -6.93 -2.97
C LEU A 84 -7.64 -8.22 -3.75
N ARG A 85 -8.21 -8.05 -4.94
CA ARG A 85 -8.59 -9.18 -5.81
C ARG A 85 -7.35 -9.97 -6.24
N GLY A 86 -6.37 -9.27 -6.82
CA GLY A 86 -5.12 -9.90 -7.22
C GLY A 86 -4.33 -10.47 -6.04
N CYS A 87 -4.24 -9.70 -4.96
CA CYS A 87 -3.54 -10.14 -3.75
C CYS A 87 -4.24 -11.35 -3.10
N GLY A 88 -5.56 -11.41 -3.20
CA GLY A 88 -6.31 -12.52 -2.61
C GLY A 88 -6.36 -13.76 -3.51
N ALA A 89 -6.21 -13.56 -4.82
CA ALA A 89 -6.26 -14.68 -5.78
C ALA A 89 -4.86 -15.26 -6.07
N SER A 90 -3.91 -14.40 -6.45
CA SER A 90 -2.55 -14.84 -6.80
C SER A 90 -1.65 -14.98 -5.56
N LEU A 91 -1.57 -13.90 -4.78
CA LEU A 91 -0.70 -13.85 -3.59
C LEU A 91 -1.29 -14.62 -2.39
N ARG A 92 -2.62 -14.62 -2.29
CA ARG A 92 -3.33 -15.32 -1.20
C ARG A 92 -3.05 -14.72 0.18
N LEU A 93 -2.57 -13.48 0.21
CA LEU A 93 -2.24 -12.80 1.47
C LEU A 93 -3.51 -12.25 2.16
N GLU A 94 -3.39 -11.88 3.44
CA GLU A 94 -4.54 -11.39 4.20
C GLU A 94 -4.86 -9.93 3.86
N THR A 95 -6.09 -9.71 3.40
CA THR A 95 -6.51 -8.41 2.87
C THR A 95 -7.19 -7.53 3.92
N PHE A 96 -7.59 -6.32 3.49
CA PHE A 96 -8.34 -5.39 4.34
C PHE A 96 -9.63 -4.95 3.64
N ASP A 97 -10.42 -4.10 4.27
CA ASP A 97 -11.67 -3.62 3.68
C ASP A 97 -11.45 -2.26 2.99
N ALA A 98 -11.90 -2.14 1.73
CA ALA A 98 -11.77 -0.88 0.98
C ALA A 98 -12.27 0.34 1.79
N ASN A 99 -13.20 0.10 2.71
CA ASN A 99 -13.80 1.17 3.51
C ASN A 99 -12.85 1.72 4.59
N ASP A 100 -12.13 0.85 5.30
CA ASP A 100 -11.27 1.31 6.40
C ASP A 100 -10.11 2.18 5.90
N LEU A 101 -9.56 1.83 4.74
CA LEU A 101 -8.49 2.63 4.12
C LEU A 101 -9.06 3.94 3.53
N TYR A 102 -10.10 3.84 2.72
CA TYR A 102 -10.68 5.01 2.05
C TYR A 102 -11.23 6.03 3.07
N GLN A 103 -11.80 5.56 4.17
CA GLN A 103 -12.34 6.45 5.20
C GLN A 103 -11.30 6.81 6.27
N GLY A 104 -10.16 6.12 6.24
CA GLY A 104 -9.09 6.38 7.21
C GLY A 104 -9.41 5.87 8.62
N GLN A 105 -10.11 4.74 8.70
CA GLN A 105 -10.50 4.16 9.99
C GLN A 105 -9.39 3.25 10.56
N ASN A 106 -9.25 2.06 9.98
CA ASN A 106 -8.28 1.07 10.46
C ASN A 106 -7.12 0.88 9.47
N PHE A 107 -6.16 1.79 9.50
CA PHE A 107 -5.00 1.72 8.61
C PHE A 107 -4.04 0.61 9.05
N ASN A 108 -4.12 0.20 10.32
CA ASN A 108 -3.28 -0.87 10.87
C ASN A 108 -3.33 -2.15 10.01
N LYS A 109 -4.52 -2.56 9.60
CA LYS A 109 -4.69 -3.72 8.72
C LYS A 109 -4.02 -3.47 7.35
N VAL A 110 -4.27 -2.28 6.79
CA VAL A 110 -3.70 -1.89 5.51
C VAL A 110 -2.16 -1.97 5.52
N LEU A 111 -1.56 -1.30 6.51
CA LEU A 111 -0.10 -1.26 6.64
C LEU A 111 0.47 -2.68 6.79
N SER A 112 -0.17 -3.50 7.62
CA SER A 112 0.23 -4.91 7.80
C SER A 112 0.17 -5.68 6.47
N SER A 113 -0.93 -5.50 5.74
CA SER A 113 -1.10 -6.14 4.43
C SER A 113 -0.04 -5.67 3.43
N LEU A 114 0.32 -4.38 3.50
CA LEU A 114 1.39 -3.82 2.66
C LEU A 114 2.74 -4.47 2.98
N VAL A 115 3.03 -4.65 4.26
CA VAL A 115 4.24 -5.34 4.70
C VAL A 115 4.28 -6.78 4.16
N THR A 116 3.13 -7.47 4.26
CA THR A 116 2.99 -8.82 3.68
C THR A 116 3.20 -8.79 2.16
N LEU A 117 2.62 -7.78 1.51
CA LEU A 117 2.73 -7.61 0.06
C LEU A 117 4.21 -7.63 -0.39
N ASN A 118 5.07 -7.02 0.43
CA ASN A 118 6.52 -7.06 0.18
C ASN A 118 7.11 -8.44 0.51
N LYS A 119 6.66 -9.06 1.61
CA LYS A 119 7.14 -10.38 2.04
C LYS A 119 6.87 -11.47 0.97
N VAL A 120 5.62 -11.57 0.54
CA VAL A 120 5.19 -12.59 -0.42
C VAL A 120 5.91 -12.47 -1.77
N THR A 121 6.29 -11.26 -2.15
CA THR A 121 7.01 -11.03 -3.40
C THR A 121 8.53 -11.13 -3.21
N ALA A 122 9.02 -10.74 -2.03
CA ALA A 122 10.44 -10.89 -1.69
C ALA A 122 10.87 -12.37 -1.74
N ASP A 123 9.90 -13.26 -1.51
CA ASP A 123 10.12 -14.71 -1.64
C ASP A 123 10.62 -15.08 -3.04
N ILE A 124 10.10 -14.38 -4.05
CA ILE A 124 10.49 -14.62 -5.46
C ILE A 124 11.92 -14.15 -5.74
N GLY A 125 12.35 -13.11 -5.02
CA GLY A 125 13.70 -12.57 -5.21
C GLY A 125 13.72 -11.24 -5.97
N LEU A 126 13.36 -10.16 -5.29
CA LEU A 126 13.36 -8.82 -5.91
C LEU A 126 14.59 -7.99 -5.47
N MET A 1 1.70 15.00 22.40
CA MET A 1 2.39 13.68 22.30
C MET A 1 3.54 13.55 23.31
N GLY A 2 3.74 14.57 24.15
CA GLY A 2 4.79 14.52 25.17
C GLY A 2 5.77 15.69 25.07
N HIS A 3 5.89 16.45 26.16
CA HIS A 3 6.79 17.62 26.19
C HIS A 3 8.27 17.18 26.12
N HIS A 4 8.59 16.10 26.81
CA HIS A 4 9.92 15.46 26.71
C HIS A 4 9.81 13.98 26.32
N HIS A 5 8.67 13.36 26.64
CA HIS A 5 8.45 11.93 26.36
C HIS A 5 8.46 11.65 24.85
N HIS A 6 9.57 11.09 24.36
CA HIS A 6 9.77 10.85 22.92
C HIS A 6 9.08 9.56 22.45
N HIS A 7 8.33 9.66 21.36
CA HIS A 7 7.63 8.50 20.79
C HIS A 7 8.12 8.18 19.36
N HIS A 8 8.79 7.04 19.21
CA HIS A 8 9.20 6.55 17.88
C HIS A 8 9.62 5.07 17.95
N SER A 9 8.98 4.23 17.14
CA SER A 9 9.28 2.80 17.11
C SER A 9 10.72 2.53 16.61
N HIS A 10 11.27 1.38 16.99
CA HIS A 10 12.61 0.99 16.54
C HIS A 10 12.65 0.87 15.01
N MET A 11 11.71 0.12 14.45
CA MET A 11 11.57 -0.03 13.00
C MET A 11 10.09 0.10 12.60
N ASN A 12 9.71 1.28 12.12
CA ASN A 12 8.32 1.60 11.81
C ASN A 12 7.86 0.88 10.53
N SER A 13 6.88 -0.02 10.67
CA SER A 13 6.32 -0.76 9.52
C SER A 13 5.72 0.18 8.47
N ALA A 14 5.27 1.35 8.90
CA ALA A 14 4.73 2.37 7.97
C ALA A 14 5.85 3.08 7.20
N GLU A 15 6.88 3.52 7.90
CA GLU A 15 8.00 4.25 7.29
C GLU A 15 8.69 3.42 6.19
N GLN A 16 8.95 2.14 6.47
CA GLN A 16 9.56 1.24 5.48
C GLN A 16 8.66 1.12 4.23
N THR A 17 7.34 1.15 4.44
CA THR A 17 6.37 1.06 3.34
C THR A 17 6.39 2.34 2.48
N VAL A 18 6.58 3.49 3.12
CA VAL A 18 6.71 4.77 2.41
C VAL A 18 7.80 4.69 1.34
N THR A 19 9.03 4.41 1.78
CA THR A 19 10.18 4.27 0.87
C THR A 19 9.96 3.12 -0.14
N TRP A 20 9.26 2.07 0.29
CA TRP A 20 8.95 0.94 -0.59
C TRP A 20 8.08 1.37 -1.78
N LEU A 21 7.08 2.21 -1.54
CA LEU A 21 6.23 2.75 -2.60
C LEU A 21 7.02 3.70 -3.53
N ILE A 22 7.90 4.50 -2.93
CA ILE A 22 8.75 5.44 -3.68
C ILE A 22 9.74 4.70 -4.59
N THR A 23 10.44 3.70 -4.03
CA THR A 23 11.46 2.94 -4.77
C THR A 23 10.84 2.15 -5.93
N LEU A 24 9.54 1.88 -5.86
CA LEU A 24 8.82 1.19 -6.94
C LEU A 24 8.25 2.19 -7.97
N GLY A 25 8.43 3.48 -7.71
CA GLY A 25 7.97 4.51 -8.64
C GLY A 25 6.45 4.62 -8.73
N VAL A 26 5.73 4.00 -7.78
CA VAL A 26 4.26 4.07 -7.76
C VAL A 26 3.78 5.33 -7.02
N LEU A 27 4.59 5.78 -6.07
CA LEU A 27 4.28 6.98 -5.28
C LEU A 27 5.47 7.95 -5.33
N GLU A 28 5.17 9.24 -5.48
CA GLU A 28 6.22 10.27 -5.60
C GLU A 28 6.95 10.51 -4.27
N SER A 29 8.16 11.07 -4.36
CA SER A 29 8.97 11.40 -3.17
C SER A 29 8.26 12.47 -2.31
N PRO A 30 8.43 12.42 -0.97
CA PRO A 30 7.81 13.39 -0.06
C PRO A 30 8.06 14.84 -0.45
N LYS A 31 7.02 15.66 -0.42
CA LYS A 31 7.12 17.07 -0.79
C LYS A 31 7.93 17.86 0.25
N LYS A 32 7.90 17.37 1.49
CA LYS A 32 8.67 17.96 2.59
C LYS A 32 8.97 16.88 3.65
N THR A 33 9.68 17.26 4.72
CA THR A 33 9.98 16.34 5.82
C THR A 33 8.71 15.66 6.35
N ILE A 34 8.65 14.33 6.24
CA ILE A 34 7.44 13.58 6.62
C ILE A 34 7.19 13.62 8.15
N SER A 35 6.17 14.39 8.55
CA SER A 35 5.76 14.44 9.95
C SER A 35 4.90 13.23 10.34
N ASP A 36 4.01 12.84 9.43
CA ASP A 36 3.10 11.71 9.65
C ASP A 36 3.30 10.60 8.59
N PRO A 37 4.04 9.53 8.93
CA PRO A 37 4.31 8.42 7.99
C PRO A 37 3.05 7.62 7.64
N GLU A 38 2.24 7.28 8.65
CA GLU A 38 1.00 6.53 8.44
C GLU A 38 -0.05 7.39 7.72
N GLY A 39 -0.17 8.65 8.15
CA GLY A 39 -1.07 9.59 7.49
C GLY A 39 -0.70 9.84 6.04
N PHE A 40 0.60 9.95 5.76
CA PHE A 40 1.09 10.12 4.39
C PHE A 40 0.64 8.96 3.48
N LEU A 41 0.79 7.73 3.98
CA LEU A 41 0.36 6.54 3.24
C LEU A 41 -1.16 6.54 2.99
N GLN A 42 -1.95 6.68 4.06
CA GLN A 42 -3.41 6.65 3.96
C GLN A 42 -3.93 7.65 2.91
N ALA A 43 -3.52 8.90 3.03
CA ALA A 43 -3.97 9.96 2.10
C ALA A 43 -3.55 9.66 0.65
N SER A 44 -2.33 9.14 0.47
CA SER A 44 -1.79 8.87 -0.87
C SER A 44 -2.36 7.58 -1.49
N LEU A 45 -2.76 6.62 -0.65
CA LEU A 45 -3.32 5.35 -1.13
C LEU A 45 -4.85 5.39 -1.21
N LYS A 46 -5.45 6.44 -0.66
CA LYS A 46 -6.91 6.60 -0.60
C LYS A 46 -7.57 6.39 -1.98
N ASP A 47 -6.97 6.97 -3.03
CA ASP A 47 -7.53 6.91 -4.39
C ASP A 47 -7.47 5.49 -5.00
N GLY A 48 -6.65 4.62 -4.42
CA GLY A 48 -6.55 3.25 -4.91
C GLY A 48 -5.66 3.08 -6.14
N VAL A 49 -5.55 4.14 -6.95
CA VAL A 49 -4.75 4.09 -8.19
C VAL A 49 -3.29 3.73 -7.89
N VAL A 50 -2.73 4.32 -6.83
CA VAL A 50 -1.36 3.99 -6.40
C VAL A 50 -1.22 2.50 -6.04
N LEU A 51 -2.28 1.93 -5.46
CA LEU A 51 -2.31 0.50 -5.13
C LEU A 51 -2.27 -0.36 -6.41
N CYS A 52 -3.08 0.03 -7.40
CA CYS A 52 -3.10 -0.66 -8.69
C CYS A 52 -1.72 -0.64 -9.36
N ARG A 53 -1.06 0.52 -9.30
CA ARG A 53 0.33 0.64 -9.77
C ARG A 53 1.24 -0.34 -9.02
N LEU A 54 1.11 -0.34 -7.70
CA LEU A 54 1.89 -1.21 -6.82
C LEU A 54 1.76 -2.69 -7.22
N LEU A 55 0.53 -3.16 -7.36
CA LEU A 55 0.28 -4.56 -7.72
C LEU A 55 0.81 -4.90 -9.12
N GLU A 56 0.79 -3.93 -10.04
CA GLU A 56 1.33 -4.13 -11.38
C GLU A 56 2.87 -4.22 -11.38
N ARG A 57 3.53 -3.45 -10.51
CA ARG A 57 4.99 -3.48 -10.38
C ARG A 57 5.47 -4.87 -9.90
N LEU A 58 4.64 -5.53 -9.10
CA LEU A 58 4.98 -6.83 -8.52
C LEU A 58 4.43 -7.99 -9.36
N LEU A 59 3.13 -7.92 -9.65
CA LEU A 59 2.45 -8.92 -10.49
C LEU A 59 1.89 -8.27 -11.77
N PRO A 60 2.71 -8.16 -12.83
CA PRO A 60 2.32 -7.48 -14.09
C PRO A 60 1.11 -8.15 -14.80
N GLY A 61 0.05 -7.37 -15.05
CA GLY A 61 -1.10 -7.88 -15.77
C GLY A 61 -2.21 -8.41 -14.87
N THR A 62 -2.23 -7.97 -13.62
CA THR A 62 -3.27 -8.39 -12.66
C THR A 62 -4.44 -7.40 -12.64
N ILE A 63 -4.13 -6.10 -12.60
CA ILE A 63 -5.16 -5.05 -12.60
C ILE A 63 -5.82 -4.96 -13.98
N GLU A 64 -7.07 -5.40 -14.08
CA GLU A 64 -7.76 -5.47 -15.38
C GLU A 64 -8.50 -4.15 -15.70
N LYS A 65 -9.10 -3.52 -14.70
CA LYS A 65 -9.82 -2.25 -14.91
C LYS A 65 -9.68 -1.34 -13.68
N VAL A 66 -8.88 -0.29 -13.80
CA VAL A 66 -8.71 0.71 -12.74
C VAL A 66 -9.21 2.08 -13.20
N TYR A 67 -9.74 2.87 -12.27
CA TYR A 67 -10.19 4.22 -12.56
C TYR A 67 -9.10 5.25 -12.21
N PRO A 68 -8.32 5.71 -13.21
CA PRO A 68 -7.18 6.62 -12.98
C PRO A 68 -7.62 8.00 -12.42
N GLU A 69 -8.90 8.31 -12.58
CA GLU A 69 -9.48 9.53 -12.01
C GLU A 69 -10.78 9.20 -11.27
N PRO A 70 -10.68 8.63 -10.05
CA PRO A 70 -11.85 8.20 -9.27
C PRO A 70 -12.56 9.38 -8.58
N ARG A 71 -13.65 9.84 -9.18
CA ARG A 71 -14.41 10.97 -8.67
C ARG A 71 -15.33 10.55 -7.50
N SER A 72 -16.04 9.45 -7.69
CA SER A 72 -17.01 8.95 -6.70
C SER A 72 -16.42 7.83 -5.84
N GLU A 73 -17.02 7.59 -4.67
CA GLU A 73 -16.59 6.50 -3.79
C GLU A 73 -16.66 5.14 -4.50
N SER A 74 -17.78 4.89 -5.20
CA SER A 74 -17.95 3.64 -5.95
C SER A 74 -16.83 3.40 -6.96
N GLU A 75 -16.14 4.48 -7.34
CA GLU A 75 -14.96 4.38 -8.20
C GLU A 75 -13.69 4.10 -7.38
N CYS A 76 -13.41 5.00 -6.45
CA CYS A 76 -12.19 4.93 -5.63
C CYS A 76 -12.08 3.61 -4.86
N LEU A 77 -13.18 3.20 -4.24
CA LEU A 77 -13.23 1.94 -3.50
C LEU A 77 -12.99 0.73 -4.42
N SER A 78 -13.50 0.80 -5.65
CA SER A 78 -13.33 -0.28 -6.62
C SER A 78 -11.85 -0.45 -7.02
N ASN A 79 -11.12 0.66 -7.13
CA ASN A 79 -9.67 0.59 -7.39
C ASN A 79 -8.96 -0.21 -6.28
N ILE A 80 -9.30 0.09 -5.04
CA ILE A 80 -8.75 -0.62 -3.89
C ILE A 80 -9.19 -2.10 -3.90
N ARG A 81 -10.46 -2.34 -4.19
CA ARG A 81 -11.01 -3.71 -4.23
C ARG A 81 -10.40 -4.54 -5.38
N GLU A 82 -10.01 -3.89 -6.47
CA GLU A 82 -9.26 -4.54 -7.54
C GLU A 82 -7.89 -5.02 -7.02
N PHE A 83 -7.19 -4.13 -6.33
CA PHE A 83 -5.92 -4.46 -5.65
C PHE A 83 -6.12 -5.64 -4.67
N LEU A 84 -7.16 -5.55 -3.86
CA LEU A 84 -7.51 -6.61 -2.90
C LEU A 84 -7.82 -7.94 -3.62
N ARG A 85 -8.54 -7.84 -4.74
CA ARG A 85 -8.90 -9.01 -5.55
C ARG A 85 -7.63 -9.72 -6.06
N GLY A 86 -6.71 -8.94 -6.62
CA GLY A 86 -5.45 -9.50 -7.12
C GLY A 86 -4.62 -10.18 -6.04
N CYS A 87 -4.31 -9.44 -4.97
CA CYS A 87 -3.52 -9.98 -3.85
C CYS A 87 -4.23 -11.17 -3.18
N GLY A 88 -5.55 -11.11 -3.09
CA GLY A 88 -6.33 -12.18 -2.49
C GLY A 88 -6.44 -13.42 -3.38
N ALA A 89 -6.31 -13.24 -4.69
CA ALA A 89 -6.39 -14.36 -5.64
C ALA A 89 -4.99 -14.94 -5.96
N SER A 90 -4.11 -14.11 -6.49
CA SER A 90 -2.78 -14.53 -6.92
C SER A 90 -1.90 -14.96 -5.73
N LEU A 91 -1.91 -14.16 -4.66
CA LEU A 91 -1.09 -14.44 -3.47
C LEU A 91 -1.89 -15.13 -2.35
N ARG A 92 -3.16 -14.74 -2.18
CA ARG A 92 -4.05 -15.31 -1.16
C ARG A 92 -3.59 -14.95 0.27
N LEU A 93 -2.93 -13.80 0.42
CA LEU A 93 -2.49 -13.32 1.74
C LEU A 93 -3.63 -12.61 2.50
N GLU A 94 -3.35 -12.15 3.72
CA GLU A 94 -4.37 -11.49 4.55
C GLU A 94 -4.54 -10.00 4.17
N THR A 95 -5.43 -9.74 3.23
CA THR A 95 -5.67 -8.37 2.73
C THR A 95 -6.52 -7.54 3.70
N PHE A 96 -6.79 -6.28 3.32
CA PHE A 96 -7.55 -5.36 4.17
C PHE A 96 -8.89 -4.97 3.52
N ASP A 97 -9.67 -4.14 4.21
CA ASP A 97 -10.93 -3.63 3.67
C ASP A 97 -10.72 -2.25 3.02
N ALA A 98 -11.34 -2.05 1.86
CA ALA A 98 -11.21 -0.79 1.11
C ALA A 98 -11.65 0.42 1.94
N ASN A 99 -12.77 0.28 2.65
CA ASN A 99 -13.34 1.39 3.43
C ASN A 99 -12.38 1.87 4.54
N ASP A 100 -11.68 0.93 5.19
CA ASP A 100 -10.71 1.28 6.24
C ASP A 100 -9.62 2.24 5.72
N LEU A 101 -9.05 1.91 4.57
CA LEU A 101 -8.02 2.75 3.96
C LEU A 101 -8.61 4.09 3.46
N TYR A 102 -9.73 4.00 2.77
CA TYR A 102 -10.39 5.19 2.19
C TYR A 102 -10.78 6.22 3.27
N GLN A 103 -11.45 5.75 4.32
CA GLN A 103 -11.91 6.63 5.40
C GLN A 103 -10.84 6.84 6.49
N GLY A 104 -9.84 5.96 6.53
CA GLY A 104 -8.80 6.06 7.55
C GLY A 104 -9.23 5.48 8.90
N GLN A 105 -9.97 4.38 8.87
CA GLN A 105 -10.50 3.74 10.09
C GLN A 105 -9.43 2.84 10.75
N ASN A 106 -9.29 1.60 10.26
CA ASN A 106 -8.26 0.69 10.74
C ASN A 106 -7.10 0.59 9.74
N PHE A 107 -6.07 1.43 9.91
CA PHE A 107 -4.93 1.44 9.01
C PHE A 107 -3.99 0.24 9.29
N ASN A 108 -4.03 -0.27 10.51
CA ASN A 108 -3.21 -1.43 10.91
C ASN A 108 -3.41 -2.63 9.96
N LYS A 109 -4.68 -2.91 9.60
CA LYS A 109 -4.98 -3.99 8.65
C LYS A 109 -4.36 -3.71 7.27
N VAL A 110 -4.50 -2.46 6.82
CA VAL A 110 -3.94 -2.03 5.53
C VAL A 110 -2.42 -2.22 5.51
N LEU A 111 -1.76 -1.66 6.52
CA LEU A 111 -0.30 -1.72 6.63
C LEU A 111 0.21 -3.18 6.68
N SER A 112 -0.46 -4.03 7.45
CA SER A 112 -0.09 -5.46 7.56
C SER A 112 -0.09 -6.13 6.18
N SER A 113 -1.17 -5.90 5.41
CA SER A 113 -1.28 -6.45 4.06
C SER A 113 -0.16 -5.95 3.15
N LEU A 114 0.19 -4.66 3.29
CA LEU A 114 1.28 -4.07 2.51
C LEU A 114 2.63 -4.70 2.87
N VAL A 115 2.88 -4.87 4.17
CA VAL A 115 4.12 -5.51 4.65
C VAL A 115 4.23 -6.95 4.10
N THR A 116 3.16 -7.73 4.24
CA THR A 116 3.14 -9.09 3.69
C THR A 116 3.34 -9.08 2.18
N LEU A 117 2.69 -8.14 1.49
CA LEU A 117 2.84 -7.98 0.04
C LEU A 117 4.32 -7.82 -0.34
N ASN A 118 5.04 -7.02 0.45
CA ASN A 118 6.49 -6.84 0.28
C ASN A 118 7.23 -8.17 0.54
N LYS A 119 6.88 -8.85 1.62
CA LYS A 119 7.53 -10.11 2.02
C LYS A 119 7.38 -11.20 0.94
N VAL A 120 6.14 -11.50 0.56
CA VAL A 120 5.87 -12.56 -0.42
C VAL A 120 6.55 -12.29 -1.78
N THR A 121 6.52 -11.04 -2.23
CA THR A 121 7.17 -10.67 -3.49
C THR A 121 8.70 -10.62 -3.35
N ALA A 122 9.17 -10.26 -2.15
CA ALA A 122 10.60 -10.33 -1.84
C ALA A 122 11.11 -11.76 -1.98
N ASP A 123 10.28 -12.71 -1.55
CA ASP A 123 10.54 -14.14 -1.74
C ASP A 123 10.56 -14.49 -3.24
N ILE A 124 9.58 -13.97 -3.99
CA ILE A 124 9.51 -14.18 -5.45
C ILE A 124 10.75 -13.65 -6.17
N GLY A 125 11.27 -12.51 -5.72
CA GLY A 125 12.49 -11.96 -6.30
C GLY A 125 12.63 -10.44 -6.17
N LEU A 126 12.65 -9.93 -4.94
CA LEU A 126 12.93 -8.49 -4.69
C LEU A 126 14.17 -8.32 -3.80
N MET A 1 23.25 8.31 11.71
CA MET A 1 22.03 7.65 12.26
C MET A 1 21.57 6.51 11.33
N GLY A 2 20.40 5.94 11.62
CA GLY A 2 19.84 4.88 10.77
C GLY A 2 20.20 3.47 11.25
N HIS A 3 19.93 3.19 12.52
CA HIS A 3 20.20 1.87 13.10
C HIS A 3 19.11 0.86 12.71
N HIS A 4 19.44 -0.05 11.80
CA HIS A 4 18.51 -1.09 11.37
C HIS A 4 18.38 -2.17 12.45
N HIS A 5 17.60 -1.89 13.48
CA HIS A 5 17.42 -2.81 14.60
C HIS A 5 16.47 -3.98 14.22
N HIS A 6 17.07 -5.11 13.84
CA HIS A 6 16.28 -6.30 13.44
C HIS A 6 15.45 -6.84 14.61
N HIS A 7 14.19 -6.45 14.67
CA HIS A 7 13.28 -6.87 15.75
C HIS A 7 11.82 -6.59 15.39
N HIS A 8 10.91 -7.45 15.84
CA HIS A 8 9.48 -7.27 15.59
C HIS A 8 8.88 -6.19 16.49
N SER A 9 7.92 -5.43 15.99
CA SER A 9 7.34 -4.30 16.73
C SER A 9 6.17 -3.63 15.98
N HIS A 10 6.16 -3.77 14.65
CA HIS A 10 5.18 -3.07 13.80
C HIS A 10 5.38 -1.53 13.80
N MET A 11 6.38 -1.06 14.54
CA MET A 11 6.79 0.34 14.48
C MET A 11 7.80 0.53 13.34
N ASN A 12 7.81 1.72 12.73
CA ASN A 12 8.69 2.01 11.58
C ASN A 12 8.29 1.20 10.33
N SER A 13 7.23 0.39 10.46
CA SER A 13 6.77 -0.47 9.36
C SER A 13 6.11 0.35 8.25
N ALA A 14 5.62 1.53 8.61
CA ALA A 14 5.06 2.45 7.62
C ALA A 14 6.18 3.15 6.82
N GLU A 15 7.28 3.46 7.51
CA GLU A 15 8.44 4.12 6.87
C GLU A 15 9.02 3.27 5.73
N GLN A 16 9.23 1.98 5.98
CA GLN A 16 9.71 1.07 4.93
C GLN A 16 8.72 0.98 3.77
N THR A 17 7.42 1.01 4.09
CA THR A 17 6.37 0.97 3.08
C THR A 17 6.40 2.22 2.18
N VAL A 18 6.51 3.40 2.80
CA VAL A 18 6.65 4.65 2.04
C VAL A 18 7.83 4.57 1.08
N THR A 19 9.00 4.22 1.63
CA THR A 19 10.22 4.03 0.83
C THR A 19 9.99 3.04 -0.32
N TRP A 20 9.25 1.98 -0.04
CA TRP A 20 8.94 0.93 -1.01
C TRP A 20 8.09 1.48 -2.18
N LEU A 21 7.06 2.26 -1.85
CA LEU A 21 6.22 2.90 -2.87
C LEU A 21 7.03 3.87 -3.75
N ILE A 22 7.97 4.58 -3.13
CA ILE A 22 8.85 5.51 -3.84
C ILE A 22 9.80 4.78 -4.81
N THR A 23 10.54 3.79 -4.29
CA THR A 23 11.56 3.06 -5.07
C THR A 23 10.95 2.32 -6.28
N LEU A 24 9.71 1.86 -6.14
CA LEU A 24 8.99 1.21 -7.25
C LEU A 24 8.51 2.24 -8.29
N GLY A 25 8.41 3.50 -7.88
CA GLY A 25 7.97 4.56 -8.78
C GLY A 25 6.44 4.65 -8.90
N VAL A 26 5.72 4.17 -7.89
CA VAL A 26 4.25 4.26 -7.87
C VAL A 26 3.78 5.46 -7.04
N LEU A 27 4.71 6.05 -6.29
CA LEU A 27 4.45 7.24 -5.48
C LEU A 27 5.62 8.23 -5.58
N GLU A 28 5.32 9.52 -5.70
CA GLU A 28 6.36 10.54 -5.86
C GLU A 28 7.06 10.86 -4.53
N SER A 29 8.33 11.28 -4.62
CA SER A 29 9.15 11.58 -3.44
C SER A 29 8.55 12.73 -2.59
N PRO A 30 8.53 12.56 -1.25
CA PRO A 30 7.98 13.57 -0.33
C PRO A 30 8.70 14.92 -0.39
N LYS A 31 7.94 16.01 -0.26
CA LYS A 31 8.48 17.36 -0.36
C LYS A 31 8.90 17.90 1.02
N LYS A 32 8.34 17.30 2.07
CA LYS A 32 8.68 17.64 3.46
C LYS A 32 9.09 16.38 4.24
N THR A 33 9.78 16.57 5.36
CA THR A 33 10.18 15.45 6.22
C THR A 33 8.95 14.77 6.83
N ILE A 34 8.58 13.60 6.31
CA ILE A 34 7.37 12.90 6.74
C ILE A 34 7.44 12.50 8.23
N SER A 35 6.74 13.25 9.08
CA SER A 35 6.65 12.92 10.50
C SER A 35 5.69 11.76 10.73
N ASP A 36 4.58 11.77 10.01
CA ASP A 36 3.54 10.75 10.12
C ASP A 36 3.44 9.90 8.83
N PRO A 37 4.17 8.77 8.75
CA PRO A 37 4.14 7.89 7.58
C PRO A 37 2.78 7.19 7.41
N GLU A 38 2.15 6.85 8.53
CA GLU A 38 0.84 6.19 8.53
C GLU A 38 -0.25 7.11 7.95
N GLY A 39 -0.31 8.34 8.43
CA GLY A 39 -1.27 9.32 7.91
C GLY A 39 -1.02 9.63 6.43
N PHE A 40 0.25 9.82 6.08
CA PHE A 40 0.66 10.06 4.69
C PHE A 40 0.18 8.94 3.75
N LEU A 41 0.44 7.68 4.13
CA LEU A 41 0.01 6.53 3.33
C LEU A 41 -1.51 6.50 3.14
N GLN A 42 -2.27 6.73 4.20
CA GLN A 42 -3.74 6.72 4.14
C GLN A 42 -4.24 7.72 3.07
N ALA A 43 -3.69 8.93 3.09
CA ALA A 43 -4.08 9.98 2.14
C ALA A 43 -3.70 9.61 0.69
N SER A 44 -2.50 9.05 0.52
CA SER A 44 -1.99 8.68 -0.82
C SER A 44 -2.72 7.47 -1.42
N LEU A 45 -2.97 6.47 -0.59
CA LEU A 45 -3.57 5.20 -1.05
C LEU A 45 -5.11 5.26 -1.04
N LYS A 46 -5.66 6.39 -0.59
CA LYS A 46 -7.11 6.58 -0.46
C LYS A 46 -7.88 6.18 -1.73
N ASP A 47 -7.38 6.63 -2.88
CA ASP A 47 -8.08 6.43 -4.17
C ASP A 47 -7.77 5.05 -4.78
N GLY A 48 -6.85 4.31 -4.16
CA GLY A 48 -6.51 2.96 -4.63
C GLY A 48 -5.60 2.94 -5.85
N VAL A 49 -5.59 4.02 -6.64
CA VAL A 49 -4.83 4.07 -7.89
C VAL A 49 -3.33 3.78 -7.67
N VAL A 50 -2.75 4.34 -6.61
CA VAL A 50 -1.35 4.06 -6.26
C VAL A 50 -1.16 2.57 -5.92
N LEU A 51 -2.17 1.98 -5.26
CA LEU A 51 -2.15 0.54 -4.94
C LEU A 51 -2.23 -0.31 -6.21
N CYS A 52 -3.07 0.11 -7.16
CA CYS A 52 -3.19 -0.58 -8.44
C CYS A 52 -1.85 -0.62 -9.17
N ARG A 53 -1.21 0.55 -9.31
CA ARG A 53 0.15 0.63 -9.87
C ARG A 53 1.12 -0.29 -9.10
N LEU A 54 1.08 -0.20 -7.77
CA LEU A 54 1.90 -1.03 -6.89
C LEU A 54 1.80 -2.53 -7.24
N LEU A 55 0.57 -3.03 -7.31
CA LEU A 55 0.33 -4.44 -7.62
C LEU A 55 0.77 -4.80 -9.05
N GLU A 56 0.50 -3.91 -10.00
CA GLU A 56 0.87 -4.14 -11.41
C GLU A 56 2.40 -4.18 -11.60
N ARG A 57 3.15 -3.58 -10.66
CA ARG A 57 4.62 -3.65 -10.69
C ARG A 57 5.11 -5.03 -10.24
N LEU A 58 4.50 -5.55 -9.17
CA LEU A 58 4.87 -6.86 -8.62
C LEU A 58 4.29 -7.99 -9.48
N LEU A 59 2.97 -7.96 -9.66
CA LEU A 59 2.27 -8.93 -10.51
C LEU A 59 1.67 -8.22 -11.74
N PRO A 60 2.43 -8.11 -12.85
CA PRO A 60 2.00 -7.36 -14.04
C PRO A 60 0.76 -7.97 -14.73
N GLY A 61 -0.31 -7.19 -14.83
CA GLY A 61 -1.52 -7.64 -15.52
C GLY A 61 -2.46 -8.43 -14.62
N THR A 62 -2.64 -7.95 -13.39
CA THR A 62 -3.53 -8.59 -12.42
C THR A 62 -4.80 -7.77 -12.17
N ILE A 63 -4.66 -6.44 -12.12
CA ILE A 63 -5.81 -5.54 -11.99
C ILE A 63 -6.73 -5.65 -13.24
N GLU A 64 -7.96 -6.09 -13.03
CA GLU A 64 -8.88 -6.33 -14.15
C GLU A 64 -9.43 -5.01 -14.73
N LYS A 65 -9.77 -4.07 -13.84
CA LYS A 65 -10.20 -2.73 -14.28
C LYS A 65 -9.96 -1.67 -13.19
N VAL A 66 -9.30 -0.58 -13.56
CA VAL A 66 -8.99 0.51 -12.63
C VAL A 66 -9.41 1.88 -13.19
N TYR A 67 -9.80 2.77 -12.30
CA TYR A 67 -10.14 4.15 -12.67
C TYR A 67 -9.01 5.11 -12.28
N PRO A 68 -8.15 5.49 -13.26
CA PRO A 68 -6.98 6.37 -12.99
C PRO A 68 -7.39 7.75 -12.44
N GLU A 69 -8.57 8.22 -12.83
CA GLU A 69 -9.13 9.47 -12.33
C GLU A 69 -10.57 9.27 -11.83
N PRO A 70 -10.71 8.88 -10.54
CA PRO A 70 -12.03 8.62 -9.93
C PRO A 70 -12.80 9.91 -9.62
N ARG A 71 -14.00 10.02 -10.19
CA ARG A 71 -14.87 11.19 -9.95
C ARG A 71 -15.71 10.99 -8.68
N SER A 72 -16.29 9.81 -8.53
CA SER A 72 -17.16 9.50 -7.39
C SER A 72 -16.49 8.50 -6.44
N GLU A 73 -17.10 8.34 -5.25
CA GLU A 73 -16.55 7.49 -4.19
C GLU A 73 -16.36 6.02 -4.64
N SER A 74 -17.42 5.44 -5.21
CA SER A 74 -17.41 4.01 -5.59
C SER A 74 -16.24 3.67 -6.51
N GLU A 75 -15.85 4.60 -7.38
CA GLU A 75 -14.67 4.41 -8.24
C GLU A 75 -13.40 4.20 -7.41
N CYS A 76 -13.12 5.13 -6.49
CA CYS A 76 -11.96 5.02 -5.60
C CYS A 76 -11.96 3.67 -4.84
N LEU A 77 -13.12 3.32 -4.29
CA LEU A 77 -13.30 2.05 -3.57
C LEU A 77 -13.02 0.84 -4.47
N SER A 78 -13.47 0.92 -5.74
CA SER A 78 -13.25 -0.17 -6.71
C SER A 78 -11.76 -0.40 -6.95
N ASN A 79 -11.00 0.69 -7.15
CA ASN A 79 -9.55 0.60 -7.35
C ASN A 79 -8.88 -0.19 -6.21
N ILE A 80 -9.30 0.08 -4.98
CA ILE A 80 -8.79 -0.63 -3.81
C ILE A 80 -9.24 -2.12 -3.83
N ARG A 81 -10.52 -2.35 -4.13
CA ARG A 81 -11.06 -3.71 -4.19
C ARG A 81 -10.32 -4.57 -5.23
N GLU A 82 -9.91 -3.96 -6.34
CA GLU A 82 -9.10 -4.64 -7.36
C GLU A 82 -7.73 -5.05 -6.80
N PHE A 83 -7.09 -4.13 -6.09
CA PHE A 83 -5.83 -4.43 -5.39
C PHE A 83 -6.02 -5.64 -4.45
N LEU A 84 -7.14 -5.65 -3.74
CA LEU A 84 -7.49 -6.76 -2.85
C LEU A 84 -7.70 -8.07 -3.65
N ARG A 85 -8.38 -7.95 -4.79
CA ARG A 85 -8.61 -9.11 -5.67
C ARG A 85 -7.28 -9.80 -6.04
N GLY A 86 -6.35 -9.03 -6.58
CA GLY A 86 -5.07 -9.59 -7.02
C GLY A 86 -4.24 -10.18 -5.89
N CYS A 87 -3.99 -9.40 -4.84
CA CYS A 87 -3.19 -9.86 -3.70
C CYS A 87 -3.84 -11.08 -3.02
N GLY A 88 -5.16 -11.05 -2.87
CA GLY A 88 -5.87 -12.14 -2.20
C GLY A 88 -5.99 -13.42 -3.04
N ALA A 89 -6.09 -13.28 -4.36
CA ALA A 89 -6.26 -14.43 -5.26
C ALA A 89 -4.92 -14.99 -5.75
N SER A 90 -4.02 -14.11 -6.18
CA SER A 90 -2.71 -14.52 -6.73
C SER A 90 -1.69 -14.82 -5.63
N LEU A 91 -1.43 -13.84 -4.76
CA LEU A 91 -0.48 -14.01 -3.65
C LEU A 91 -1.14 -14.70 -2.44
N ARG A 92 -2.47 -14.72 -2.40
CA ARG A 92 -3.22 -15.45 -1.37
C ARG A 92 -2.89 -14.93 0.05
N LEU A 93 -2.50 -13.64 0.13
CA LEU A 93 -2.12 -13.04 1.42
C LEU A 93 -3.29 -12.32 2.10
N GLU A 94 -3.10 -11.95 3.38
CA GLU A 94 -4.13 -11.25 4.15
C GLU A 94 -4.44 -9.86 3.56
N THR A 95 -5.72 -9.57 3.37
CA THR A 95 -6.16 -8.30 2.75
C THR A 95 -6.93 -7.40 3.72
N PHE A 96 -7.47 -6.30 3.20
CA PHE A 96 -8.25 -5.32 3.98
C PHE A 96 -9.49 -4.88 3.19
N ASP A 97 -10.28 -3.96 3.73
CA ASP A 97 -11.47 -3.45 3.03
C ASP A 97 -11.26 -2.02 2.54
N ALA A 98 -11.72 -1.73 1.32
CA ALA A 98 -11.62 -0.39 0.75
C ALA A 98 -12.18 0.70 1.68
N ASN A 99 -13.15 0.31 2.51
CA ASN A 99 -13.81 1.25 3.41
C ASN A 99 -12.87 1.74 4.54
N ASP A 100 -12.15 0.82 5.18
CA ASP A 100 -11.27 1.20 6.30
C ASP A 100 -10.09 2.07 5.84
N LEU A 101 -9.59 1.82 4.62
CA LEU A 101 -8.54 2.67 4.04
C LEU A 101 -9.11 4.04 3.61
N TYR A 102 -10.18 4.03 2.83
CA TYR A 102 -10.78 5.25 2.27
C TYR A 102 -11.28 6.20 3.38
N GLN A 103 -11.71 5.63 4.50
CA GLN A 103 -12.23 6.43 5.63
C GLN A 103 -11.17 6.60 6.75
N GLY A 104 -9.98 6.04 6.55
CA GLY A 104 -8.91 6.16 7.54
C GLY A 104 -9.26 5.56 8.90
N GLN A 105 -9.85 4.38 8.88
CA GLN A 105 -10.24 3.67 10.11
C GLN A 105 -9.19 2.63 10.53
N ASN A 106 -9.29 1.43 9.98
CA ASN A 106 -8.38 0.33 10.32
C ASN A 106 -7.11 0.35 9.45
N PHE A 107 -6.28 1.38 9.63
CA PHE A 107 -5.04 1.48 8.85
C PHE A 107 -4.11 0.29 9.12
N ASN A 108 -4.22 -0.31 10.30
CA ASN A 108 -3.44 -1.51 10.64
C ASN A 108 -3.70 -2.66 9.66
N LYS A 109 -4.95 -2.83 9.23
CA LYS A 109 -5.29 -3.84 8.21
C LYS A 109 -4.54 -3.56 6.91
N VAL A 110 -4.61 -2.31 6.45
CA VAL A 110 -3.92 -1.88 5.23
C VAL A 110 -2.41 -2.10 5.33
N LEU A 111 -1.80 -1.53 6.38
CA LEU A 111 -0.35 -1.60 6.57
C LEU A 111 0.15 -3.05 6.65
N SER A 112 -0.54 -3.89 7.42
CA SER A 112 -0.15 -5.31 7.56
C SER A 112 -0.21 -6.04 6.20
N SER A 113 -1.23 -5.72 5.40
CA SER A 113 -1.35 -6.28 4.05
C SER A 113 -0.19 -5.82 3.16
N LEU A 114 0.15 -4.53 3.24
CA LEU A 114 1.25 -3.95 2.47
C LEU A 114 2.61 -4.57 2.87
N VAL A 115 2.86 -4.67 4.18
CA VAL A 115 4.09 -5.29 4.68
C VAL A 115 4.23 -6.74 4.19
N THR A 116 3.15 -7.51 4.31
CA THR A 116 3.12 -8.88 3.78
C THR A 116 3.37 -8.89 2.28
N LEU A 117 2.70 -7.98 1.56
CA LEU A 117 2.86 -7.82 0.11
C LEU A 117 4.34 -7.64 -0.27
N ASN A 118 5.04 -6.82 0.51
CA ASN A 118 6.48 -6.61 0.30
C ASN A 118 7.29 -7.87 0.63
N LYS A 119 7.03 -8.47 1.79
CA LYS A 119 7.78 -9.64 2.27
C LYS A 119 7.66 -10.85 1.31
N VAL A 120 6.45 -11.12 0.82
CA VAL A 120 6.22 -12.27 -0.07
C VAL A 120 6.88 -12.08 -1.45
N THR A 121 6.82 -10.86 -1.98
CA THR A 121 7.42 -10.55 -3.29
C THR A 121 8.95 -10.42 -3.19
N ALA A 122 9.42 -9.86 -2.08
CA ALA A 122 10.87 -9.79 -1.80
C ALA A 122 11.47 -11.20 -1.70
N ASP A 123 10.67 -12.15 -1.21
CA ASP A 123 11.07 -13.56 -1.15
C ASP A 123 11.21 -14.15 -2.57
N ILE A 124 10.43 -13.61 -3.51
CA ILE A 124 10.54 -13.99 -4.93
C ILE A 124 11.87 -13.51 -5.53
N GLY A 125 12.41 -12.41 -4.98
CA GLY A 125 13.68 -11.87 -5.45
C GLY A 125 13.61 -10.40 -5.82
N LEU A 126 12.93 -10.11 -6.93
CA LEU A 126 12.76 -8.74 -7.45
C LEU A 126 14.11 -7.96 -7.56
N MET A 1 0.38 -10.72 26.99
CA MET A 1 0.81 -10.16 25.67
C MET A 1 1.69 -8.91 25.87
N GLY A 2 2.69 -8.74 25.01
CA GLY A 2 3.60 -7.59 25.11
C GLY A 2 3.12 -6.36 24.34
N HIS A 3 4.05 -5.71 23.65
CA HIS A 3 3.76 -4.46 22.92
C HIS A 3 3.04 -4.69 21.57
N HIS A 4 2.06 -5.61 21.54
CA HIS A 4 1.27 -5.82 20.32
C HIS A 4 0.49 -4.55 19.95
N HIS A 5 -0.15 -3.94 20.95
CA HIS A 5 -0.79 -2.63 20.77
C HIS A 5 0.23 -1.58 20.32
N HIS A 6 -0.09 -0.86 19.23
CA HIS A 6 0.85 0.04 18.56
C HIS A 6 1.99 -0.76 17.89
N HIS A 7 2.93 -1.25 18.72
CA HIS A 7 4.06 -2.10 18.28
C HIS A 7 5.09 -1.34 17.43
N HIS A 8 4.63 -0.62 16.40
CA HIS A 8 5.52 0.11 15.50
C HIS A 8 6.13 1.37 16.17
N SER A 9 6.07 1.43 17.50
CA SER A 9 6.70 2.52 18.27
C SER A 9 8.22 2.39 18.23
N HIS A 10 8.71 1.17 18.39
CA HIS A 10 10.14 0.88 18.33
C HIS A 10 10.61 0.75 16.87
N MET A 11 9.84 0.04 16.07
CA MET A 11 10.14 -0.19 14.65
C MET A 11 9.01 0.35 13.75
N ASN A 12 9.20 1.54 13.19
CA ASN A 12 8.16 2.17 12.38
C ASN A 12 8.18 1.65 10.93
N SER A 13 7.48 0.54 10.71
CA SER A 13 7.37 -0.07 9.38
C SER A 13 6.67 0.86 8.37
N ALA A 14 5.86 1.79 8.87
CA ALA A 14 5.10 2.70 7.99
C ALA A 14 6.03 3.62 7.18
N GLU A 15 7.09 4.13 7.83
CA GLU A 15 8.05 5.02 7.15
C GLU A 15 8.72 4.31 5.95
N GLN A 16 9.30 3.14 6.19
CA GLN A 16 9.96 2.38 5.12
C GLN A 16 8.96 1.98 4.01
N THR A 17 7.70 1.74 4.40
CA THR A 17 6.64 1.43 3.42
C THR A 17 6.43 2.61 2.46
N VAL A 18 6.52 3.83 2.97
CA VAL A 18 6.47 5.04 2.12
C VAL A 18 7.59 4.99 1.05
N THR A 19 8.83 4.82 1.52
CA THR A 19 9.99 4.71 0.63
C THR A 19 9.82 3.55 -0.37
N TRP A 20 9.20 2.46 0.09
CA TRP A 20 8.93 1.29 -0.76
C TRP A 20 8.05 1.65 -1.96
N LEU A 21 6.95 2.35 -1.70
CA LEU A 21 6.05 2.81 -2.77
C LEU A 21 6.78 3.77 -3.74
N ILE A 22 7.67 4.59 -3.19
CA ILE A 22 8.45 5.53 -3.99
C ILE A 22 9.45 4.81 -4.91
N THR A 23 10.24 3.90 -4.35
CA THR A 23 11.28 3.19 -5.10
C THR A 23 10.71 2.29 -6.22
N LEU A 24 9.49 1.78 -6.01
CA LEU A 24 8.81 0.98 -7.04
C LEU A 24 8.32 1.86 -8.20
N GLY A 25 8.08 3.14 -7.92
CA GLY A 25 7.59 4.07 -8.94
C GLY A 25 6.07 4.15 -9.01
N VAL A 26 5.40 3.98 -7.88
CA VAL A 26 3.94 4.09 -7.81
C VAL A 26 3.49 5.31 -7.00
N LEU A 27 4.38 5.82 -6.16
CA LEU A 27 4.12 7.00 -5.35
C LEU A 27 5.28 8.01 -5.49
N GLU A 28 4.96 9.30 -5.47
CA GLU A 28 5.98 10.35 -5.61
C GLU A 28 6.77 10.56 -4.31
N SER A 29 7.96 11.15 -4.43
CA SER A 29 8.80 11.45 -3.26
C SER A 29 8.31 12.72 -2.54
N PRO A 30 8.35 12.74 -1.20
CA PRO A 30 7.91 13.91 -0.42
C PRO A 30 8.80 15.14 -0.61
N LYS A 31 8.24 16.32 -0.34
CA LYS A 31 8.98 17.58 -0.44
C LYS A 31 9.60 17.91 0.94
N LYS A 32 8.93 17.47 1.99
CA LYS A 32 9.46 17.52 3.36
C LYS A 32 9.77 16.11 3.86
N THR A 33 10.16 15.99 5.13
CA THR A 33 10.32 14.68 5.77
C THR A 33 8.95 14.16 6.23
N ILE A 34 8.71 12.86 6.05
CA ILE A 34 7.42 12.25 6.43
C ILE A 34 7.19 12.33 7.95
N SER A 35 6.41 13.33 8.38
CA SER A 35 6.12 13.52 9.80
C SER A 35 5.14 12.46 10.32
N ASP A 36 4.12 12.16 9.52
CA ASP A 36 3.13 11.15 9.86
C ASP A 36 3.00 10.11 8.72
N PRO A 37 3.76 8.99 8.82
CA PRO A 37 3.75 7.94 7.78
C PRO A 37 2.41 7.22 7.65
N GLU A 38 1.78 6.92 8.79
CA GLU A 38 0.50 6.22 8.80
C GLU A 38 -0.61 7.04 8.14
N GLY A 39 -0.67 8.33 8.48
CA GLY A 39 -1.64 9.22 7.86
C GLY A 39 -1.33 9.51 6.39
N PHE A 40 -0.04 9.67 6.07
CA PHE A 40 0.38 9.92 4.68
C PHE A 40 -0.01 8.76 3.76
N LEU A 41 0.27 7.52 4.18
CA LEU A 41 -0.09 6.33 3.41
C LEU A 41 -1.61 6.25 3.19
N GLN A 42 -2.38 6.38 4.27
CA GLN A 42 -3.85 6.32 4.20
C GLN A 42 -4.40 7.31 3.15
N ALA A 43 -3.96 8.56 3.22
CA ALA A 43 -4.40 9.59 2.29
C ALA A 43 -3.95 9.31 0.84
N SER A 44 -2.70 8.88 0.69
CA SER A 44 -2.14 8.60 -0.64
C SER A 44 -2.79 7.38 -1.32
N LEU A 45 -3.16 6.37 -0.51
CA LEU A 45 -3.75 5.14 -1.04
C LEU A 45 -5.29 5.23 -1.11
N LYS A 46 -5.85 6.34 -0.61
CA LYS A 46 -7.31 6.54 -0.53
C LYS A 46 -8.02 6.29 -1.88
N ASP A 47 -7.45 6.80 -2.97
CA ASP A 47 -8.07 6.70 -4.29
C ASP A 47 -7.83 5.34 -4.97
N GLY A 48 -7.02 4.48 -4.34
CA GLY A 48 -6.80 3.13 -4.85
C GLY A 48 -5.86 3.05 -6.05
N VAL A 49 -5.77 4.11 -6.85
CA VAL A 49 -4.92 4.13 -8.05
C VAL A 49 -3.49 3.66 -7.76
N VAL A 50 -2.87 4.24 -6.72
CA VAL A 50 -1.52 3.85 -6.29
C VAL A 50 -1.44 2.35 -5.97
N LEU A 51 -2.51 1.80 -5.39
CA LEU A 51 -2.58 0.38 -5.06
C LEU A 51 -2.58 -0.48 -6.33
N CYS A 52 -3.45 -0.14 -7.28
CA CYS A 52 -3.53 -0.87 -8.55
C CYS A 52 -2.18 -0.88 -9.27
N ARG A 53 -1.53 0.29 -9.34
CA ARG A 53 -0.20 0.40 -9.92
C ARG A 53 0.81 -0.45 -9.12
N LEU A 54 0.71 -0.40 -7.80
CA LEU A 54 1.56 -1.20 -6.91
C LEU A 54 1.48 -2.69 -7.27
N LEU A 55 0.27 -3.20 -7.40
CA LEU A 55 0.06 -4.61 -7.75
C LEU A 55 0.50 -4.91 -9.19
N GLU A 56 0.31 -3.96 -10.10
CA GLU A 56 0.73 -4.12 -11.51
C GLU A 56 2.25 -4.00 -11.67
N ARG A 57 2.94 -3.54 -10.64
CA ARG A 57 4.41 -3.50 -10.63
C ARG A 57 4.99 -4.86 -10.19
N LEU A 58 4.46 -5.40 -9.10
CA LEU A 58 4.91 -6.69 -8.56
C LEU A 58 4.29 -7.88 -9.33
N LEU A 59 2.99 -7.80 -9.60
CA LEU A 59 2.28 -8.82 -10.38
C LEU A 59 1.55 -8.21 -11.60
N PRO A 60 2.29 -7.81 -12.65
CA PRO A 60 1.72 -7.15 -13.83
C PRO A 60 0.73 -8.03 -14.61
N GLY A 61 -0.38 -7.42 -15.05
CA GLY A 61 -1.38 -8.14 -15.83
C GLY A 61 -2.57 -8.62 -14.99
N THR A 62 -2.54 -8.30 -13.70
CA THR A 62 -3.60 -8.71 -12.77
C THR A 62 -4.78 -7.73 -12.79
N ILE A 63 -4.49 -6.44 -12.62
CA ILE A 63 -5.52 -5.39 -12.66
C ILE A 63 -5.93 -5.11 -14.12
N GLU A 64 -6.95 -5.83 -14.58
CA GLU A 64 -7.43 -5.71 -15.97
C GLU A 64 -7.98 -4.30 -16.25
N LYS A 65 -8.71 -3.74 -15.30
CA LYS A 65 -9.27 -2.39 -15.43
C LYS A 65 -9.06 -1.57 -14.15
N VAL A 66 -8.76 -0.29 -14.31
CA VAL A 66 -8.58 0.62 -13.19
C VAL A 66 -9.03 2.05 -13.56
N TYR A 67 -9.40 2.85 -12.55
CA TYR A 67 -9.74 4.25 -12.76
C TYR A 67 -8.60 5.17 -12.30
N PRO A 68 -7.73 5.61 -13.24
CA PRO A 68 -6.56 6.46 -12.92
C PRO A 68 -6.95 7.93 -12.68
N GLU A 69 -8.25 8.18 -12.63
CA GLU A 69 -8.80 9.53 -12.42
C GLU A 69 -10.17 9.46 -11.71
N PRO A 70 -10.20 9.00 -10.46
CA PRO A 70 -11.45 8.80 -9.70
C PRO A 70 -11.97 10.08 -9.03
N ARG A 71 -13.19 10.49 -9.39
CA ARG A 71 -13.81 11.70 -8.80
C ARG A 71 -14.53 11.38 -7.48
N SER A 72 -15.30 10.28 -7.47
CA SER A 72 -16.12 9.91 -6.31
C SER A 72 -15.77 8.52 -5.76
N GLU A 73 -16.38 8.16 -4.63
CA GLU A 73 -16.07 6.90 -3.93
C GLU A 73 -16.23 5.65 -4.79
N SER A 74 -17.35 5.55 -5.49
CA SER A 74 -17.66 4.38 -6.34
C SER A 74 -16.52 4.09 -7.35
N GLU A 75 -15.73 5.11 -7.66
CA GLU A 75 -14.56 4.94 -8.53
C GLU A 75 -13.33 4.48 -7.70
N CYS A 76 -12.96 5.29 -6.71
CA CYS A 76 -11.79 5.01 -5.86
C CYS A 76 -11.88 3.63 -5.19
N LEU A 77 -13.02 3.37 -4.53
CA LEU A 77 -13.26 2.10 -3.86
C LEU A 77 -13.11 0.90 -4.81
N SER A 78 -13.55 1.07 -6.07
CA SER A 78 -13.41 0.02 -7.08
C SER A 78 -11.93 -0.36 -7.28
N ASN A 79 -11.09 0.66 -7.45
CA ASN A 79 -9.64 0.47 -7.58
C ASN A 79 -9.08 -0.35 -6.40
N ILE A 80 -9.58 -0.05 -5.20
CA ILE A 80 -9.17 -0.76 -3.98
C ILE A 80 -9.63 -2.23 -4.01
N ARG A 81 -10.89 -2.47 -4.41
CA ARG A 81 -11.41 -3.85 -4.47
C ARG A 81 -10.53 -4.75 -5.34
N GLU A 82 -10.32 -4.32 -6.58
CA GLU A 82 -9.50 -5.08 -7.53
C GLU A 82 -8.08 -5.38 -6.98
N PHE A 83 -7.52 -4.42 -6.24
CA PHE A 83 -6.23 -4.63 -5.56
C PHE A 83 -6.34 -5.77 -4.52
N LEU A 84 -7.38 -5.70 -3.70
CA LEU A 84 -7.64 -6.74 -2.68
C LEU A 84 -7.87 -8.12 -3.35
N ARG A 85 -8.64 -8.10 -4.44
CA ARG A 85 -8.93 -9.32 -5.20
C ARG A 85 -7.64 -9.94 -5.77
N GLY A 86 -6.80 -9.10 -6.38
CA GLY A 86 -5.54 -9.58 -6.95
C GLY A 86 -4.62 -10.22 -5.91
N CYS A 87 -4.29 -9.46 -4.86
CA CYS A 87 -3.43 -9.96 -3.78
C CYS A 87 -4.08 -11.16 -3.07
N GLY A 88 -5.41 -11.10 -2.89
CA GLY A 88 -6.14 -12.15 -2.21
C GLY A 88 -6.35 -13.41 -3.08
N ALA A 89 -6.26 -13.27 -4.40
CA ALA A 89 -6.42 -14.40 -5.32
C ALA A 89 -5.08 -15.10 -5.60
N SER A 90 -4.05 -14.31 -5.91
CA SER A 90 -2.72 -14.87 -6.23
C SER A 90 -1.89 -15.15 -4.98
N LEU A 91 -1.53 -14.09 -4.24
CA LEU A 91 -0.64 -14.21 -3.08
C LEU A 91 -1.37 -14.69 -1.82
N ARG A 92 -2.69 -14.55 -1.80
CA ARG A 92 -3.54 -15.00 -0.68
C ARG A 92 -3.14 -14.30 0.64
N LEU A 93 -2.42 -13.18 0.53
CA LEU A 93 -1.85 -12.51 1.71
C LEU A 93 -2.92 -11.76 2.53
N GLU A 94 -2.54 -11.37 3.75
CA GLU A 94 -3.43 -10.61 4.64
C GLU A 94 -3.93 -9.33 3.97
N THR A 95 -5.22 -9.29 3.65
CA THR A 95 -5.82 -8.13 2.97
C THR A 95 -6.70 -7.30 3.92
N PHE A 96 -7.19 -6.17 3.42
CA PHE A 96 -8.04 -5.26 4.19
C PHE A 96 -9.36 -4.99 3.44
N ASP A 97 -10.22 -4.14 3.98
CA ASP A 97 -11.47 -3.76 3.33
C ASP A 97 -11.39 -2.33 2.77
N ALA A 98 -12.04 -2.09 1.63
CA ALA A 98 -11.99 -0.78 0.97
C ALA A 98 -12.36 0.39 1.90
N ASN A 99 -13.22 0.11 2.89
CA ASN A 99 -13.72 1.15 3.80
C ASN A 99 -12.66 1.60 4.83
N ASP A 100 -11.99 0.66 5.49
CA ASP A 100 -11.04 1.02 6.55
C ASP A 100 -9.89 1.89 6.02
N LEU A 101 -9.44 1.60 4.80
CA LEU A 101 -8.43 2.44 4.15
C LEU A 101 -9.00 3.80 3.72
N TYR A 102 -10.12 3.78 3.00
CA TYR A 102 -10.71 5.01 2.44
C TYR A 102 -11.14 6.00 3.54
N GLN A 103 -11.62 5.47 4.67
CA GLN A 103 -12.11 6.30 5.79
C GLN A 103 -11.06 6.40 6.92
N GLY A 104 -9.98 5.63 6.82
CA GLY A 104 -8.92 5.67 7.83
C GLY A 104 -9.33 5.06 9.18
N GLN A 105 -10.01 3.91 9.14
CA GLN A 105 -10.45 3.23 10.36
C GLN A 105 -9.40 2.22 10.87
N ASN A 106 -9.34 1.03 10.25
CA ASN A 106 -8.40 -0.01 10.64
C ASN A 106 -7.16 -0.02 9.74
N PHE A 107 -6.30 0.99 9.90
CA PHE A 107 -5.10 1.12 9.08
C PHE A 107 -4.10 -0.02 9.35
N ASN A 108 -4.17 -0.62 10.53
CA ASN A 108 -3.27 -1.72 10.90
C ASN A 108 -3.34 -2.88 9.90
N LYS A 109 -4.54 -3.16 9.38
CA LYS A 109 -4.72 -4.18 8.34
C LYS A 109 -4.02 -3.75 7.04
N VAL A 110 -4.23 -2.49 6.65
CA VAL A 110 -3.62 -1.94 5.43
C VAL A 110 -2.08 -2.02 5.47
N LEU A 111 -1.50 -1.48 6.54
CA LEU A 111 -0.04 -1.50 6.72
C LEU A 111 0.51 -2.94 6.68
N SER A 112 -0.13 -3.84 7.40
CA SER A 112 0.28 -5.26 7.42
C SER A 112 0.16 -5.89 6.03
N SER A 113 -0.84 -5.47 5.27
CA SER A 113 -1.04 -5.96 3.89
C SER A 113 0.12 -5.49 3.00
N LEU A 114 0.47 -4.22 3.09
CA LEU A 114 1.58 -3.64 2.32
C LEU A 114 2.92 -4.31 2.69
N VAL A 115 3.18 -4.44 3.99
CA VAL A 115 4.40 -5.11 4.46
C VAL A 115 4.48 -6.57 3.97
N THR A 116 3.37 -7.30 4.10
CA THR A 116 3.31 -8.68 3.61
C THR A 116 3.51 -8.74 2.08
N LEU A 117 2.90 -7.79 1.37
CA LEU A 117 3.06 -7.69 -0.09
C LEU A 117 4.54 -7.53 -0.47
N ASN A 118 5.29 -6.78 0.35
CA ASN A 118 6.74 -6.65 0.19
C ASN A 118 7.44 -7.99 0.48
N LYS A 119 7.11 -8.58 1.63
CA LYS A 119 7.74 -9.83 2.08
C LYS A 119 7.59 -10.97 1.06
N VAL A 120 6.36 -11.19 0.60
CA VAL A 120 6.08 -12.29 -0.34
C VAL A 120 6.81 -12.12 -1.68
N THR A 121 6.77 -10.91 -2.25
CA THR A 121 7.44 -10.65 -3.53
C THR A 121 8.97 -10.66 -3.38
N ALA A 122 9.47 -10.16 -2.25
CA ALA A 122 10.89 -10.23 -1.93
C ALA A 122 11.36 -11.70 -1.82
N ASP A 123 10.53 -12.53 -1.19
CA ASP A 123 10.81 -13.97 -1.09
C ASP A 123 10.82 -14.63 -2.48
N ILE A 124 9.88 -14.21 -3.34
CA ILE A 124 9.84 -14.66 -4.74
C ILE A 124 11.10 -14.21 -5.51
N GLY A 125 11.66 -13.07 -5.11
CA GLY A 125 12.88 -12.55 -5.74
C GLY A 125 12.61 -11.46 -6.77
N LEU A 126 11.61 -10.62 -6.51
CA LEU A 126 11.29 -9.51 -7.40
C LEU A 126 12.00 -8.20 -6.97
N MET A 1 14.98 -9.52 -0.03
CA MET A 1 16.08 -8.86 0.71
C MET A 1 15.97 -9.11 2.22
N GLY A 2 17.10 -9.40 2.86
CA GLY A 2 17.14 -9.51 4.31
C GLY A 2 16.86 -10.92 4.84
N HIS A 3 16.76 -11.03 6.16
CA HIS A 3 16.52 -12.32 6.82
C HIS A 3 15.96 -12.10 8.23
N HIS A 4 14.97 -12.91 8.62
CA HIS A 4 14.33 -12.79 9.94
C HIS A 4 13.55 -11.46 10.05
N HIS A 5 13.26 -10.86 8.89
CA HIS A 5 12.56 -9.57 8.82
C HIS A 5 11.11 -9.68 9.29
N HIS A 6 10.83 -9.18 10.49
CA HIS A 6 9.53 -9.35 11.13
C HIS A 6 8.41 -8.51 10.50
N HIS A 7 7.27 -9.15 10.28
CA HIS A 7 6.02 -8.47 9.89
C HIS A 7 5.34 -7.88 11.13
N HIS A 8 5.23 -8.69 12.17
CA HIS A 8 4.59 -8.30 13.43
C HIS A 8 5.64 -7.86 14.47
N SER A 9 5.45 -6.67 15.04
CA SER A 9 6.35 -6.11 16.08
C SER A 9 7.78 -5.90 15.54
N HIS A 10 8.08 -4.65 15.16
CA HIS A 10 9.42 -4.28 14.65
C HIS A 10 9.53 -2.76 14.47
N MET A 11 10.57 -2.30 13.78
CA MET A 11 10.71 -0.86 13.50
C MET A 11 9.51 -0.33 12.70
N ASN A 12 9.21 0.96 12.83
CA ASN A 12 8.01 1.57 12.24
C ASN A 12 7.79 1.15 10.78
N SER A 13 6.73 0.37 10.57
CA SER A 13 6.42 -0.18 9.24
C SER A 13 6.08 0.93 8.25
N ALA A 14 5.35 1.94 8.70
CA ALA A 14 4.89 3.03 7.83
C ALA A 14 6.07 3.80 7.18
N GLU A 15 7.06 4.20 7.98
CA GLU A 15 8.21 4.97 7.47
C GLU A 15 8.93 4.22 6.33
N GLN A 16 9.20 2.94 6.53
CA GLN A 16 9.85 2.11 5.49
C GLN A 16 8.90 1.80 4.32
N THR A 17 7.60 1.70 4.59
CA THR A 17 6.60 1.47 3.52
C THR A 17 6.58 2.65 2.54
N VAL A 18 6.72 3.87 3.06
CA VAL A 18 6.83 5.07 2.21
C VAL A 18 7.95 4.89 1.18
N THR A 19 9.14 4.53 1.66
CA THR A 19 10.29 4.25 0.79
C THR A 19 9.97 3.15 -0.23
N TRP A 20 9.34 2.08 0.25
CA TRP A 20 8.99 0.93 -0.59
C TRP A 20 8.09 1.35 -1.78
N LEU A 21 7.13 2.23 -1.52
CA LEU A 21 6.23 2.72 -2.58
C LEU A 21 6.98 3.63 -3.57
N ILE A 22 7.87 4.48 -3.06
CA ILE A 22 8.64 5.41 -3.90
C ILE A 22 9.69 4.68 -4.76
N THR A 23 10.38 3.69 -4.18
CA THR A 23 11.42 2.94 -4.92
C THR A 23 10.82 2.13 -6.08
N LEU A 24 9.56 1.73 -5.96
CA LEU A 24 8.85 1.04 -7.04
C LEU A 24 8.30 2.04 -8.08
N GLY A 25 8.33 3.33 -7.73
CA GLY A 25 7.88 4.38 -8.64
C GLY A 25 6.38 4.61 -8.63
N VAL A 26 5.66 3.92 -7.74
CA VAL A 26 4.19 4.03 -7.67
C VAL A 26 3.76 5.28 -6.88
N LEU A 27 4.64 5.74 -6.00
CA LEU A 27 4.41 6.96 -5.21
C LEU A 27 5.53 7.97 -5.45
N GLU A 28 5.17 9.24 -5.62
CA GLU A 28 6.15 10.29 -5.91
C GLU A 28 6.87 10.77 -4.64
N SER A 29 7.96 11.53 -4.83
CA SER A 29 8.77 12.02 -3.71
C SER A 29 8.07 13.18 -2.97
N PRO A 30 8.13 13.19 -1.62
CA PRO A 30 7.48 14.25 -0.81
C PRO A 30 8.28 15.57 -0.79
N LYS A 31 7.61 16.65 -0.40
CA LYS A 31 8.23 17.98 -0.31
C LYS A 31 9.23 18.06 0.86
N LYS A 32 8.91 17.36 1.94
CA LYS A 32 9.76 17.37 3.14
C LYS A 32 9.80 15.99 3.82
N THR A 33 10.73 15.82 4.76
CA THR A 33 10.86 14.59 5.54
C THR A 33 9.56 14.29 6.31
N ILE A 34 9.09 13.05 6.23
CA ILE A 34 7.80 12.68 6.82
C ILE A 34 7.96 12.08 8.23
N SER A 35 7.51 12.83 9.24
CA SER A 35 7.48 12.34 10.63
C SER A 35 6.17 11.58 10.92
N ASP A 36 5.10 11.95 10.23
CA ASP A 36 3.83 11.24 10.32
C ASP A 36 3.52 10.50 9.00
N PRO A 37 4.07 9.28 8.83
CA PRO A 37 3.94 8.52 7.57
C PRO A 37 2.59 7.82 7.41
N GLU A 38 1.99 7.38 8.52
CA GLU A 38 0.72 6.63 8.48
C GLU A 38 -0.38 7.42 7.76
N GLY A 39 -0.61 8.66 8.19
CA GLY A 39 -1.62 9.51 7.55
C GLY A 39 -1.31 9.79 6.09
N PHE A 40 -0.06 10.16 5.80
CA PHE A 40 0.39 10.40 4.43
C PHE A 40 0.07 9.21 3.49
N LEU A 41 0.43 8.01 3.94
CA LEU A 41 0.15 6.79 3.16
C LEU A 41 -1.35 6.57 2.98
N GLN A 42 -2.12 6.68 4.06
CA GLN A 42 -3.57 6.52 4.01
C GLN A 42 -4.19 7.47 2.98
N ALA A 43 -3.83 8.75 3.05
CA ALA A 43 -4.34 9.77 2.13
C ALA A 43 -3.97 9.46 0.67
N SER A 44 -2.74 8.99 0.45
CA SER A 44 -2.26 8.68 -0.90
C SER A 44 -2.93 7.41 -1.47
N LEU A 45 -3.04 6.38 -0.63
CA LEU A 45 -3.61 5.09 -1.04
C LEU A 45 -5.16 5.12 -1.06
N LYS A 46 -5.74 6.17 -0.48
CA LYS A 46 -7.20 6.32 -0.37
C LYS A 46 -7.93 6.04 -1.70
N ASP A 47 -7.40 6.59 -2.79
CA ASP A 47 -8.05 6.51 -4.11
C ASP A 47 -7.78 5.19 -4.83
N GLY A 48 -6.98 4.31 -4.21
CA GLY A 48 -6.72 2.99 -4.78
C GLY A 48 -5.70 2.98 -5.94
N VAL A 49 -5.68 4.05 -6.73
CA VAL A 49 -4.81 4.12 -7.93
C VAL A 49 -3.35 3.76 -7.61
N VAL A 50 -2.80 4.33 -6.54
CA VAL A 50 -1.42 4.02 -6.13
C VAL A 50 -1.25 2.52 -5.82
N LEU A 51 -2.29 1.91 -5.24
CA LEU A 51 -2.30 0.47 -4.95
C LEU A 51 -2.30 -0.36 -6.25
N CYS A 52 -3.09 0.08 -7.22
CA CYS A 52 -3.14 -0.58 -8.54
C CYS A 52 -1.75 -0.55 -9.20
N ARG A 53 -1.10 0.62 -9.18
CA ARG A 53 0.29 0.75 -9.62
C ARG A 53 1.20 -0.26 -8.90
N LEU A 54 1.09 -0.26 -7.57
CA LEU A 54 1.86 -1.17 -6.70
C LEU A 54 1.69 -2.63 -7.12
N LEU A 55 0.44 -3.06 -7.31
CA LEU A 55 0.13 -4.44 -7.66
C LEU A 55 0.62 -4.78 -9.08
N GLU A 56 0.59 -3.80 -9.98
CA GLU A 56 1.09 -4.01 -11.36
C GLU A 56 2.62 -3.99 -11.44
N ARG A 57 3.26 -3.26 -10.55
CA ARG A 57 4.73 -3.20 -10.50
C ARG A 57 5.34 -4.50 -9.95
N LEU A 58 4.56 -5.23 -9.15
CA LEU A 58 5.00 -6.51 -8.59
C LEU A 58 4.37 -7.69 -9.35
N LEU A 59 3.08 -7.58 -9.67
CA LEU A 59 2.35 -8.60 -10.43
C LEU A 59 1.67 -7.98 -11.67
N PRO A 60 2.43 -7.77 -12.76
CA PRO A 60 1.90 -7.10 -13.98
C PRO A 60 0.82 -7.92 -14.71
N GLY A 61 -0.33 -7.31 -14.96
CA GLY A 61 -1.41 -7.98 -15.68
C GLY A 61 -2.48 -8.53 -14.75
N THR A 62 -2.63 -7.94 -13.57
CA THR A 62 -3.61 -8.41 -12.58
C THR A 62 -4.85 -7.49 -12.53
N ILE A 63 -4.61 -6.18 -12.58
CA ILE A 63 -5.70 -5.20 -12.58
C ILE A 63 -6.44 -5.19 -13.92
N GLU A 64 -7.76 -5.35 -13.89
CA GLU A 64 -8.57 -5.37 -15.11
C GLU A 64 -9.20 -4.01 -15.39
N LYS A 65 -9.85 -3.42 -14.39
CA LYS A 65 -10.48 -2.10 -14.56
C LYS A 65 -10.10 -1.15 -13.41
N VAL A 66 -9.13 -0.28 -13.67
CA VAL A 66 -8.73 0.74 -12.70
C VAL A 66 -9.24 2.13 -13.14
N TYR A 67 -9.50 2.99 -12.17
CA TYR A 67 -9.90 4.38 -12.45
C TYR A 67 -8.78 5.34 -12.02
N PRO A 68 -7.86 5.71 -12.94
CA PRO A 68 -6.78 6.66 -12.64
C PRO A 68 -7.33 8.06 -12.29
N GLU A 69 -8.57 8.29 -12.70
CA GLU A 69 -9.29 9.53 -12.40
C GLU A 69 -10.67 9.21 -11.76
N PRO A 70 -10.68 8.75 -10.50
CA PRO A 70 -11.91 8.32 -9.82
C PRO A 70 -12.80 9.51 -9.41
N ARG A 71 -13.94 9.66 -10.10
CA ARG A 71 -14.87 10.76 -9.82
C ARG A 71 -15.86 10.40 -8.71
N SER A 72 -16.41 9.19 -8.77
CA SER A 72 -17.35 8.72 -7.74
C SER A 72 -16.62 7.94 -6.63
N GLU A 73 -17.22 7.92 -5.44
CA GLU A 73 -16.67 7.15 -4.31
C GLU A 73 -16.56 5.66 -4.67
N SER A 74 -17.53 5.15 -5.42
CA SER A 74 -17.53 3.75 -5.86
C SER A 74 -16.29 3.44 -6.73
N GLU A 75 -15.85 4.44 -7.50
CA GLU A 75 -14.66 4.30 -8.34
C GLU A 75 -13.39 4.11 -7.48
N CYS A 76 -13.16 5.03 -6.53
CA CYS A 76 -12.02 4.91 -5.61
C CYS A 76 -12.02 3.56 -4.90
N LEU A 77 -13.19 3.17 -4.38
CA LEU A 77 -13.35 1.86 -3.72
C LEU A 77 -13.07 0.71 -4.69
N SER A 78 -13.49 0.87 -5.95
CA SER A 78 -13.28 -0.18 -6.98
C SER A 78 -11.79 -0.43 -7.21
N ASN A 79 -11.01 0.65 -7.27
CA ASN A 79 -9.55 0.55 -7.42
C ASN A 79 -8.94 -0.27 -6.28
N ILE A 80 -9.35 0.03 -5.04
CA ILE A 80 -8.89 -0.71 -3.87
C ILE A 80 -9.33 -2.18 -3.96
N ARG A 81 -10.56 -2.41 -4.41
CA ARG A 81 -11.10 -3.77 -4.56
C ARG A 81 -10.32 -4.58 -5.62
N GLU A 82 -9.83 -3.92 -6.65
CA GLU A 82 -8.97 -4.57 -7.66
C GLU A 82 -7.61 -4.96 -7.06
N PHE A 83 -7.07 -4.10 -6.21
CA PHE A 83 -5.85 -4.42 -5.44
C PHE A 83 -6.07 -5.65 -4.55
N LEU A 84 -7.17 -5.62 -3.80
CA LEU A 84 -7.57 -6.74 -2.94
C LEU A 84 -7.86 -8.01 -3.78
N ARG A 85 -8.33 -7.79 -5.01
CA ARG A 85 -8.59 -8.88 -5.96
C ARG A 85 -7.30 -9.70 -6.20
N GLY A 86 -6.27 -9.02 -6.68
CA GLY A 86 -5.01 -9.68 -7.00
C GLY A 86 -4.31 -10.27 -5.78
N CYS A 87 -4.14 -9.46 -4.73
CA CYS A 87 -3.51 -9.91 -3.49
C CYS A 87 -4.24 -11.13 -2.90
N GLY A 88 -5.56 -11.18 -3.08
CA GLY A 88 -6.37 -12.27 -2.58
C GLY A 88 -6.47 -13.46 -3.54
N ALA A 89 -6.30 -13.22 -4.85
CA ALA A 89 -6.39 -14.29 -5.86
C ALA A 89 -5.01 -14.90 -6.19
N SER A 90 -4.08 -14.07 -6.65
CA SER A 90 -2.74 -14.52 -7.07
C SER A 90 -1.88 -14.92 -5.87
N LEU A 91 -1.92 -14.12 -4.82
CA LEU A 91 -1.11 -14.35 -3.61
C LEU A 91 -1.91 -15.02 -2.49
N ARG A 92 -3.19 -14.64 -2.37
CA ARG A 92 -4.08 -15.17 -1.31
C ARG A 92 -3.51 -14.88 0.09
N LEU A 93 -3.13 -13.62 0.31
CA LEU A 93 -2.54 -13.20 1.60
C LEU A 93 -3.54 -12.42 2.46
N GLU A 94 -3.11 -12.02 3.66
CA GLU A 94 -3.97 -11.25 4.58
C GLU A 94 -4.39 -9.90 3.96
N THR A 95 -5.70 -9.73 3.72
CA THR A 95 -6.23 -8.54 3.04
C THR A 95 -7.09 -7.68 3.97
N PHE A 96 -7.23 -6.40 3.60
CA PHE A 96 -8.13 -5.47 4.30
C PHE A 96 -9.37 -5.20 3.44
N ASP A 97 -10.29 -4.36 3.94
CA ASP A 97 -11.46 -3.96 3.16
C ASP A 97 -11.33 -2.49 2.71
N ALA A 98 -11.96 -2.15 1.59
CA ALA A 98 -11.88 -0.80 1.02
C ALA A 98 -12.26 0.28 2.04
N ASN A 99 -13.25 -0.01 2.89
CA ASN A 99 -13.71 0.93 3.92
C ASN A 99 -12.61 1.23 4.97
N ASP A 100 -11.82 0.20 5.31
CA ASP A 100 -10.73 0.36 6.29
C ASP A 100 -9.75 1.47 5.86
N LEU A 101 -9.30 1.38 4.62
CA LEU A 101 -8.32 2.34 4.07
C LEU A 101 -8.96 3.67 3.67
N TYR A 102 -10.02 3.61 2.87
CA TYR A 102 -10.66 4.81 2.33
C TYR A 102 -11.11 5.78 3.43
N GLN A 103 -11.67 5.24 4.51
CA GLN A 103 -12.12 6.07 5.63
C GLN A 103 -11.03 6.23 6.70
N GLY A 104 -9.88 5.57 6.49
CA GLY A 104 -8.76 5.70 7.42
C GLY A 104 -9.04 5.16 8.81
N GLN A 105 -9.97 4.21 8.91
CA GLN A 105 -10.37 3.62 10.20
C GLN A 105 -9.27 2.68 10.74
N ASN A 106 -8.96 1.64 9.97
CA ASN A 106 -7.94 0.67 10.34
C ASN A 106 -6.74 0.70 9.39
N PHE A 107 -5.79 1.60 9.65
CA PHE A 107 -4.59 1.68 8.84
C PHE A 107 -3.64 0.51 9.14
N ASN A 108 -3.71 0.00 10.37
CA ASN A 108 -2.91 -1.17 10.77
C ASN A 108 -3.17 -2.38 9.86
N LYS A 109 -4.45 -2.60 9.51
CA LYS A 109 -4.82 -3.68 8.58
C LYS A 109 -4.17 -3.48 7.20
N VAL A 110 -4.30 -2.26 6.67
CA VAL A 110 -3.72 -1.91 5.37
C VAL A 110 -2.19 -2.06 5.37
N LEU A 111 -1.56 -1.39 6.33
CA LEU A 111 -0.11 -1.41 6.48
C LEU A 111 0.43 -2.85 6.60
N SER A 112 -0.23 -3.67 7.41
CA SER A 112 0.14 -5.09 7.55
C SER A 112 0.06 -5.81 6.21
N SER A 113 -1.02 -5.60 5.46
CA SER A 113 -1.20 -6.21 4.15
C SER A 113 -0.09 -5.79 3.18
N LEU A 114 0.30 -4.51 3.26
CA LEU A 114 1.42 -3.99 2.47
C LEU A 114 2.74 -4.65 2.85
N VAL A 115 2.99 -4.79 4.15
CA VAL A 115 4.20 -5.49 4.65
C VAL A 115 4.24 -6.95 4.17
N THR A 116 3.08 -7.61 4.12
CA THR A 116 3.00 -8.98 3.60
C THR A 116 3.21 -9.00 2.08
N LEU A 117 2.65 -8.02 1.37
CA LEU A 117 2.88 -7.87 -0.07
C LEU A 117 4.38 -7.70 -0.37
N ASN A 118 5.06 -6.98 0.52
CA ASN A 118 6.52 -6.85 0.45
C ASN A 118 7.20 -8.19 0.73
N LYS A 119 6.81 -8.86 1.82
CA LYS A 119 7.38 -10.17 2.19
C LYS A 119 7.26 -11.19 1.05
N VAL A 120 6.05 -11.39 0.53
CA VAL A 120 5.80 -12.41 -0.50
C VAL A 120 6.64 -12.17 -1.76
N THR A 121 6.71 -10.92 -2.22
CA THR A 121 7.47 -10.58 -3.43
C THR A 121 8.98 -10.59 -3.15
N ALA A 122 9.38 -10.05 -2.01
CA ALA A 122 10.79 -10.04 -1.59
C ALA A 122 11.33 -11.46 -1.47
N ASP A 123 10.50 -12.36 -0.97
CA ASP A 123 10.89 -13.76 -0.77
C ASP A 123 11.02 -14.49 -2.12
N ILE A 124 10.16 -14.13 -3.09
CA ILE A 124 10.24 -14.70 -4.44
C ILE A 124 11.57 -14.34 -5.12
N GLY A 125 12.05 -13.12 -4.91
CA GLY A 125 13.34 -12.72 -5.48
C GLY A 125 13.56 -11.22 -5.52
N LEU A 126 13.27 -10.53 -4.42
CA LEU A 126 13.54 -9.08 -4.30
C LEU A 126 14.26 -8.75 -2.98
N MET A 1 13.44 -13.00 18.99
CA MET A 1 14.13 -11.92 18.23
C MET A 1 14.04 -10.58 18.96
N GLY A 2 12.86 -9.92 18.89
CA GLY A 2 12.65 -8.66 19.59
C GLY A 2 13.73 -7.61 19.33
N HIS A 3 14.20 -7.50 18.10
CA HIS A 3 15.25 -6.54 17.73
C HIS A 3 14.96 -5.85 16.39
N HIS A 4 15.80 -4.89 16.01
CA HIS A 4 15.55 -4.05 14.83
C HIS A 4 15.83 -4.80 13.51
N HIS A 5 14.78 -5.36 12.92
CA HIS A 5 14.84 -5.94 11.58
C HIS A 5 13.87 -5.20 10.64
N HIS A 6 14.33 -4.84 9.45
CA HIS A 6 13.47 -4.13 8.47
C HIS A 6 12.32 -5.02 8.00
N HIS A 7 12.63 -6.28 7.67
CA HIS A 7 11.58 -7.27 7.43
C HIS A 7 11.32 -8.07 8.71
N HIS A 8 10.12 -8.67 8.83
CA HIS A 8 9.64 -9.22 10.11
C HIS A 8 9.36 -8.10 11.11
N SER A 9 9.31 -6.86 10.61
CA SER A 9 9.22 -5.67 11.45
C SER A 9 7.79 -5.37 11.88
N HIS A 10 7.67 -4.51 12.89
CA HIS A 10 6.39 -4.00 13.37
C HIS A 10 6.50 -2.49 13.68
N MET A 11 7.68 -2.05 14.13
CA MET A 11 7.93 -0.63 14.38
C MET A 11 8.32 0.12 13.09
N ASN A 12 9.08 -0.55 12.22
CA ASN A 12 9.57 0.06 10.97
C ASN A 12 8.53 -0.08 9.83
N SER A 13 7.33 -0.57 10.19
CA SER A 13 6.29 -0.92 9.21
C SER A 13 6.01 0.21 8.20
N ALA A 14 5.65 1.39 8.69
CA ALA A 14 5.33 2.52 7.82
C ALA A 14 6.57 3.06 7.10
N GLU A 15 7.66 3.22 7.85
CA GLU A 15 8.91 3.79 7.31
C GLU A 15 9.38 3.04 6.04
N GLN A 16 9.45 1.71 6.12
CA GLN A 16 9.88 0.90 4.98
C GLN A 16 8.87 0.97 3.82
N THR A 17 7.58 0.99 4.15
CA THR A 17 6.51 1.01 3.13
C THR A 17 6.54 2.29 2.28
N VAL A 18 6.71 3.44 2.94
CA VAL A 18 6.77 4.72 2.24
C VAL A 18 7.84 4.71 1.12
N THR A 19 9.08 4.44 1.51
CA THR A 19 10.19 4.37 0.54
C THR A 19 9.99 3.23 -0.46
N TRP A 20 9.33 2.15 -0.01
CA TRP A 20 9.03 1.00 -0.87
C TRP A 20 8.11 1.41 -2.05
N LEU A 21 7.08 2.20 -1.76
CA LEU A 21 6.18 2.71 -2.81
C LEU A 21 6.90 3.67 -3.76
N ILE A 22 7.86 4.43 -3.22
CA ILE A 22 8.66 5.37 -4.01
C ILE A 22 9.65 4.65 -4.93
N THR A 23 10.38 3.68 -4.39
CA THR A 23 11.41 2.95 -5.14
C THR A 23 10.81 2.11 -6.28
N LEU A 24 9.56 1.70 -6.12
CA LEU A 24 8.84 0.95 -7.16
C LEU A 24 8.24 1.87 -8.23
N GLY A 25 8.36 3.18 -8.03
CA GLY A 25 7.86 4.15 -9.00
C GLY A 25 6.34 4.14 -9.15
N VAL A 26 5.63 3.93 -8.02
CA VAL A 26 4.16 3.95 -8.04
C VAL A 26 3.62 5.14 -7.23
N LEU A 27 4.45 5.70 -6.35
CA LEU A 27 4.07 6.86 -5.53
C LEU A 27 5.07 8.01 -5.73
N GLU A 28 4.60 9.24 -5.56
CA GLU A 28 5.48 10.42 -5.68
C GLU A 28 6.34 10.60 -4.42
N SER A 29 7.50 11.22 -4.57
CA SER A 29 8.42 11.45 -3.45
C SER A 29 8.02 12.70 -2.66
N PRO A 30 8.11 12.65 -1.31
CA PRO A 30 7.81 13.81 -0.45
C PRO A 30 8.75 14.99 -0.70
N LYS A 31 8.18 16.19 -0.82
CA LYS A 31 8.98 17.40 -1.08
C LYS A 31 9.73 17.88 0.18
N LYS A 32 9.49 17.21 1.31
CA LYS A 32 10.26 17.43 2.54
C LYS A 32 10.16 16.20 3.45
N THR A 33 10.96 16.20 4.52
CA THR A 33 11.01 15.06 5.47
C THR A 33 9.60 14.64 5.96
N ILE A 34 9.35 13.34 5.93
CA ILE A 34 8.07 12.79 6.39
C ILE A 34 7.83 13.04 7.89
N SER A 35 6.77 13.78 8.20
CA SER A 35 6.39 14.04 9.60
C SER A 35 5.57 12.86 10.14
N ASP A 36 4.59 12.40 9.34
CA ASP A 36 3.69 11.31 9.73
C ASP A 36 3.61 10.26 8.59
N PRO A 37 4.30 9.11 8.73
CA PRO A 37 4.37 8.11 7.66
C PRO A 37 3.05 7.37 7.43
N GLU A 38 2.39 6.94 8.51
CA GLU A 38 1.09 6.26 8.40
C GLU A 38 0.04 7.18 7.78
N GLY A 39 -0.02 8.42 8.26
CA GLY A 39 -0.95 9.40 7.71
C GLY A 39 -0.68 9.70 6.23
N PHE A 40 0.59 9.80 5.87
CA PHE A 40 1.01 10.02 4.48
C PHE A 40 0.49 8.89 3.56
N LEU A 41 0.59 7.65 4.04
CA LEU A 41 0.11 6.49 3.30
C LEU A 41 -1.43 6.47 3.19
N GLN A 42 -2.11 6.73 4.30
CA GLN A 42 -3.58 6.72 4.33
C GLN A 42 -4.17 7.67 3.28
N ALA A 43 -3.70 8.92 3.27
CA ALA A 43 -4.21 9.92 2.32
C ALA A 43 -3.90 9.58 0.86
N SER A 44 -2.67 9.15 0.60
CA SER A 44 -2.21 8.86 -0.77
C SER A 44 -2.87 7.58 -1.33
N LEU A 45 -2.90 6.53 -0.52
CA LEU A 45 -3.47 5.24 -0.95
C LEU A 45 -5.01 5.24 -0.92
N LYS A 46 -5.59 6.28 -0.32
CA LYS A 46 -7.06 6.38 -0.12
C LYS A 46 -7.86 6.03 -1.38
N ASP A 47 -7.50 6.63 -2.52
CA ASP A 47 -8.23 6.46 -3.77
C ASP A 47 -7.87 5.14 -4.49
N GLY A 48 -7.00 4.35 -3.90
CA GLY A 48 -6.67 3.02 -4.43
C GLY A 48 -5.70 3.03 -5.62
N VAL A 49 -5.72 4.10 -6.42
CA VAL A 49 -4.90 4.20 -7.64
C VAL A 49 -3.44 3.78 -7.42
N VAL A 50 -2.83 4.27 -6.34
CA VAL A 50 -1.43 3.93 -6.03
C VAL A 50 -1.27 2.42 -5.75
N LEU A 51 -2.27 1.82 -5.09
CA LEU A 51 -2.26 0.37 -4.83
C LEU A 51 -2.37 -0.41 -6.15
N CYS A 52 -3.22 0.05 -7.05
CA CYS A 52 -3.36 -0.56 -8.37
C CYS A 52 -2.00 -0.60 -9.10
N ARG A 53 -1.35 0.57 -9.18
CA ARG A 53 0.00 0.66 -9.75
C ARG A 53 0.98 -0.28 -9.05
N LEU A 54 0.91 -0.29 -7.72
CA LEU A 54 1.74 -1.17 -6.89
C LEU A 54 1.60 -2.64 -7.32
N LEU A 55 0.36 -3.09 -7.50
CA LEU A 55 0.08 -4.46 -7.94
C LEU A 55 0.60 -4.69 -9.37
N GLU A 56 0.47 -3.70 -10.25
CA GLU A 56 0.99 -3.80 -11.62
C GLU A 56 2.52 -3.94 -11.62
N ARG A 57 3.17 -3.23 -10.71
CA ARG A 57 4.63 -3.24 -10.61
C ARG A 57 5.16 -4.61 -10.13
N LEU A 58 4.38 -5.25 -9.27
CA LEU A 58 4.74 -6.58 -8.73
C LEU A 58 4.16 -7.72 -9.59
N LEU A 59 2.83 -7.74 -9.71
CA LEU A 59 2.13 -8.72 -10.56
C LEU A 59 1.48 -8.03 -11.78
N PRO A 60 2.22 -7.84 -12.88
CA PRO A 60 1.72 -7.10 -14.06
C PRO A 60 0.58 -7.84 -14.80
N GLY A 61 -0.32 -7.05 -15.40
CA GLY A 61 -1.44 -7.63 -16.16
C GLY A 61 -2.62 -8.03 -15.28
N THR A 62 -2.47 -7.88 -13.97
CA THR A 62 -3.53 -8.26 -13.03
C THR A 62 -4.62 -7.18 -12.92
N ILE A 63 -4.23 -5.91 -13.08
CA ILE A 63 -5.18 -4.80 -13.03
C ILE A 63 -5.83 -4.58 -14.41
N GLU A 64 -6.93 -5.29 -14.64
CA GLU A 64 -7.67 -5.23 -15.91
C GLU A 64 -8.34 -3.86 -16.12
N LYS A 65 -8.76 -3.25 -15.01
CA LYS A 65 -9.41 -1.92 -15.06
C LYS A 65 -9.05 -1.11 -13.80
N VAL A 66 -8.98 0.21 -13.95
CA VAL A 66 -8.69 1.10 -12.83
C VAL A 66 -9.22 2.52 -13.09
N TYR A 67 -9.52 3.25 -12.02
CA TYR A 67 -9.91 4.66 -12.12
C TYR A 67 -8.79 5.58 -11.63
N PRO A 68 -7.85 5.98 -12.52
CA PRO A 68 -6.76 6.90 -12.15
C PRO A 68 -7.27 8.31 -11.86
N GLU A 69 -8.52 8.56 -12.24
CA GLU A 69 -9.20 9.83 -11.98
C GLU A 69 -10.56 9.58 -11.30
N PRO A 70 -10.56 9.23 -10.00
CA PRO A 70 -11.80 8.90 -9.26
C PRO A 70 -12.66 10.13 -8.93
N ARG A 71 -13.91 10.14 -9.39
CA ARG A 71 -14.86 11.21 -9.07
C ARG A 71 -15.80 10.81 -7.91
N SER A 72 -16.29 9.56 -7.95
CA SER A 72 -17.23 9.07 -6.94
C SER A 72 -16.61 7.99 -6.04
N GLU A 73 -17.18 7.83 -4.84
CA GLU A 73 -16.71 6.86 -3.85
C GLU A 73 -16.52 5.45 -4.44
N SER A 74 -17.54 4.96 -5.15
CA SER A 74 -17.51 3.61 -5.76
C SER A 74 -16.24 3.40 -6.61
N GLU A 75 -15.78 4.47 -7.25
CA GLU A 75 -14.56 4.40 -8.06
C GLU A 75 -13.32 4.10 -7.21
N CYS A 76 -13.14 4.88 -6.14
CA CYS A 76 -12.01 4.66 -5.22
C CYS A 76 -12.06 3.26 -4.60
N LEU A 77 -13.25 2.86 -4.14
CA LEU A 77 -13.46 1.52 -3.58
C LEU A 77 -13.15 0.43 -4.63
N SER A 78 -13.54 0.69 -5.88
CA SER A 78 -13.25 -0.24 -6.99
C SER A 78 -11.74 -0.45 -7.16
N ASN A 79 -10.99 0.65 -7.24
CA ASN A 79 -9.53 0.59 -7.36
C ASN A 79 -8.91 -0.27 -6.25
N ILE A 80 -9.33 -0.01 -5.01
CA ILE A 80 -8.84 -0.79 -3.87
C ILE A 80 -9.23 -2.27 -3.99
N ARG A 81 -10.46 -2.55 -4.42
CA ARG A 81 -10.94 -3.93 -4.52
C ARG A 81 -10.29 -4.71 -5.68
N GLU A 82 -9.92 -4.01 -6.76
CA GLU A 82 -9.14 -4.63 -7.82
C GLU A 82 -7.78 -5.10 -7.28
N PHE A 83 -7.17 -4.27 -6.43
CA PHE A 83 -5.94 -4.63 -5.71
C PHE A 83 -6.18 -5.83 -4.78
N LEU A 84 -7.24 -5.74 -3.97
CA LEU A 84 -7.61 -6.79 -3.03
C LEU A 84 -7.87 -8.13 -3.75
N ARG A 85 -8.52 -8.06 -4.91
CA ARG A 85 -8.85 -9.26 -5.69
C ARG A 85 -7.60 -9.91 -6.26
N GLY A 86 -6.75 -9.11 -6.93
CA GLY A 86 -5.51 -9.62 -7.49
C GLY A 86 -4.59 -10.23 -6.44
N CYS A 87 -4.26 -9.44 -5.42
CA CYS A 87 -3.42 -9.93 -4.31
C CYS A 87 -4.10 -11.10 -3.59
N GLY A 88 -5.40 -10.98 -3.35
CA GLY A 88 -6.16 -12.03 -2.67
C GLY A 88 -6.23 -13.35 -3.46
N ALA A 89 -6.21 -13.25 -4.79
CA ALA A 89 -6.29 -14.45 -5.64
C ALA A 89 -4.92 -15.13 -5.81
N SER A 90 -3.94 -14.37 -6.32
CA SER A 90 -2.61 -14.93 -6.62
C SER A 90 -1.74 -15.10 -5.36
N LEU A 91 -1.87 -14.16 -4.42
CA LEU A 91 -1.06 -14.20 -3.19
C LEU A 91 -1.85 -14.71 -1.98
N ARG A 92 -3.13 -14.35 -1.89
CA ARG A 92 -4.00 -14.73 -0.76
C ARG A 92 -3.37 -14.31 0.59
N LEU A 93 -2.61 -13.21 0.56
CA LEU A 93 -1.90 -12.70 1.73
C LEU A 93 -2.83 -11.98 2.72
N GLU A 94 -2.24 -11.37 3.75
CA GLU A 94 -2.99 -10.56 4.72
C GLU A 94 -3.70 -9.39 4.01
N THR A 95 -5.01 -9.48 3.85
CA THR A 95 -5.79 -8.47 3.12
C THR A 95 -6.59 -7.54 4.04
N PHE A 96 -7.40 -6.68 3.42
CA PHE A 96 -8.25 -5.73 4.14
C PHE A 96 -9.51 -5.38 3.33
N ASP A 97 -10.36 -4.52 3.86
CA ASP A 97 -11.56 -4.06 3.16
C ASP A 97 -11.36 -2.63 2.62
N ALA A 98 -12.01 -2.30 1.51
CA ALA A 98 -11.85 -0.99 0.86
C ALA A 98 -12.14 0.17 1.82
N ASN A 99 -13.10 -0.02 2.73
CA ASN A 99 -13.48 1.02 3.68
C ASN A 99 -12.44 1.21 4.79
N ASP A 100 -11.67 0.15 5.09
CA ASP A 100 -10.57 0.25 6.08
C ASP A 100 -9.61 1.38 5.71
N LEU A 101 -9.29 1.48 4.43
CA LEU A 101 -8.35 2.49 3.92
C LEU A 101 -9.06 3.79 3.51
N TYR A 102 -10.08 3.68 2.67
CA TYR A 102 -10.79 4.86 2.13
C TYR A 102 -11.48 5.68 3.24
N GLN A 103 -12.13 5.00 4.18
CA GLN A 103 -12.82 5.68 5.28
C GLN A 103 -11.91 5.80 6.52
N GLY A 104 -10.65 5.38 6.36
CA GLY A 104 -9.68 5.46 7.46
C GLY A 104 -10.10 4.68 8.71
N GLN A 105 -10.93 3.65 8.54
CA GLN A 105 -11.41 2.85 9.67
C GLN A 105 -10.28 2.03 10.31
N ASN A 106 -9.86 0.97 9.62
CA ASN A 106 -8.81 0.08 10.12
C ASN A 106 -7.55 0.17 9.25
N PHE A 107 -6.84 1.29 9.33
CA PHE A 107 -5.61 1.48 8.55
C PHE A 107 -4.53 0.46 8.97
N ASN A 108 -4.57 0.04 10.23
CA ASN A 108 -3.65 -1.00 10.73
C ASN A 108 -3.69 -2.27 9.86
N LYS A 109 -4.89 -2.67 9.43
CA LYS A 109 -5.05 -3.84 8.54
C LYS A 109 -4.47 -3.57 7.14
N VAL A 110 -4.48 -2.30 6.74
CA VAL A 110 -3.91 -1.89 5.44
C VAL A 110 -2.38 -1.87 5.52
N LEU A 111 -1.85 -1.22 6.56
CA LEU A 111 -0.41 -1.15 6.78
C LEU A 111 0.22 -2.55 6.88
N SER A 112 -0.43 -3.43 7.64
CA SER A 112 0.02 -4.83 7.76
C SER A 112 -0.03 -5.54 6.41
N SER A 113 -1.06 -5.25 5.62
CA SER A 113 -1.21 -5.81 4.27
C SER A 113 -0.05 -5.36 3.36
N LEU A 114 0.27 -4.07 3.40
CA LEU A 114 1.39 -3.52 2.63
C LEU A 114 2.71 -4.19 3.01
N VAL A 115 2.98 -4.27 4.32
CA VAL A 115 4.18 -4.96 4.82
C VAL A 115 4.21 -6.43 4.38
N THR A 116 3.05 -7.09 4.44
CA THR A 116 2.92 -8.49 4.00
C THR A 116 3.22 -8.62 2.50
N LEU A 117 2.70 -7.68 1.71
CA LEU A 117 2.94 -7.66 0.27
C LEU A 117 4.45 -7.50 -0.03
N ASN A 118 5.12 -6.72 0.81
CA ASN A 118 6.59 -6.61 0.74
C ASN A 118 7.27 -7.93 1.17
N LYS A 119 6.75 -8.53 2.24
CA LYS A 119 7.29 -9.80 2.77
C LYS A 119 7.28 -10.91 1.70
N VAL A 120 6.12 -11.14 1.09
CA VAL A 120 5.96 -12.22 0.11
C VAL A 120 6.80 -11.98 -1.16
N THR A 121 6.75 -10.77 -1.71
CA THR A 121 7.48 -10.45 -2.94
C THR A 121 8.99 -10.47 -2.72
N ALA A 122 9.45 -9.85 -1.63
CA ALA A 122 10.86 -9.86 -1.27
C ALA A 122 11.38 -11.28 -1.09
N ASP A 123 10.58 -12.14 -0.44
CA ASP A 123 10.92 -13.54 -0.23
C ASP A 123 11.06 -14.29 -1.57
N ILE A 124 10.18 -13.97 -2.52
CA ILE A 124 10.26 -14.56 -3.86
C ILE A 124 11.58 -14.17 -4.55
N GLY A 125 12.02 -12.93 -4.33
CA GLY A 125 13.29 -12.46 -4.89
C GLY A 125 13.12 -11.60 -6.12
N LEU A 126 12.85 -10.31 -5.92
CA LEU A 126 12.71 -9.35 -7.03
C LEU A 126 14.07 -8.72 -7.41
N MET A 1 11.12 28.27 5.01
CA MET A 1 9.86 27.46 5.02
C MET A 1 10.00 26.23 5.92
N GLY A 2 10.79 25.25 5.50
CA GLY A 2 10.94 24.01 6.27
C GLY A 2 12.16 23.21 5.87
N HIS A 3 13.27 23.40 6.59
CA HIS A 3 14.50 22.66 6.37
C HIS A 3 14.29 21.14 6.54
N HIS A 4 14.72 20.36 5.55
CA HIS A 4 14.62 18.91 5.60
C HIS A 4 15.62 18.31 6.62
N HIS A 5 15.26 18.42 7.89
CA HIS A 5 16.13 17.95 8.98
C HIS A 5 16.18 16.41 9.07
N HIS A 6 17.35 15.88 9.40
CA HIS A 6 17.52 14.43 9.51
C HIS A 6 17.07 13.90 10.88
N HIS A 7 16.22 12.89 10.87
CA HIS A 7 15.73 12.26 12.11
C HIS A 7 15.81 10.73 12.02
N HIS A 8 16.53 10.12 12.95
CA HIS A 8 16.67 8.66 13.00
C HIS A 8 15.30 7.99 13.25
N SER A 9 15.03 6.91 12.50
CA SER A 9 13.75 6.20 12.61
C SER A 9 13.76 5.16 13.75
N HIS A 10 12.61 4.95 14.37
CA HIS A 10 12.46 3.93 15.41
C HIS A 10 12.09 2.58 14.77
N MET A 11 10.79 2.38 14.50
CA MET A 11 10.32 1.21 13.77
C MET A 11 8.80 1.30 13.47
N ASN A 12 8.45 2.15 12.50
CA ASN A 12 7.08 2.19 11.99
C ASN A 12 7.00 1.45 10.65
N SER A 13 6.24 0.34 10.64
CA SER A 13 6.12 -0.51 9.44
C SER A 13 5.74 0.29 8.17
N ALA A 14 5.26 1.52 8.36
CA ALA A 14 4.92 2.40 7.24
C ALA A 14 6.16 3.05 6.60
N GLU A 15 7.16 3.42 7.41
CA GLU A 15 8.37 4.10 6.91
C GLU A 15 9.06 3.28 5.81
N GLN A 16 9.32 2.01 6.10
CA GLN A 16 9.94 1.09 5.14
C GLN A 16 9.05 0.92 3.88
N THR A 17 7.73 0.91 4.09
CA THR A 17 6.76 0.79 2.98
C THR A 17 6.81 2.02 2.06
N VAL A 18 6.87 3.22 2.65
CA VAL A 18 6.97 4.46 1.86
C VAL A 18 8.20 4.41 0.93
N THR A 19 9.36 4.11 1.51
CA THR A 19 10.60 3.98 0.75
C THR A 19 10.45 2.93 -0.38
N TRP A 20 9.77 1.83 -0.05
CA TRP A 20 9.49 0.76 -1.02
C TRP A 20 8.61 1.25 -2.18
N LEU A 21 7.59 2.06 -1.87
CA LEU A 21 6.70 2.62 -2.90
C LEU A 21 7.46 3.61 -3.80
N ILE A 22 8.40 4.36 -3.22
CA ILE A 22 9.20 5.32 -3.98
C ILE A 22 10.12 4.63 -5.00
N THR A 23 10.86 3.61 -4.56
CA THR A 23 11.79 2.89 -5.45
C THR A 23 11.03 2.16 -6.58
N LEU A 24 9.84 1.64 -6.27
CA LEU A 24 9.01 0.98 -7.30
C LEU A 24 8.40 2.01 -8.28
N GLY A 25 8.61 3.30 -8.00
CA GLY A 25 8.14 4.36 -8.90
C GLY A 25 6.63 4.53 -8.92
N VAL A 26 5.95 4.06 -7.87
CA VAL A 26 4.49 4.19 -7.78
C VAL A 26 4.08 5.43 -6.98
N LEU A 27 4.96 5.87 -6.08
CA LEU A 27 4.70 7.03 -5.22
C LEU A 27 5.77 8.12 -5.44
N GLU A 28 5.38 9.38 -5.25
CA GLU A 28 6.30 10.51 -5.38
C GLU A 28 7.34 10.53 -4.24
N SER A 29 8.50 11.14 -4.52
CA SER A 29 9.47 11.42 -3.46
C SER A 29 9.04 12.70 -2.72
N PRO A 30 8.81 12.59 -1.39
CA PRO A 30 8.24 13.69 -0.60
C PRO A 30 9.08 14.98 -0.59
N LYS A 31 8.40 16.12 -0.74
CA LYS A 31 9.02 17.44 -0.56
C LYS A 31 8.82 17.90 0.89
N LYS A 32 7.87 17.27 1.57
CA LYS A 32 7.58 17.52 2.98
C LYS A 32 8.37 16.57 3.88
N THR A 33 8.73 17.04 5.07
CA THR A 33 9.36 16.17 6.08
C THR A 33 8.31 15.27 6.72
N ILE A 34 8.16 14.05 6.20
CA ILE A 34 7.11 13.13 6.65
C ILE A 34 7.29 12.73 8.13
N SER A 35 6.47 13.33 8.99
CA SER A 35 6.47 13.01 10.42
C SER A 35 5.72 11.70 10.68
N ASP A 36 4.54 11.57 10.08
CA ASP A 36 3.71 10.36 10.19
C ASP A 36 3.53 9.69 8.82
N PRO A 37 4.29 8.60 8.56
CA PRO A 37 4.21 7.88 7.28
C PRO A 37 2.90 7.09 7.12
N GLU A 38 2.27 6.74 8.24
CA GLU A 38 1.03 5.95 8.23
C GLU A 38 -0.14 6.78 7.68
N GLY A 39 -0.32 7.99 8.21
CA GLY A 39 -1.35 8.89 7.68
C GLY A 39 -1.05 9.33 6.24
N PHE A 40 0.24 9.52 5.95
CA PHE A 40 0.69 9.84 4.60
C PHE A 40 0.28 8.74 3.59
N LEU A 41 0.53 7.48 3.95
CA LEU A 41 0.13 6.34 3.12
C LEU A 41 -1.39 6.26 2.97
N GLN A 42 -2.13 6.46 4.05
CA GLN A 42 -3.59 6.45 4.01
C GLN A 42 -4.13 7.48 2.99
N ALA A 43 -3.66 8.72 3.10
CA ALA A 43 -4.09 9.81 2.22
C ALA A 43 -3.70 9.54 0.75
N SER A 44 -2.56 8.89 0.55
CA SER A 44 -2.04 8.57 -0.80
C SER A 44 -2.78 7.38 -1.43
N LEU A 45 -2.80 6.26 -0.72
CA LEU A 45 -3.44 5.02 -1.21
C LEU A 45 -4.97 5.13 -1.20
N LYS A 46 -5.48 6.19 -0.58
CA LYS A 46 -6.93 6.44 -0.46
C LYS A 46 -7.68 6.26 -1.79
N ASP A 47 -7.22 6.95 -2.84
CA ASP A 47 -7.87 6.90 -4.14
C ASP A 47 -7.67 5.55 -4.85
N GLY A 48 -6.83 4.69 -4.27
CA GLY A 48 -6.62 3.34 -4.81
C GLY A 48 -5.67 3.28 -6.00
N VAL A 49 -5.51 4.40 -6.71
CA VAL A 49 -4.67 4.44 -7.93
C VAL A 49 -3.22 4.02 -7.65
N VAL A 50 -2.65 4.50 -6.55
CA VAL A 50 -1.28 4.12 -6.17
C VAL A 50 -1.18 2.61 -5.89
N LEU A 51 -2.22 2.06 -5.24
CA LEU A 51 -2.30 0.61 -4.98
C LEU A 51 -2.25 -0.20 -6.29
N CYS A 52 -3.06 0.21 -7.26
CA CYS A 52 -3.10 -0.45 -8.56
C CYS A 52 -1.72 -0.42 -9.24
N ARG A 53 -1.07 0.75 -9.23
CA ARG A 53 0.31 0.88 -9.72
C ARG A 53 1.25 -0.10 -8.99
N LEU A 54 1.15 -0.14 -7.67
CA LEU A 54 1.96 -1.03 -6.83
C LEU A 54 1.84 -2.50 -7.26
N LEU A 55 0.60 -2.98 -7.37
CA LEU A 55 0.36 -4.37 -7.76
C LEU A 55 0.83 -4.65 -9.19
N GLU A 56 0.68 -3.67 -10.08
CA GLU A 56 1.10 -3.82 -11.48
C GLU A 56 2.63 -3.88 -11.64
N ARG A 57 3.37 -3.29 -10.69
CA ARG A 57 4.83 -3.39 -10.70
C ARG A 57 5.29 -4.81 -10.34
N LEU A 58 4.70 -5.36 -9.28
CA LEU A 58 5.03 -6.71 -8.81
C LEU A 58 4.43 -7.78 -9.72
N LEU A 59 3.11 -7.72 -9.91
CA LEU A 59 2.39 -8.64 -10.79
C LEU A 59 1.69 -7.87 -11.94
N PRO A 60 2.39 -7.63 -13.07
CA PRO A 60 1.84 -6.83 -14.18
C PRO A 60 0.65 -7.49 -14.90
N GLY A 61 -0.48 -6.78 -14.96
CA GLY A 61 -1.66 -7.29 -15.64
C GLY A 61 -2.64 -7.98 -14.70
N THR A 62 -2.57 -7.65 -13.41
CA THR A 62 -3.46 -8.24 -12.40
C THR A 62 -4.67 -7.33 -12.13
N ILE A 63 -4.45 -6.01 -12.18
CA ILE A 63 -5.54 -5.04 -12.03
C ILE A 63 -6.45 -5.05 -13.27
N GLU A 64 -7.63 -5.65 -13.14
CA GLU A 64 -8.56 -5.81 -14.26
C GLU A 64 -9.02 -4.45 -14.82
N LYS A 65 -9.55 -3.59 -13.94
CA LYS A 65 -10.02 -2.26 -14.36
C LYS A 65 -9.84 -1.22 -13.24
N VAL A 66 -8.83 -0.36 -13.38
CA VAL A 66 -8.62 0.75 -12.43
C VAL A 66 -9.17 2.07 -13.00
N TYR A 67 -9.66 2.93 -12.12
CA TYR A 67 -10.10 4.26 -12.50
C TYR A 67 -9.11 5.31 -11.99
N PRO A 68 -8.14 5.73 -12.84
CA PRO A 68 -7.12 6.73 -12.46
C PRO A 68 -7.73 8.09 -12.10
N GLU A 69 -8.96 8.31 -12.56
CA GLU A 69 -9.71 9.54 -12.24
C GLU A 69 -11.06 9.22 -11.60
N PRO A 70 -11.08 8.82 -10.31
CA PRO A 70 -12.31 8.45 -9.61
C PRO A 70 -13.13 9.68 -9.18
N ARG A 71 -14.25 9.92 -9.85
CA ARG A 71 -15.09 11.09 -9.57
C ARG A 71 -16.14 10.77 -8.50
N SER A 72 -16.43 9.49 -8.30
CA SER A 72 -17.36 9.04 -7.27
C SER A 72 -16.68 8.07 -6.29
N GLU A 73 -17.14 8.10 -5.03
CA GLU A 73 -16.58 7.25 -3.96
C GLU A 73 -16.49 5.77 -4.39
N SER A 74 -17.54 5.28 -5.05
CA SER A 74 -17.59 3.88 -5.53
C SER A 74 -16.37 3.52 -6.39
N GLU A 75 -15.94 4.44 -7.25
CA GLU A 75 -14.78 4.21 -8.13
C GLU A 75 -13.51 4.04 -7.30
N CYS A 76 -13.29 4.94 -6.35
CA CYS A 76 -12.14 4.86 -5.45
C CYS A 76 -12.09 3.49 -4.74
N LEU A 77 -13.24 3.09 -4.18
CA LEU A 77 -13.36 1.79 -3.52
C LEU A 77 -13.11 0.62 -4.49
N SER A 78 -13.54 0.79 -5.74
CA SER A 78 -13.31 -0.24 -6.77
C SER A 78 -11.82 -0.43 -7.05
N ASN A 79 -11.07 0.67 -7.09
CA ASN A 79 -9.62 0.61 -7.28
C ASN A 79 -8.94 -0.22 -6.18
N ILE A 80 -9.28 0.07 -4.93
CA ILE A 80 -8.78 -0.69 -3.78
C ILE A 80 -9.25 -2.16 -3.86
N ARG A 81 -10.51 -2.34 -4.24
CA ARG A 81 -11.10 -3.68 -4.42
C ARG A 81 -10.26 -4.56 -5.37
N GLU A 82 -9.95 -4.06 -6.56
CA GLU A 82 -9.15 -4.82 -7.52
C GLU A 82 -7.78 -5.19 -6.95
N PHE A 83 -7.20 -4.29 -6.16
CA PHE A 83 -5.94 -4.56 -5.47
C PHE A 83 -6.08 -5.73 -4.48
N LEU A 84 -7.15 -5.70 -3.70
CA LEU A 84 -7.46 -6.78 -2.74
C LEU A 84 -7.70 -8.11 -3.47
N ARG A 85 -8.53 -8.08 -4.50
CA ARG A 85 -8.89 -9.26 -5.28
C ARG A 85 -7.66 -9.88 -5.96
N GLY A 86 -6.82 -9.04 -6.56
CA GLY A 86 -5.59 -9.52 -7.20
C GLY A 86 -4.62 -10.15 -6.22
N CYS A 87 -4.25 -9.40 -5.19
CA CYS A 87 -3.36 -9.90 -4.13
C CYS A 87 -3.93 -11.16 -3.46
N GLY A 88 -5.24 -11.17 -3.26
CA GLY A 88 -5.90 -12.33 -2.66
C GLY A 88 -6.04 -13.51 -3.59
N ALA A 89 -5.90 -13.28 -4.91
CA ALA A 89 -5.98 -14.35 -5.90
C ALA A 89 -4.67 -15.15 -5.99
N SER A 90 -3.56 -14.44 -6.24
CA SER A 90 -2.25 -15.09 -6.38
C SER A 90 -1.55 -15.27 -5.03
N LEU A 91 -1.23 -14.14 -4.37
CA LEU A 91 -0.51 -14.17 -3.09
C LEU A 91 -1.38 -14.71 -1.95
N ARG A 92 -2.70 -14.51 -2.05
CA ARG A 92 -3.67 -15.07 -1.11
C ARG A 92 -3.36 -14.70 0.36
N LEU A 93 -2.71 -13.55 0.54
CA LEU A 93 -2.35 -13.06 1.88
C LEU A 93 -3.56 -12.49 2.63
N GLU A 94 -3.35 -12.12 3.89
CA GLU A 94 -4.40 -11.51 4.70
C GLU A 94 -4.70 -10.07 4.22
N THR A 95 -5.82 -9.92 3.50
CA THR A 95 -6.18 -8.63 2.89
C THR A 95 -7.01 -7.75 3.84
N PHE A 96 -7.13 -6.47 3.49
CA PHE A 96 -7.91 -5.51 4.28
C PHE A 96 -9.22 -5.13 3.58
N ASP A 97 -10.00 -4.25 4.19
CA ASP A 97 -11.26 -3.75 3.60
C ASP A 97 -11.04 -2.37 2.96
N ALA A 98 -11.71 -2.13 1.83
CA ALA A 98 -11.57 -0.87 1.08
C ALA A 98 -12.00 0.35 1.90
N ASN A 99 -13.14 0.22 2.58
CA ASN A 99 -13.72 1.32 3.37
C ASN A 99 -12.73 1.84 4.43
N ASP A 100 -12.03 0.94 5.10
CA ASP A 100 -11.06 1.32 6.14
C ASP A 100 -9.97 2.25 5.62
N LEU A 101 -9.43 1.95 4.45
CA LEU A 101 -8.39 2.79 3.86
C LEU A 101 -8.96 4.13 3.34
N TYR A 102 -10.03 4.04 2.53
CA TYR A 102 -10.62 5.23 1.91
C TYR A 102 -11.20 6.21 2.96
N GLN A 103 -11.80 5.67 4.01
CA GLN A 103 -12.41 6.50 5.06
C GLN A 103 -11.45 6.75 6.23
N GLY A 104 -10.32 6.02 6.26
CA GLY A 104 -9.36 6.17 7.35
C GLY A 104 -9.87 5.60 8.68
N GLN A 105 -10.56 4.46 8.60
CA GLN A 105 -11.12 3.81 9.80
C GLN A 105 -10.01 3.02 10.55
N ASN A 106 -9.64 1.87 9.99
CA ASN A 106 -8.55 1.05 10.55
C ASN A 106 -7.41 0.89 9.54
N PHE A 107 -6.34 1.67 9.71
CA PHE A 107 -5.20 1.62 8.79
C PHE A 107 -4.30 0.40 9.08
N ASN A 108 -4.29 -0.05 10.34
CA ASN A 108 -3.47 -1.19 10.75
C ASN A 108 -3.67 -2.41 9.84
N LYS A 109 -4.92 -2.69 9.48
CA LYS A 109 -5.23 -3.81 8.56
C LYS A 109 -4.57 -3.59 7.19
N VAL A 110 -4.60 -2.34 6.73
CA VAL A 110 -3.97 -1.97 5.45
C VAL A 110 -2.45 -2.16 5.51
N LEU A 111 -1.84 -1.61 6.56
CA LEU A 111 -0.38 -1.65 6.73
C LEU A 111 0.16 -3.10 6.78
N SER A 112 -0.54 -3.97 7.49
CA SER A 112 -0.18 -5.40 7.54
C SER A 112 -0.17 -6.03 6.15
N SER A 113 -1.15 -5.66 5.33
CA SER A 113 -1.23 -6.15 3.95
C SER A 113 -0.09 -5.60 3.08
N LEU A 114 0.26 -4.33 3.29
CA LEU A 114 1.37 -3.70 2.57
C LEU A 114 2.72 -4.36 2.90
N VAL A 115 3.01 -4.47 4.20
CA VAL A 115 4.25 -5.11 4.66
C VAL A 115 4.36 -6.56 4.16
N THR A 116 3.30 -7.34 4.35
CA THR A 116 3.27 -8.73 3.86
C THR A 116 3.45 -8.79 2.34
N LEU A 117 2.79 -7.86 1.62
CA LEU A 117 2.96 -7.75 0.16
C LEU A 117 4.45 -7.62 -0.22
N ASN A 118 5.16 -6.74 0.49
CA ASN A 118 6.60 -6.58 0.29
C ASN A 118 7.35 -7.88 0.59
N LYS A 119 7.07 -8.46 1.75
CA LYS A 119 7.76 -9.68 2.22
C LYS A 119 7.58 -10.86 1.25
N VAL A 120 6.34 -11.17 0.88
CA VAL A 120 6.06 -12.33 0.02
C VAL A 120 6.68 -12.19 -1.38
N THR A 121 6.68 -10.96 -1.91
CA THR A 121 7.28 -10.70 -3.24
C THR A 121 8.80 -10.62 -3.14
N ALA A 122 9.31 -10.02 -2.06
CA ALA A 122 10.75 -10.03 -1.78
C ALA A 122 11.27 -11.47 -1.69
N ASP A 123 10.48 -12.32 -1.04
CA ASP A 123 10.77 -13.75 -0.94
C ASP A 123 10.82 -14.41 -2.32
N ILE A 124 10.11 -13.83 -3.29
CA ILE A 124 10.18 -14.28 -4.69
C ILE A 124 11.47 -13.79 -5.36
N GLY A 125 11.90 -12.57 -5.02
CA GLY A 125 13.17 -12.05 -5.54
C GLY A 125 13.15 -10.57 -5.90
N LEU A 126 12.99 -9.70 -4.90
CA LEU A 126 13.06 -8.24 -5.10
C LEU A 126 14.47 -7.70 -4.83
N MET A 1 10.57 -5.35 25.08
CA MET A 1 10.80 -5.17 26.54
C MET A 1 12.27 -4.80 26.83
N GLY A 2 13.19 -5.62 26.33
CA GLY A 2 14.61 -5.40 26.58
C GLY A 2 15.23 -4.36 25.63
N HIS A 3 14.75 -3.12 25.69
CA HIS A 3 15.36 -2.03 24.93
C HIS A 3 16.80 -1.76 25.38
N HIS A 4 17.74 -2.53 24.82
CA HIS A 4 19.13 -2.51 25.28
C HIS A 4 19.90 -1.25 24.83
N HIS A 5 20.01 -0.27 25.75
CA HIS A 5 20.85 0.92 25.56
C HIS A 5 20.69 1.58 24.17
N HIS A 6 19.44 1.75 23.73
CA HIS A 6 19.13 2.40 22.44
C HIS A 6 19.66 1.62 21.21
N HIS A 7 20.27 0.46 21.44
CA HIS A 7 20.70 -0.42 20.35
C HIS A 7 19.48 -1.02 19.63
N HIS A 8 18.39 -1.19 20.39
CA HIS A 8 17.12 -1.65 19.84
C HIS A 8 16.32 -0.47 19.25
N SER A 9 16.32 -0.36 17.92
CA SER A 9 15.63 0.74 17.24
C SER A 9 14.32 0.29 16.59
N HIS A 10 13.24 1.01 16.85
CA HIS A 10 11.95 0.71 16.21
C HIS A 10 11.63 1.74 15.11
N MET A 11 11.88 1.38 13.86
CA MET A 11 11.43 2.18 12.73
C MET A 11 9.98 1.84 12.38
N ASN A 12 9.17 2.85 12.11
CA ASN A 12 7.77 2.62 11.75
C ASN A 12 7.68 1.84 10.44
N SER A 13 6.93 0.73 10.43
CA SER A 13 6.74 -0.07 9.22
C SER A 13 6.25 0.80 8.05
N ALA A 14 5.58 1.90 8.37
CA ALA A 14 5.12 2.85 7.36
C ALA A 14 6.28 3.53 6.64
N GLU A 15 7.36 3.85 7.39
CA GLU A 15 8.53 4.54 6.83
C GLU A 15 9.08 3.81 5.59
N GLN A 16 9.45 2.54 5.74
CA GLN A 16 9.99 1.76 4.64
C GLN A 16 8.94 1.56 3.52
N THR A 17 7.66 1.49 3.90
CA THR A 17 6.57 1.36 2.93
C THR A 17 6.51 2.59 2.00
N VAL A 18 6.72 3.78 2.56
CA VAL A 18 6.80 5.00 1.75
C VAL A 18 7.90 4.89 0.70
N THR A 19 9.13 4.64 1.15
CA THR A 19 10.27 4.44 0.25
C THR A 19 10.01 3.31 -0.76
N TRP A 20 9.34 2.26 -0.29
CA TRP A 20 8.98 1.11 -1.13
C TRP A 20 8.06 1.53 -2.30
N LEU A 21 7.05 2.33 -2.00
CA LEU A 21 6.14 2.85 -3.03
C LEU A 21 6.88 3.79 -4.01
N ILE A 22 7.86 4.53 -3.49
CA ILE A 22 8.67 5.44 -4.31
C ILE A 22 9.58 4.67 -5.29
N THR A 23 10.32 3.69 -4.78
CA THR A 23 11.27 2.92 -5.60
C THR A 23 10.56 2.11 -6.71
N LEU A 24 9.33 1.68 -6.43
CA LEU A 24 8.54 0.95 -7.43
C LEU A 24 7.91 1.91 -8.46
N GLY A 25 8.09 3.21 -8.25
CA GLY A 25 7.58 4.21 -9.19
C GLY A 25 6.07 4.43 -9.09
N VAL A 26 5.42 3.85 -8.08
CA VAL A 26 3.96 3.93 -7.95
C VAL A 26 3.53 5.21 -7.21
N LEU A 27 4.41 5.71 -6.33
CA LEU A 27 4.16 6.93 -5.58
C LEU A 27 5.33 7.91 -5.72
N GLU A 28 5.03 9.20 -5.77
CA GLU A 28 6.06 10.24 -5.89
C GLU A 28 6.84 10.43 -4.57
N SER A 29 8.01 11.03 -4.67
CA SER A 29 8.87 11.27 -3.50
C SER A 29 8.45 12.56 -2.75
N PRO A 30 8.46 12.54 -1.41
CA PRO A 30 8.09 13.71 -0.59
C PRO A 30 9.11 14.86 -0.70
N LYS A 31 8.74 16.02 -0.18
CA LYS A 31 9.60 17.22 -0.26
C LYS A 31 10.39 17.41 1.03
N LYS A 32 9.71 17.30 2.18
CA LYS A 32 10.35 17.54 3.49
C LYS A 32 10.07 16.40 4.48
N THR A 33 10.30 16.65 5.77
CA THR A 33 10.14 15.64 6.82
C THR A 33 8.67 15.21 7.00
N ILE A 34 8.40 13.93 6.75
CA ILE A 34 7.06 13.37 6.98
C ILE A 34 6.83 13.08 8.47
N SER A 35 5.96 13.87 9.11
CA SER A 35 5.68 13.69 10.55
C SER A 35 4.79 12.48 10.80
N ASP A 36 3.82 12.24 9.91
CA ASP A 36 2.92 11.10 10.02
C ASP A 36 3.04 10.16 8.81
N PRO A 37 3.93 9.14 8.89
CA PRO A 37 4.13 8.19 7.78
C PRO A 37 2.86 7.36 7.47
N GLU A 38 2.25 6.78 8.50
CA GLU A 38 1.00 6.03 8.34
C GLU A 38 -0.10 6.91 7.74
N GLY A 39 -0.26 8.13 8.29
CA GLY A 39 -1.24 9.08 7.75
C GLY A 39 -0.94 9.47 6.29
N PHE A 40 0.34 9.64 5.99
CA PHE A 40 0.79 9.95 4.63
C PHE A 40 0.38 8.84 3.64
N LEU A 41 0.64 7.59 4.03
CA LEU A 41 0.27 6.43 3.20
C LEU A 41 -1.25 6.37 2.97
N GLN A 42 -2.02 6.50 4.05
CA GLN A 42 -3.49 6.48 3.96
C GLN A 42 -4.00 7.52 2.95
N ALA A 43 -3.53 8.76 3.06
CA ALA A 43 -3.95 9.85 2.17
C ALA A 43 -3.51 9.62 0.71
N SER A 44 -2.38 8.93 0.53
CA SER A 44 -1.84 8.65 -0.81
C SER A 44 -2.53 7.45 -1.47
N LEU A 45 -2.93 6.47 -0.66
CA LEU A 45 -3.56 5.23 -1.15
C LEU A 45 -5.10 5.33 -1.16
N LYS A 46 -5.62 6.40 -0.55
CA LYS A 46 -7.07 6.60 -0.38
C LYS A 46 -7.86 6.45 -1.70
N ASP A 47 -7.31 6.97 -2.80
CA ASP A 47 -7.97 6.90 -4.12
C ASP A 47 -7.74 5.56 -4.83
N GLY A 48 -6.90 4.70 -4.26
CA GLY A 48 -6.69 3.35 -4.79
C GLY A 48 -5.73 3.26 -5.97
N VAL A 49 -5.64 4.33 -6.77
CA VAL A 49 -4.81 4.31 -8.00
C VAL A 49 -3.37 3.86 -7.72
N VAL A 50 -2.76 4.37 -6.66
CA VAL A 50 -1.40 3.98 -6.28
C VAL A 50 -1.30 2.47 -5.98
N LEU A 51 -2.36 1.91 -5.39
CA LEU A 51 -2.41 0.47 -5.10
C LEU A 51 -2.46 -0.35 -6.40
N CYS A 52 -3.26 0.10 -7.36
CA CYS A 52 -3.35 -0.53 -8.68
C CYS A 52 -1.97 -0.55 -9.35
N ARG A 53 -1.26 0.58 -9.28
CA ARG A 53 0.13 0.67 -9.76
C ARG A 53 1.02 -0.36 -9.04
N LEU A 54 0.88 -0.39 -7.70
CA LEU A 54 1.66 -1.28 -6.85
C LEU A 54 1.54 -2.76 -7.28
N LEU A 55 0.31 -3.22 -7.45
CA LEU A 55 0.06 -4.61 -7.85
C LEU A 55 0.57 -4.88 -9.28
N GLU A 56 0.45 -3.89 -10.17
CA GLU A 56 0.97 -4.02 -11.53
C GLU A 56 2.50 -4.08 -11.58
N ARG A 57 3.16 -3.47 -10.60
CA ARG A 57 4.63 -3.49 -10.54
C ARG A 57 5.16 -4.84 -10.00
N LEU A 58 4.42 -5.42 -9.06
CA LEU A 58 4.81 -6.71 -8.46
C LEU A 58 4.25 -7.89 -9.29
N LEU A 59 2.96 -7.83 -9.60
CA LEU A 59 2.30 -8.84 -10.46
C LEU A 59 1.70 -8.17 -11.71
N PRO A 60 2.50 -7.98 -12.77
CA PRO A 60 2.06 -7.27 -14.00
C PRO A 60 0.89 -7.95 -14.73
N GLY A 61 -0.19 -7.19 -14.96
CA GLY A 61 -1.33 -7.73 -15.69
C GLY A 61 -2.37 -8.41 -14.79
N THR A 62 -2.56 -7.88 -13.59
CA THR A 62 -3.54 -8.44 -12.64
C THR A 62 -4.78 -7.54 -12.48
N ILE A 63 -4.57 -6.23 -12.45
CA ILE A 63 -5.68 -5.27 -12.31
C ILE A 63 -6.57 -5.25 -13.57
N GLU A 64 -7.87 -5.44 -13.40
CA GLU A 64 -8.82 -5.45 -14.52
C GLU A 64 -9.30 -4.02 -14.85
N LYS A 65 -9.78 -3.33 -13.82
CA LYS A 65 -10.31 -1.96 -13.98
C LYS A 65 -9.66 -0.98 -12.99
N VAL A 66 -9.28 0.20 -13.48
CA VAL A 66 -8.76 1.27 -12.62
C VAL A 66 -9.21 2.64 -13.12
N TYR A 67 -9.51 3.54 -12.18
CA TYR A 67 -9.87 4.92 -12.51
C TYR A 67 -8.77 5.89 -12.06
N PRO A 68 -7.91 6.34 -13.00
CA PRO A 68 -6.78 7.23 -12.68
C PRO A 68 -7.22 8.56 -12.05
N GLU A 69 -8.48 8.92 -12.29
CA GLU A 69 -9.07 10.14 -11.73
C GLU A 69 -10.49 9.85 -11.17
N PRO A 70 -10.57 9.35 -9.92
CA PRO A 70 -11.86 9.01 -9.28
C PRO A 70 -12.71 10.26 -8.97
N ARG A 71 -13.97 10.26 -9.42
CA ARG A 71 -14.88 11.38 -9.18
C ARG A 71 -15.87 11.08 -8.05
N SER A 72 -15.85 9.84 -7.56
CA SER A 72 -16.72 9.46 -6.44
C SER A 72 -16.25 8.15 -5.77
N GLU A 73 -16.83 7.87 -4.60
CA GLU A 73 -16.49 6.69 -3.80
C GLU A 73 -16.52 5.38 -4.61
N SER A 74 -17.47 5.28 -5.54
CA SER A 74 -17.63 4.06 -6.36
C SER A 74 -16.36 3.76 -7.19
N GLU A 75 -15.65 4.80 -7.62
CA GLU A 75 -14.38 4.60 -8.34
C GLU A 75 -13.26 4.20 -7.36
N CYS A 76 -13.12 4.97 -6.27
CA CYS A 76 -12.06 4.72 -5.27
C CYS A 76 -12.09 3.28 -4.76
N LEU A 77 -13.26 2.83 -4.30
CA LEU A 77 -13.42 1.46 -3.79
C LEU A 77 -13.07 0.41 -4.84
N SER A 78 -13.41 0.68 -6.10
CA SER A 78 -13.09 -0.23 -7.21
C SER A 78 -11.58 -0.44 -7.33
N ASN A 79 -10.84 0.67 -7.45
CA ASN A 79 -9.38 0.62 -7.60
C ASN A 79 -8.73 -0.20 -6.47
N ILE A 80 -9.23 -0.04 -5.25
CA ILE A 80 -8.71 -0.76 -4.08
C ILE A 80 -9.08 -2.25 -4.13
N ARG A 81 -10.34 -2.56 -4.43
CA ARG A 81 -10.82 -3.95 -4.44
C ARG A 81 -10.14 -4.80 -5.53
N GLU A 82 -9.81 -4.18 -6.67
CA GLU A 82 -9.02 -4.85 -7.71
C GLU A 82 -7.67 -5.33 -7.14
N PHE A 83 -7.02 -4.44 -6.40
CA PHE A 83 -5.78 -4.76 -5.68
C PHE A 83 -5.99 -5.92 -4.71
N LEU A 84 -7.06 -5.82 -3.91
CA LEU A 84 -7.41 -6.85 -2.92
C LEU A 84 -7.69 -8.21 -3.59
N ARG A 85 -8.28 -8.17 -4.78
CA ARG A 85 -8.59 -9.41 -5.52
C ARG A 85 -7.31 -10.15 -5.92
N GLY A 86 -6.41 -9.45 -6.61
CA GLY A 86 -5.17 -10.06 -7.08
C GLY A 86 -4.29 -10.61 -5.95
N CYS A 87 -4.11 -9.82 -4.89
CA CYS A 87 -3.30 -10.24 -3.75
C CYS A 87 -3.88 -11.50 -3.07
N GLY A 88 -5.20 -11.55 -2.92
CA GLY A 88 -5.84 -12.71 -2.31
C GLY A 88 -5.86 -13.95 -3.20
N ALA A 89 -5.98 -13.74 -4.51
CA ALA A 89 -6.03 -14.85 -5.46
C ALA A 89 -4.64 -15.43 -5.76
N SER A 90 -3.69 -14.56 -6.11
CA SER A 90 -2.34 -15.00 -6.50
C SER A 90 -1.44 -15.27 -5.29
N LEU A 91 -1.20 -14.24 -4.48
CA LEU A 91 -0.29 -14.35 -3.32
C LEU A 91 -0.95 -15.00 -2.10
N ARG A 92 -2.28 -15.14 -2.13
CA ARG A 92 -3.02 -15.82 -1.06
C ARG A 92 -2.83 -15.14 0.32
N LEU A 93 -2.41 -13.87 0.31
CA LEU A 93 -2.16 -13.14 1.55
C LEU A 93 -3.45 -12.50 2.09
N GLU A 94 -3.42 -12.08 3.35
CA GLU A 94 -4.60 -11.49 3.99
C GLU A 94 -4.88 -10.08 3.47
N THR A 95 -6.07 -9.88 2.95
CA THR A 95 -6.46 -8.61 2.33
C THR A 95 -7.26 -7.74 3.31
N PHE A 96 -7.01 -6.43 3.27
CA PHE A 96 -7.75 -5.47 4.09
C PHE A 96 -9.07 -5.09 3.41
N ASP A 97 -9.84 -4.24 4.07
CA ASP A 97 -11.12 -3.79 3.52
C ASP A 97 -10.99 -2.36 2.95
N ALA A 98 -11.47 -2.17 1.73
CA ALA A 98 -11.38 -0.87 1.05
C ALA A 98 -11.93 0.27 1.91
N ASN A 99 -12.98 -0.02 2.66
CA ASN A 99 -13.64 0.99 3.52
C ASN A 99 -12.71 1.51 4.62
N ASP A 100 -11.90 0.63 5.20
CA ASP A 100 -10.95 1.04 6.26
C ASP A 100 -9.93 2.08 5.74
N LEU A 101 -9.39 1.83 4.56
CA LEU A 101 -8.42 2.74 3.95
C LEU A 101 -9.09 4.05 3.51
N TYR A 102 -10.19 3.94 2.76
CA TYR A 102 -10.87 5.10 2.19
C TYR A 102 -11.54 5.98 3.27
N GLN A 103 -12.05 5.36 4.33
CA GLN A 103 -12.73 6.09 5.41
C GLN A 103 -11.80 6.31 6.63
N GLY A 104 -10.55 5.91 6.51
CA GLY A 104 -9.59 6.07 7.60
C GLY A 104 -9.99 5.37 8.89
N GLN A 105 -10.61 4.20 8.77
CA GLN A 105 -11.09 3.44 9.94
C GLN A 105 -9.95 2.66 10.61
N ASN A 106 -9.64 1.46 10.11
CA ASN A 106 -8.54 0.65 10.65
C ASN A 106 -7.40 0.53 9.62
N PHE A 107 -6.51 1.52 9.61
CA PHE A 107 -5.38 1.53 8.68
C PHE A 107 -4.37 0.41 8.99
N ASN A 108 -4.27 0.04 10.27
CA ASN A 108 -3.37 -1.04 10.70
C ASN A 108 -3.52 -2.32 9.84
N LYS A 109 -4.76 -2.70 9.52
CA LYS A 109 -5.00 -3.85 8.63
C LYS A 109 -4.39 -3.62 7.24
N VAL A 110 -4.52 -2.38 6.75
CA VAL A 110 -3.95 -1.99 5.46
C VAL A 110 -2.42 -2.08 5.47
N LEU A 111 -1.80 -1.39 6.44
CA LEU A 111 -0.35 -1.37 6.59
C LEU A 111 0.23 -2.79 6.71
N SER A 112 -0.39 -3.62 7.55
CA SER A 112 0.05 -5.02 7.72
C SER A 112 -0.04 -5.81 6.41
N SER A 113 -1.09 -5.56 5.63
CA SER A 113 -1.26 -6.20 4.33
C SER A 113 -0.18 -5.75 3.35
N LEU A 114 0.14 -4.45 3.37
CA LEU A 114 1.21 -3.90 2.54
C LEU A 114 2.58 -4.51 2.90
N VAL A 115 2.86 -4.57 4.20
CA VAL A 115 4.10 -5.19 4.70
C VAL A 115 4.18 -6.66 4.25
N THR A 116 3.07 -7.39 4.38
CA THR A 116 3.00 -8.77 3.92
C THR A 116 3.25 -8.86 2.41
N LEU A 117 2.64 -7.95 1.66
CA LEU A 117 2.84 -7.87 0.21
C LEU A 117 4.33 -7.71 -0.13
N ASN A 118 5.02 -6.86 0.62
CA ASN A 118 6.48 -6.68 0.47
C ASN A 118 7.24 -7.97 0.81
N LYS A 119 6.88 -8.59 1.94
CA LYS A 119 7.56 -9.80 2.41
C LYS A 119 7.40 -10.99 1.45
N VAL A 120 6.19 -11.21 0.93
CA VAL A 120 5.92 -12.35 0.05
C VAL A 120 6.59 -12.17 -1.33
N THR A 121 6.61 -10.95 -1.84
CA THR A 121 7.28 -10.67 -3.12
C THR A 121 8.81 -10.70 -2.96
N ALA A 122 9.31 -10.11 -1.88
CA ALA A 122 10.74 -10.16 -1.55
C ALA A 122 11.22 -11.62 -1.40
N ASP A 123 10.35 -12.47 -0.87
CA ASP A 123 10.63 -13.91 -0.71
C ASP A 123 11.00 -14.56 -2.05
N ILE A 124 10.34 -14.12 -3.13
CA ILE A 124 10.63 -14.62 -4.48
C ILE A 124 12.09 -14.32 -4.89
N GLY A 125 12.65 -13.23 -4.34
CA GLY A 125 14.01 -12.83 -4.69
C GLY A 125 14.04 -11.67 -5.69
N LEU A 126 13.48 -10.52 -5.29
CA LEU A 126 13.41 -9.34 -6.17
C LEU A 126 14.80 -8.70 -6.38
N MET A 1 13.99 -11.15 24.10
CA MET A 1 15.23 -10.44 24.52
C MET A 1 14.96 -8.95 24.77
N GLY A 2 15.76 -8.32 25.63
CA GLY A 2 15.58 -6.90 25.95
C GLY A 2 15.46 -6.66 27.45
N HIS A 3 16.59 -6.68 28.15
CA HIS A 3 16.63 -6.45 29.60
C HIS A 3 16.83 -4.96 29.94
N HIS A 4 18.02 -4.43 29.61
CA HIS A 4 18.31 -3.00 29.82
C HIS A 4 17.89 -2.18 28.58
N HIS A 5 17.93 -2.81 27.41
CA HIS A 5 17.45 -2.16 26.18
C HIS A 5 16.06 -2.68 25.81
N HIS A 6 15.04 -1.83 25.99
CA HIS A 6 13.67 -2.22 25.66
C HIS A 6 13.52 -2.53 24.16
N HIS A 7 13.03 -3.73 23.85
CA HIS A 7 12.86 -4.16 22.46
C HIS A 7 11.86 -3.24 21.74
N HIS A 8 12.38 -2.29 20.96
CA HIS A 8 11.55 -1.27 20.32
C HIS A 8 11.78 -1.25 18.80
N SER A 9 10.71 -1.03 18.05
CA SER A 9 10.78 -0.90 16.59
C SER A 9 11.67 0.28 16.19
N HIS A 10 12.89 -0.02 15.73
CA HIS A 10 13.84 1.01 15.31
C HIS A 10 13.28 1.83 14.14
N MET A 11 12.57 1.16 13.24
CA MET A 11 11.87 1.82 12.12
C MET A 11 10.42 1.34 12.03
N ASN A 12 9.48 2.27 11.95
CA ASN A 12 8.05 1.94 11.88
C ASN A 12 7.69 1.33 10.51
N SER A 13 6.83 0.33 10.52
CA SER A 13 6.42 -0.38 9.30
C SER A 13 5.87 0.58 8.22
N ALA A 14 5.42 1.76 8.66
CA ALA A 14 4.94 2.78 7.72
C ALA A 14 6.10 3.51 7.01
N GLU A 15 7.17 3.80 7.76
CA GLU A 15 8.31 4.54 7.22
C GLU A 15 8.97 3.80 6.04
N GLN A 16 9.13 2.48 6.19
CA GLN A 16 9.67 1.66 5.11
C GLN A 16 8.70 1.61 3.91
N THR A 17 7.40 1.51 4.20
CA THR A 17 6.37 1.41 3.14
C THR A 17 6.34 2.67 2.27
N VAL A 18 6.46 3.85 2.89
CA VAL A 18 6.52 5.11 2.13
C VAL A 18 7.66 5.05 1.09
N THR A 19 8.87 4.79 1.57
CA THR A 19 10.06 4.67 0.70
C THR A 19 9.89 3.54 -0.33
N TRP A 20 9.23 2.45 0.10
CA TRP A 20 8.96 1.29 -0.76
C TRP A 20 8.07 1.68 -1.96
N LEU A 21 7.00 2.42 -1.69
CA LEU A 21 6.10 2.89 -2.74
C LEU A 21 6.81 3.90 -3.68
N ILE A 22 7.67 4.73 -3.11
CA ILE A 22 8.44 5.71 -3.88
C ILE A 22 9.45 5.02 -4.82
N THR A 23 10.20 4.06 -4.29
CA THR A 23 11.23 3.35 -5.09
C THR A 23 10.61 2.51 -6.22
N LEU A 24 9.35 2.08 -6.02
CA LEU A 24 8.63 1.35 -7.06
C LEU A 24 7.94 2.31 -8.06
N GLY A 25 8.16 3.61 -7.88
CA GLY A 25 7.66 4.61 -8.81
C GLY A 25 6.14 4.75 -8.81
N VAL A 26 5.47 4.20 -7.80
CA VAL A 26 4.00 4.28 -7.71
C VAL A 26 3.54 5.48 -6.86
N LEU A 27 4.43 5.95 -6.00
CA LEU A 27 4.15 7.11 -5.14
C LEU A 27 5.18 8.23 -5.37
N GLU A 28 4.74 9.49 -5.26
CA GLU A 28 5.61 10.64 -5.51
C GLU A 28 6.66 10.82 -4.41
N SER A 29 7.71 11.59 -4.71
CA SER A 29 8.73 11.92 -3.71
C SER A 29 8.37 13.23 -2.98
N PRO A 30 8.39 13.22 -1.64
CA PRO A 30 7.94 14.37 -0.81
C PRO A 30 8.87 15.60 -0.89
N LYS A 31 8.49 16.66 -0.19
CA LYS A 31 9.28 17.89 -0.13
C LYS A 31 10.36 17.75 0.96
N LYS A 32 9.96 17.25 2.12
CA LYS A 32 10.88 17.03 3.25
C LYS A 32 10.66 15.64 3.87
N THR A 33 11.34 15.38 5.00
CA THR A 33 11.15 14.13 5.75
C THR A 33 9.69 13.96 6.20
N ILE A 34 9.08 12.84 5.84
CA ILE A 34 7.67 12.56 6.17
C ILE A 34 7.39 12.69 7.68
N SER A 35 6.57 13.69 8.03
CA SER A 35 6.21 13.93 9.44
C SER A 35 5.21 12.88 9.95
N ASP A 36 4.29 12.48 9.08
CA ASP A 36 3.26 11.49 9.40
C ASP A 36 3.17 10.41 8.32
N PRO A 37 3.94 9.31 8.45
CA PRO A 37 3.99 8.23 7.45
C PRO A 37 2.68 7.46 7.31
N GLU A 38 2.06 7.10 8.44
CA GLU A 38 0.84 6.29 8.44
C GLU A 38 -0.35 7.07 7.84
N GLY A 39 -0.43 8.37 8.14
CA GLY A 39 -1.46 9.22 7.55
C GLY A 39 -1.18 9.54 6.08
N PHE A 40 0.07 9.82 5.75
CA PHE A 40 0.48 10.13 4.37
C PHE A 40 0.11 8.99 3.41
N LEU A 41 0.27 7.75 3.87
CA LEU A 41 -0.12 6.57 3.09
C LEU A 41 -1.65 6.44 3.01
N GLN A 42 -2.33 6.66 4.14
CA GLN A 42 -3.80 6.57 4.20
C GLN A 42 -4.46 7.54 3.20
N ALA A 43 -3.96 8.77 3.15
CA ALA A 43 -4.52 9.80 2.25
C ALA A 43 -4.23 9.52 0.77
N SER A 44 -3.05 8.97 0.48
CA SER A 44 -2.64 8.70 -0.91
C SER A 44 -3.28 7.40 -1.45
N LEU A 45 -3.15 6.32 -0.68
CA LEU A 45 -3.69 5.01 -1.07
C LEU A 45 -5.24 5.00 -1.03
N LYS A 46 -5.82 6.06 -0.46
CA LYS A 46 -7.28 6.18 -0.30
C LYS A 46 -8.05 5.85 -1.59
N ASP A 47 -7.54 6.31 -2.73
CA ASP A 47 -8.24 6.17 -4.01
C ASP A 47 -7.88 4.86 -4.74
N GLY A 48 -7.03 4.04 -4.12
CA GLY A 48 -6.67 2.74 -4.69
C GLY A 48 -5.70 2.80 -5.87
N VAL A 49 -5.71 3.91 -6.61
CA VAL A 49 -4.88 4.08 -7.81
C VAL A 49 -3.40 3.69 -7.56
N VAL A 50 -2.83 4.21 -6.48
CA VAL A 50 -1.44 3.89 -6.12
C VAL A 50 -1.27 2.39 -5.82
N LEU A 51 -2.29 1.79 -5.20
CA LEU A 51 -2.27 0.35 -4.89
C LEU A 51 -2.27 -0.50 -6.15
N CYS A 52 -3.12 -0.15 -7.12
CA CYS A 52 -3.19 -0.86 -8.39
C CYS A 52 -1.83 -0.87 -9.11
N ARG A 53 -1.20 0.30 -9.18
CA ARG A 53 0.16 0.39 -9.74
C ARG A 53 1.15 -0.47 -8.94
N LEU A 54 1.04 -0.40 -7.61
CA LEU A 54 1.88 -1.20 -6.70
C LEU A 54 1.81 -2.70 -7.06
N LEU A 55 0.60 -3.23 -7.21
CA LEU A 55 0.41 -4.64 -7.57
C LEU A 55 0.97 -4.94 -8.97
N GLU A 56 0.80 -3.99 -9.90
CA GLU A 56 1.34 -4.15 -11.27
C GLU A 56 2.87 -4.13 -11.30
N ARG A 57 3.50 -3.53 -10.28
CA ARG A 57 4.96 -3.50 -10.18
C ARG A 57 5.53 -4.89 -9.81
N LEU A 58 4.86 -5.57 -8.89
CA LEU A 58 5.30 -6.89 -8.44
C LEU A 58 4.70 -8.02 -9.30
N LEU A 59 3.42 -7.89 -9.61
CA LEU A 59 2.71 -8.86 -10.47
C LEU A 59 2.04 -8.15 -11.67
N PRO A 60 2.80 -7.86 -12.74
CA PRO A 60 2.28 -7.11 -13.90
C PRO A 60 1.25 -7.91 -14.72
N GLY A 61 0.08 -7.31 -14.95
CA GLY A 61 -0.98 -7.95 -15.72
C GLY A 61 -2.08 -8.54 -14.84
N THR A 62 -2.13 -8.13 -13.58
CA THR A 62 -3.16 -8.61 -12.65
C THR A 62 -4.38 -7.67 -12.64
N ILE A 63 -4.13 -6.37 -12.58
CA ILE A 63 -5.21 -5.36 -12.61
C ILE A 63 -5.71 -5.13 -14.04
N GLU A 64 -6.92 -5.60 -14.34
CA GLU A 64 -7.52 -5.43 -15.67
C GLU A 64 -7.87 -3.96 -15.94
N LYS A 65 -8.81 -3.43 -15.16
CA LYS A 65 -9.26 -2.03 -15.30
C LYS A 65 -9.19 -1.28 -13.96
N VAL A 66 -8.53 -0.13 -13.98
CA VAL A 66 -8.43 0.73 -12.79
C VAL A 66 -8.90 2.15 -13.13
N TYR A 67 -9.54 2.81 -12.16
CA TYR A 67 -9.99 4.19 -12.32
C TYR A 67 -8.88 5.17 -11.89
N PRO A 68 -8.15 5.77 -12.85
CA PRO A 68 -7.01 6.65 -12.55
C PRO A 68 -7.45 8.03 -12.02
N GLU A 69 -8.65 8.45 -12.38
CA GLU A 69 -9.22 9.73 -11.93
C GLU A 69 -10.59 9.51 -11.26
N PRO A 70 -10.60 8.98 -10.03
CA PRO A 70 -11.84 8.64 -9.32
C PRO A 70 -12.62 9.89 -8.88
N ARG A 71 -13.79 10.10 -9.49
CA ARG A 71 -14.64 11.26 -9.16
C ARG A 71 -15.70 10.88 -8.13
N SER A 72 -16.20 9.64 -8.22
CA SER A 72 -17.24 9.15 -7.32
C SER A 72 -16.67 8.11 -6.33
N GLU A 73 -17.36 7.93 -5.21
CA GLU A 73 -16.91 7.00 -4.15
C GLU A 73 -16.72 5.57 -4.69
N SER A 74 -17.68 5.10 -5.48
CA SER A 74 -17.63 3.74 -6.06
C SER A 74 -16.32 3.51 -6.83
N GLU A 75 -15.84 4.51 -7.56
CA GLU A 75 -14.59 4.39 -8.32
C GLU A 75 -13.39 4.13 -7.39
N CYS A 76 -13.24 4.97 -6.37
CA CYS A 76 -12.15 4.82 -5.38
C CYS A 76 -12.21 3.43 -4.71
N LEU A 77 -13.40 3.07 -4.22
CA LEU A 77 -13.61 1.76 -3.59
C LEU A 77 -13.30 0.59 -4.56
N SER A 78 -13.68 0.76 -5.82
CA SER A 78 -13.43 -0.26 -6.85
C SER A 78 -11.94 -0.53 -7.01
N ASN A 79 -11.14 0.53 -7.05
CA ASN A 79 -9.68 0.38 -7.18
C ASN A 79 -9.08 -0.38 -5.99
N ILE A 80 -9.46 0.02 -4.77
CA ILE A 80 -8.99 -0.67 -3.56
C ILE A 80 -9.40 -2.15 -3.57
N ARG A 81 -10.67 -2.41 -3.82
CA ARG A 81 -11.20 -3.78 -3.87
C ARG A 81 -10.59 -4.59 -5.04
N GLU A 82 -10.19 -3.90 -6.10
CA GLU A 82 -9.48 -4.54 -7.21
C GLU A 82 -8.07 -4.97 -6.79
N PHE A 83 -7.41 -4.13 -5.98
CA PHE A 83 -6.12 -4.49 -5.38
C PHE A 83 -6.28 -5.72 -4.46
N LEU A 84 -7.35 -5.70 -3.66
CA LEU A 84 -7.67 -6.84 -2.78
C LEU A 84 -7.97 -8.10 -3.60
N ARG A 85 -8.70 -7.94 -4.69
CA ARG A 85 -9.04 -9.04 -5.60
C ARG A 85 -7.78 -9.61 -6.27
N GLY A 86 -6.99 -8.74 -6.88
CA GLY A 86 -5.75 -9.17 -7.53
C GLY A 86 -4.78 -9.88 -6.58
N CYS A 87 -4.38 -9.18 -5.51
CA CYS A 87 -3.48 -9.76 -4.51
C CYS A 87 -4.12 -11.00 -3.85
N GLY A 88 -5.43 -10.93 -3.61
CA GLY A 88 -6.15 -12.04 -2.99
C GLY A 88 -6.37 -13.23 -3.93
N ALA A 89 -6.22 -13.02 -5.22
CA ALA A 89 -6.35 -14.10 -6.20
C ALA A 89 -4.99 -14.75 -6.52
N SER A 90 -4.00 -13.92 -6.83
CA SER A 90 -2.66 -14.41 -7.19
C SER A 90 -1.86 -14.88 -5.97
N LEU A 91 -1.78 -14.02 -4.94
CA LEU A 91 -0.99 -14.33 -3.74
C LEU A 91 -1.85 -14.89 -2.59
N ARG A 92 -3.10 -14.42 -2.49
CA ARG A 92 -4.01 -14.82 -1.40
C ARG A 92 -3.41 -14.43 -0.03
N LEU A 93 -2.69 -13.32 0.00
CA LEU A 93 -2.03 -12.84 1.22
C LEU A 93 -3.01 -12.16 2.19
N GLU A 94 -2.47 -11.59 3.27
CA GLU A 94 -3.25 -10.86 4.25
C GLU A 94 -3.92 -9.63 3.63
N THR A 95 -5.20 -9.76 3.27
CA THR A 95 -5.96 -8.66 2.67
C THR A 95 -6.58 -7.75 3.75
N PHE A 96 -7.10 -6.60 3.33
CA PHE A 96 -7.72 -5.63 4.25
C PHE A 96 -9.09 -5.16 3.73
N ASP A 97 -9.74 -4.29 4.49
CA ASP A 97 -11.05 -3.76 4.12
C ASP A 97 -10.93 -2.40 3.39
N ALA A 98 -11.70 -2.24 2.31
CA ALA A 98 -11.66 -1.00 1.52
C ALA A 98 -12.10 0.23 2.33
N ASN A 99 -13.22 0.11 3.02
CA ASN A 99 -13.76 1.20 3.83
C ASN A 99 -12.76 1.66 4.90
N ASP A 100 -12.03 0.70 5.49
CA ASP A 100 -11.01 1.00 6.50
C ASP A 100 -9.90 1.93 5.97
N LEU A 101 -9.53 1.74 4.71
CA LEU A 101 -8.52 2.60 4.07
C LEU A 101 -9.14 3.92 3.58
N TYR A 102 -10.28 3.81 2.90
CA TYR A 102 -10.96 4.97 2.30
C TYR A 102 -11.48 5.95 3.37
N GLN A 103 -11.87 5.43 4.53
CA GLN A 103 -12.36 6.27 5.63
C GLN A 103 -11.35 6.34 6.80
N GLY A 104 -10.15 5.81 6.57
CA GLY A 104 -9.10 5.83 7.60
C GLY A 104 -9.53 5.21 8.94
N GLN A 105 -10.27 4.10 8.89
CA GLN A 105 -10.74 3.43 10.10
C GLN A 105 -9.61 2.63 10.75
N ASN A 106 -9.23 1.52 10.14
CA ASN A 106 -8.10 0.70 10.64
C ASN A 106 -7.01 0.60 9.57
N PHE A 107 -6.11 1.59 9.55
CA PHE A 107 -5.01 1.60 8.59
C PHE A 107 -3.97 0.52 8.94
N ASN A 108 -3.87 0.19 10.22
CA ASN A 108 -2.95 -0.87 10.69
C ASN A 108 -3.13 -2.18 9.91
N LYS A 109 -4.37 -2.52 9.55
CA LYS A 109 -4.64 -3.71 8.72
C LYS A 109 -4.11 -3.52 7.29
N VAL A 110 -4.25 -2.30 6.76
CA VAL A 110 -3.75 -1.96 5.42
C VAL A 110 -2.22 -2.02 5.38
N LEU A 111 -1.60 -1.44 6.40
CA LEU A 111 -0.14 -1.39 6.51
C LEU A 111 0.47 -2.80 6.59
N SER A 112 -0.06 -3.63 7.48
CA SER A 112 0.41 -5.01 7.63
C SER A 112 0.20 -5.81 6.33
N SER A 113 -0.87 -5.48 5.61
CA SER A 113 -1.13 -6.08 4.29
C SER A 113 -0.02 -5.72 3.29
N LEU A 114 0.30 -4.44 3.20
CA LEU A 114 1.37 -3.96 2.32
C LEU A 114 2.73 -4.59 2.70
N VAL A 115 3.02 -4.65 4.00
CA VAL A 115 4.22 -5.32 4.50
C VAL A 115 4.26 -6.79 4.06
N THR A 116 3.12 -7.46 4.19
CA THR A 116 2.99 -8.86 3.73
C THR A 116 3.24 -8.98 2.22
N LEU A 117 2.68 -8.02 1.46
CA LEU A 117 2.91 -7.97 0.01
C LEU A 117 4.40 -7.87 -0.31
N ASN A 118 5.13 -7.09 0.48
CA ASN A 118 6.58 -6.98 0.36
C ASN A 118 7.28 -8.28 0.78
N LYS A 119 6.83 -8.88 1.88
CA LYS A 119 7.42 -10.11 2.41
C LYS A 119 7.32 -11.28 1.41
N VAL A 120 6.10 -11.57 0.95
CA VAL A 120 5.85 -12.69 0.04
C VAL A 120 6.63 -12.54 -1.28
N THR A 121 6.62 -11.35 -1.87
CA THR A 121 7.33 -11.10 -3.13
C THR A 121 8.85 -11.08 -2.92
N ALA A 122 9.29 -10.59 -1.76
CA ALA A 122 10.71 -10.63 -1.39
C ALA A 122 11.19 -12.08 -1.28
N ASP A 123 10.31 -12.96 -0.82
CA ASP A 123 10.59 -14.40 -0.76
C ASP A 123 10.65 -15.00 -2.16
N ILE A 124 9.83 -14.47 -3.07
CA ILE A 124 9.82 -14.91 -4.48
C ILE A 124 11.09 -14.43 -5.21
N GLY A 125 11.55 -13.21 -4.90
CA GLY A 125 12.79 -12.71 -5.50
C GLY A 125 12.87 -11.19 -5.62
N LEU A 126 13.03 -10.51 -4.48
CA LEU A 126 13.29 -9.06 -4.47
C LEU A 126 14.66 -8.74 -3.84
N MET A 1 23.87 24.78 12.85
CA MET A 1 24.60 23.48 12.91
C MET A 1 24.08 22.61 14.06
N GLY A 2 23.39 21.52 13.72
CA GLY A 2 22.86 20.62 14.75
C GLY A 2 21.65 19.80 14.27
N HIS A 3 21.74 18.47 14.41
CA HIS A 3 20.65 17.55 14.01
C HIS A 3 20.47 17.41 12.49
N HIS A 4 20.57 18.50 11.74
CA HIS A 4 20.43 18.45 10.28
C HIS A 4 21.60 17.68 9.64
N HIS A 5 22.80 17.86 10.19
CA HIS A 5 23.99 17.13 9.72
C HIS A 5 23.93 15.66 10.20
N HIS A 6 23.78 15.47 11.51
CA HIS A 6 23.63 14.12 12.08
C HIS A 6 22.14 13.73 12.19
N HIS A 7 21.64 13.03 11.18
CA HIS A 7 20.22 12.65 11.15
C HIS A 7 20.01 11.23 11.74
N HIS A 8 19.42 11.18 12.95
CA HIS A 8 19.09 9.90 13.59
C HIS A 8 17.97 9.17 12.82
N SER A 9 18.17 7.88 12.57
CA SER A 9 17.20 7.08 11.82
C SER A 9 16.08 6.54 12.74
N HIS A 10 15.16 5.77 12.15
CA HIS A 10 14.00 5.23 12.87
C HIS A 10 13.41 4.03 12.12
N MET A 11 12.64 3.19 12.81
CA MET A 11 12.02 2.02 12.17
C MET A 11 10.51 1.93 12.50
N ASN A 12 9.70 2.37 11.55
CA ASN A 12 8.24 2.17 11.60
C ASN A 12 7.80 1.38 10.35
N SER A 13 6.85 0.46 10.51
CA SER A 13 6.37 -0.37 9.39
C SER A 13 5.89 0.49 8.21
N ALA A 14 5.47 1.72 8.49
CA ALA A 14 5.00 2.64 7.45
C ALA A 14 6.16 3.26 6.65
N GLU A 15 7.22 3.65 7.34
CA GLU A 15 8.35 4.34 6.71
C GLU A 15 8.98 3.52 5.57
N GLN A 16 9.35 2.27 5.88
CA GLN A 16 9.90 1.36 4.86
C GLN A 16 8.94 1.23 3.66
N THR A 17 7.64 1.19 3.94
CA THR A 17 6.62 1.08 2.90
C THR A 17 6.62 2.32 1.98
N VAL A 18 6.86 3.50 2.58
CA VAL A 18 6.98 4.73 1.80
C VAL A 18 8.11 4.62 0.75
N THR A 19 9.31 4.29 1.22
CA THR A 19 10.47 4.06 0.32
C THR A 19 10.14 2.96 -0.72
N TRP A 20 9.49 1.90 -0.26
CA TRP A 20 9.12 0.78 -1.12
C TRP A 20 8.22 1.23 -2.29
N LEU A 21 7.20 2.03 -1.99
CA LEU A 21 6.30 2.57 -3.02
C LEU A 21 7.04 3.52 -3.97
N ILE A 22 7.97 4.30 -3.42
CA ILE A 22 8.73 5.26 -4.23
C ILE A 22 9.71 4.56 -5.19
N THR A 23 10.42 3.55 -4.71
CA THR A 23 11.41 2.82 -5.55
C THR A 23 10.74 2.01 -6.65
N LEU A 24 9.53 1.50 -6.38
CA LEU A 24 8.75 0.78 -7.40
C LEU A 24 8.10 1.74 -8.41
N GLY A 25 8.34 3.05 -8.22
CA GLY A 25 7.86 4.05 -9.18
C GLY A 25 6.35 4.24 -9.15
N VAL A 26 5.68 3.72 -8.12
CA VAL A 26 4.21 3.83 -8.03
C VAL A 26 3.79 5.08 -7.25
N LEU A 27 4.70 5.60 -6.43
CA LEU A 27 4.47 6.81 -5.65
C LEU A 27 5.64 7.79 -5.78
N GLU A 28 5.34 9.09 -5.71
CA GLU A 28 6.36 10.14 -5.81
C GLU A 28 7.04 10.40 -4.46
N SER A 29 8.24 10.99 -4.50
CA SER A 29 9.00 11.31 -3.30
C SER A 29 8.37 12.48 -2.52
N PRO A 30 8.47 12.48 -1.17
CA PRO A 30 7.87 13.54 -0.32
C PRO A 30 8.45 14.94 -0.59
N LYS A 31 7.67 15.98 -0.26
CA LYS A 31 8.05 17.38 -0.53
C LYS A 31 8.92 17.94 0.61
N LYS A 32 8.87 17.27 1.76
CA LYS A 32 9.65 17.67 2.94
C LYS A 32 9.62 16.55 3.99
N THR A 33 10.09 16.85 5.20
CA THR A 33 10.08 15.86 6.30
C THR A 33 8.66 15.37 6.61
N ILE A 34 8.49 14.06 6.67
CA ILE A 34 7.18 13.46 6.95
C ILE A 34 6.94 13.32 8.47
N SER A 35 5.86 13.94 8.95
CA SER A 35 5.48 13.86 10.37
C SER A 35 4.86 12.50 10.70
N ASP A 36 3.74 12.18 10.05
CA ASP A 36 3.07 10.89 10.22
C ASP A 36 3.09 10.07 8.91
N PRO A 37 4.01 9.08 8.80
CA PRO A 37 4.12 8.21 7.61
C PRO A 37 2.85 7.35 7.40
N GLU A 38 2.25 6.89 8.49
CA GLU A 38 1.02 6.09 8.43
C GLU A 38 -0.14 6.91 7.83
N GLY A 39 -0.36 8.12 8.34
CA GLY A 39 -1.38 9.00 7.78
C GLY A 39 -1.09 9.38 6.33
N PHE A 40 0.18 9.66 6.04
CA PHE A 40 0.64 9.97 4.67
C PHE A 40 0.23 8.86 3.69
N LEU A 41 0.54 7.61 4.05
CA LEU A 41 0.18 6.45 3.23
C LEU A 41 -1.35 6.28 3.13
N GLN A 42 -2.05 6.53 4.23
CA GLN A 42 -3.52 6.44 4.26
C GLN A 42 -4.14 7.39 3.22
N ALA A 43 -3.66 8.64 3.18
CA ALA A 43 -4.13 9.62 2.22
C ALA A 43 -3.66 9.31 0.78
N SER A 44 -2.46 8.74 0.68
CA SER A 44 -1.88 8.39 -0.63
C SER A 44 -2.59 7.20 -1.29
N LEU A 45 -2.90 6.18 -0.50
CA LEU A 45 -3.53 4.96 -1.02
C LEU A 45 -5.06 5.05 -0.95
N LYS A 46 -5.57 6.19 -0.49
CA LYS A 46 -7.01 6.42 -0.27
C LYS A 46 -7.88 5.93 -1.44
N ASP A 47 -7.63 6.46 -2.64
CA ASP A 47 -8.45 6.15 -3.81
C ASP A 47 -8.03 4.83 -4.48
N GLY A 48 -7.04 4.15 -3.92
CA GLY A 48 -6.61 2.85 -4.43
C GLY A 48 -5.78 2.90 -5.72
N VAL A 49 -5.59 4.10 -6.27
CA VAL A 49 -4.87 4.27 -7.53
C VAL A 49 -3.39 3.82 -7.42
N VAL A 50 -2.71 4.29 -6.38
CA VAL A 50 -1.31 3.91 -6.12
C VAL A 50 -1.19 2.40 -5.87
N LEU A 51 -2.20 1.83 -5.20
CA LEU A 51 -2.25 0.38 -4.98
C LEU A 51 -2.28 -0.41 -6.29
N CYS A 52 -3.07 0.06 -7.25
CA CYS A 52 -3.14 -0.56 -8.57
C CYS A 52 -1.76 -0.59 -9.24
N ARG A 53 -1.10 0.57 -9.29
CA ARG A 53 0.28 0.65 -9.79
C ARG A 53 1.19 -0.36 -9.07
N LEU A 54 1.07 -0.41 -7.74
CA LEU A 54 1.85 -1.33 -6.90
C LEU A 54 1.66 -2.79 -7.35
N LEU A 55 0.40 -3.18 -7.54
CA LEU A 55 0.08 -4.54 -7.97
C LEU A 55 0.58 -4.79 -9.41
N GLU A 56 0.53 -3.78 -10.27
CA GLU A 56 1.03 -3.91 -11.65
C GLU A 56 2.57 -4.06 -11.68
N ARG A 57 3.25 -3.50 -10.69
CA ARG A 57 4.70 -3.67 -10.55
C ARG A 57 5.07 -5.10 -10.13
N LEU A 58 4.39 -5.59 -9.10
CA LEU A 58 4.66 -6.92 -8.55
C LEU A 58 4.05 -8.03 -9.42
N LEU A 59 2.74 -7.94 -9.66
CA LEU A 59 2.03 -8.90 -10.50
C LEU A 59 1.46 -8.20 -11.76
N PRO A 60 2.26 -8.11 -12.84
CA PRO A 60 1.89 -7.32 -14.04
C PRO A 60 0.64 -7.84 -14.78
N GLY A 61 -0.21 -6.91 -15.20
CA GLY A 61 -1.41 -7.27 -15.98
C GLY A 61 -2.62 -7.64 -15.12
N THR A 62 -2.40 -7.81 -13.82
CA THR A 62 -3.47 -8.25 -12.90
C THR A 62 -4.59 -7.20 -12.77
N ILE A 63 -4.24 -5.93 -12.90
CA ILE A 63 -5.22 -4.84 -12.89
C ILE A 63 -5.96 -4.77 -14.23
N GLU A 64 -7.21 -5.22 -14.25
CA GLU A 64 -8.00 -5.28 -15.49
C GLU A 64 -8.52 -3.90 -15.88
N LYS A 65 -9.01 -3.14 -14.91
CA LYS A 65 -9.47 -1.76 -15.14
C LYS A 65 -9.34 -0.91 -13.87
N VAL A 66 -8.71 0.24 -13.98
CA VAL A 66 -8.51 1.14 -12.84
C VAL A 66 -9.03 2.55 -13.14
N TYR A 67 -9.51 3.22 -12.10
CA TYR A 67 -9.95 4.62 -12.21
C TYR A 67 -8.85 5.56 -11.67
N PRO A 68 -7.95 6.04 -12.57
CA PRO A 68 -6.80 6.87 -12.15
C PRO A 68 -7.21 8.25 -11.64
N GLU A 69 -8.44 8.64 -11.93
CA GLU A 69 -8.98 9.92 -11.48
C GLU A 69 -10.47 9.78 -11.10
N PRO A 70 -10.74 9.26 -9.89
CA PRO A 70 -12.11 8.98 -9.44
C PRO A 70 -12.88 10.24 -8.98
N ARG A 71 -14.11 10.38 -9.44
CA ARG A 71 -14.98 11.48 -9.01
C ARG A 71 -15.98 11.00 -7.94
N SER A 72 -16.38 9.73 -8.03
CA SER A 72 -17.37 9.15 -7.11
C SER A 72 -16.75 8.07 -6.20
N GLU A 73 -17.28 7.95 -4.98
CA GLU A 73 -16.81 6.95 -4.00
C GLU A 73 -16.67 5.54 -4.62
N SER A 74 -17.68 5.12 -5.39
CA SER A 74 -17.68 3.80 -6.03
C SER A 74 -16.39 3.54 -6.82
N GLU A 75 -15.98 4.53 -7.63
CA GLU A 75 -14.76 4.42 -8.42
C GLU A 75 -13.54 4.10 -7.54
N CYS A 76 -13.38 4.87 -6.47
CA CYS A 76 -12.26 4.68 -5.52
C CYS A 76 -12.29 3.29 -4.88
N LEU A 77 -13.45 2.92 -4.33
CA LEU A 77 -13.64 1.60 -3.71
C LEU A 77 -13.32 0.47 -4.70
N SER A 78 -13.69 0.66 -5.96
CA SER A 78 -13.41 -0.32 -7.01
C SER A 78 -11.90 -0.53 -7.21
N ASN A 79 -11.14 0.57 -7.21
CA ASN A 79 -9.69 0.50 -7.33
C ASN A 79 -9.08 -0.36 -6.21
N ILE A 80 -9.50 -0.10 -4.98
CA ILE A 80 -9.02 -0.87 -3.83
C ILE A 80 -9.45 -2.35 -3.94
N ARG A 81 -10.70 -2.58 -4.38
CA ARG A 81 -11.20 -3.94 -4.57
C ARG A 81 -10.40 -4.71 -5.64
N GLU A 82 -10.02 -4.02 -6.71
CA GLU A 82 -9.19 -4.63 -7.77
C GLU A 82 -7.83 -5.08 -7.19
N PHE A 83 -7.23 -4.22 -6.37
CA PHE A 83 -5.99 -4.55 -5.67
C PHE A 83 -6.17 -5.78 -4.75
N LEU A 84 -7.18 -5.71 -3.87
CA LEU A 84 -7.50 -6.81 -2.96
C LEU A 84 -7.83 -8.10 -3.74
N ARG A 85 -8.40 -7.94 -4.92
CA ARG A 85 -8.71 -9.07 -5.81
C ARG A 85 -7.43 -9.77 -6.27
N GLY A 86 -6.49 -9.01 -6.83
CA GLY A 86 -5.24 -9.57 -7.32
C GLY A 86 -4.38 -10.20 -6.23
N CYS A 87 -3.97 -9.40 -5.25
CA CYS A 87 -3.16 -9.89 -4.13
C CYS A 87 -3.86 -11.03 -3.39
N GLY A 88 -5.16 -10.87 -3.17
CA GLY A 88 -5.96 -11.90 -2.51
C GLY A 88 -6.03 -13.20 -3.30
N ALA A 89 -6.16 -13.11 -4.62
CA ALA A 89 -6.28 -14.29 -5.48
C ALA A 89 -4.94 -15.04 -5.65
N SER A 90 -3.95 -14.38 -6.22
CA SER A 90 -2.64 -15.00 -6.51
C SER A 90 -1.84 -15.32 -5.24
N LEU A 91 -1.71 -14.33 -4.37
CA LEU A 91 -0.87 -14.46 -3.17
C LEU A 91 -1.61 -15.08 -1.98
N ARG A 92 -2.94 -14.94 -1.96
CA ARG A 92 -3.78 -15.49 -0.87
C ARG A 92 -3.40 -14.93 0.51
N LEU A 93 -2.72 -13.78 0.52
CA LEU A 93 -2.27 -13.16 1.78
C LEU A 93 -3.41 -12.39 2.47
N GLU A 94 -3.17 -11.97 3.70
CA GLU A 94 -4.17 -11.24 4.49
C GLU A 94 -4.49 -9.87 3.88
N THR A 95 -5.77 -9.65 3.62
CA THR A 95 -6.24 -8.39 3.00
C THR A 95 -7.03 -7.52 4.01
N PHE A 96 -7.39 -6.32 3.56
CA PHE A 96 -8.11 -5.35 4.39
C PHE A 96 -9.41 -4.88 3.70
N ASP A 97 -10.24 -4.15 4.43
CA ASP A 97 -11.47 -3.58 3.85
C ASP A 97 -11.18 -2.28 3.10
N ALA A 98 -11.81 -2.10 1.94
CA ALA A 98 -11.67 -0.85 1.17
C ALA A 98 -12.15 0.36 1.98
N ASN A 99 -13.10 0.13 2.90
CA ASN A 99 -13.66 1.18 3.74
C ASN A 99 -12.61 1.75 4.72
N ASP A 100 -11.88 0.86 5.40
CA ASP A 100 -10.87 1.28 6.38
C ASP A 100 -9.82 2.21 5.76
N LEU A 101 -9.37 1.89 4.55
CA LEU A 101 -8.36 2.71 3.86
C LEU A 101 -8.99 4.01 3.30
N TYR A 102 -10.09 3.88 2.56
CA TYR A 102 -10.73 5.04 1.91
C TYR A 102 -11.26 6.05 2.93
N GLN A 103 -11.79 5.56 4.05
CA GLN A 103 -12.34 6.42 5.11
C GLN A 103 -11.28 6.72 6.20
N GLY A 104 -10.20 5.94 6.21
CA GLY A 104 -9.14 6.13 7.20
C GLY A 104 -9.53 5.65 8.60
N GLN A 105 -10.19 4.50 8.68
CA GLN A 105 -10.63 3.94 9.96
C GLN A 105 -9.50 3.16 10.65
N ASN A 106 -9.25 1.93 10.19
CA ASN A 106 -8.17 1.10 10.74
C ASN A 106 -7.04 0.92 9.71
N PHE A 107 -5.99 1.73 9.84
CA PHE A 107 -4.86 1.67 8.91
C PHE A 107 -3.97 0.44 9.19
N ASN A 108 -3.99 -0.04 10.43
CA ASN A 108 -3.23 -1.22 10.83
C ASN A 108 -3.47 -2.41 9.88
N LYS A 109 -4.72 -2.53 9.40
CA LYS A 109 -5.06 -3.51 8.37
C LYS A 109 -4.22 -3.31 7.10
N VAL A 110 -4.33 -2.12 6.51
CA VAL A 110 -3.64 -1.78 5.27
C VAL A 110 -2.13 -1.97 5.40
N LEU A 111 -1.56 -1.38 6.45
CA LEU A 111 -0.12 -1.46 6.70
C LEU A 111 0.35 -2.92 6.84
N SER A 112 -0.40 -3.73 7.59
CA SER A 112 -0.07 -5.15 7.78
C SER A 112 -0.07 -5.91 6.44
N SER A 113 -1.06 -5.62 5.61
CA SER A 113 -1.16 -6.24 4.28
C SER A 113 0.00 -5.80 3.37
N LEU A 114 0.33 -4.51 3.41
CA LEU A 114 1.46 -3.96 2.64
C LEU A 114 2.79 -4.63 3.03
N VAL A 115 3.05 -4.73 4.33
CA VAL A 115 4.26 -5.40 4.84
C VAL A 115 4.34 -6.85 4.35
N THR A 116 3.25 -7.59 4.48
CA THR A 116 3.18 -8.97 3.96
C THR A 116 3.39 -9.00 2.44
N LEU A 117 2.79 -8.04 1.75
CA LEU A 117 2.95 -7.91 0.29
C LEU A 117 4.43 -7.68 -0.09
N ASN A 118 5.15 -6.98 0.77
CA ASN A 118 6.60 -6.79 0.60
C ASN A 118 7.36 -8.09 0.91
N LYS A 119 6.89 -8.83 1.93
CA LYS A 119 7.54 -10.08 2.34
C LYS A 119 7.41 -11.18 1.28
N VAL A 120 6.20 -11.37 0.74
CA VAL A 120 5.94 -12.38 -0.29
C VAL A 120 6.76 -12.11 -1.56
N THR A 121 6.99 -10.84 -1.89
CA THR A 121 7.81 -10.45 -3.04
C THR A 121 9.30 -10.45 -2.71
N ALA A 122 9.62 -10.14 -1.44
CA ALA A 122 11.01 -10.22 -0.96
C ALA A 122 11.52 -11.67 -1.00
N ASP A 123 10.60 -12.62 -0.81
CA ASP A 123 10.91 -14.05 -0.97
C ASP A 123 11.36 -14.35 -2.41
N ILE A 124 10.71 -13.69 -3.37
CA ILE A 124 11.07 -13.81 -4.78
C ILE A 124 12.36 -13.05 -5.09
N GLY A 125 12.58 -11.94 -4.38
CA GLY A 125 13.78 -11.13 -4.57
C GLY A 125 13.60 -10.03 -5.61
N LEU A 126 13.23 -8.82 -5.16
CA LEU A 126 13.01 -7.69 -6.06
C LEU A 126 14.34 -6.99 -6.43
N MET A 1 19.59 6.45 15.05
CA MET A 1 20.20 5.26 14.39
C MET A 1 21.17 4.55 15.35
N GLY A 2 21.72 3.41 14.90
CA GLY A 2 22.71 2.70 15.69
C GLY A 2 22.12 1.58 16.56
N HIS A 3 22.96 1.01 17.42
CA HIS A 3 22.57 -0.10 18.28
C HIS A 3 22.40 0.36 19.74
N HIS A 4 22.39 1.67 19.96
CA HIS A 4 22.31 2.23 21.32
C HIS A 4 20.92 1.99 21.95
N HIS A 5 19.94 2.77 21.53
CA HIS A 5 18.55 2.64 22.02
C HIS A 5 17.59 2.30 20.88
N HIS A 6 16.48 1.65 21.23
CA HIS A 6 15.48 1.16 20.24
C HIS A 6 16.10 0.10 19.32
N HIS A 7 17.24 -0.47 19.74
CA HIS A 7 17.95 -1.49 18.96
C HIS A 7 17.13 -2.78 18.84
N HIS A 8 17.27 -3.46 17.69
CA HIS A 8 16.56 -4.73 17.41
C HIS A 8 15.04 -4.57 17.28
N SER A 9 14.46 -3.55 17.92
CA SER A 9 13.02 -3.33 17.91
C SER A 9 12.51 -2.88 16.53
N HIS A 10 11.59 -3.65 15.96
CA HIS A 10 10.99 -3.34 14.67
C HIS A 10 10.48 -1.89 14.62
N MET A 11 11.02 -1.09 13.70
CA MET A 11 10.57 0.29 13.48
C MET A 11 9.12 0.32 12.96
N ASN A 12 8.54 1.51 12.88
CA ASN A 12 7.17 1.65 12.39
C ASN A 12 7.10 1.24 10.91
N SER A 13 6.31 0.21 10.61
CA SER A 13 6.19 -0.33 9.25
C SER A 13 5.87 0.78 8.23
N ALA A 14 5.18 1.82 8.69
CA ALA A 14 4.85 2.97 7.84
C ALA A 14 6.13 3.64 7.29
N GLU A 15 7.15 3.78 8.14
CA GLU A 15 8.41 4.43 7.77
C GLU A 15 9.08 3.74 6.56
N GLN A 16 9.18 2.41 6.63
CA GLN A 16 9.82 1.62 5.56
C GLN A 16 8.93 1.54 4.31
N THR A 17 7.61 1.42 4.52
CA THR A 17 6.65 1.29 3.40
C THR A 17 6.70 2.52 2.47
N VAL A 18 6.86 3.71 3.05
CA VAL A 18 7.02 4.94 2.25
C VAL A 18 8.16 4.77 1.22
N THR A 19 9.34 4.43 1.71
CA THR A 19 10.52 4.22 0.85
C THR A 19 10.27 3.13 -0.21
N TRP A 20 9.59 2.06 0.20
CA TRP A 20 9.25 0.95 -0.69
C TRP A 20 8.36 1.42 -1.86
N LEU A 21 7.37 2.25 -1.57
CA LEU A 21 6.48 2.80 -2.60
C LEU A 21 7.22 3.77 -3.54
N ILE A 22 8.11 4.59 -2.97
CA ILE A 22 8.87 5.56 -3.76
C ILE A 22 9.85 4.85 -4.74
N THR A 23 10.58 3.85 -4.25
CA THR A 23 11.56 3.13 -5.08
C THR A 23 10.87 2.31 -6.19
N LEU A 24 9.57 2.05 -6.04
CA LEU A 24 8.78 1.37 -7.07
C LEU A 24 8.14 2.38 -8.03
N GLY A 25 8.33 3.67 -7.78
CA GLY A 25 7.84 4.72 -8.67
C GLY A 25 6.32 4.87 -8.67
N VAL A 26 5.64 4.20 -7.74
CA VAL A 26 4.17 4.26 -7.65
C VAL A 26 3.71 5.47 -6.82
N LEU A 27 4.57 5.89 -5.90
CA LEU A 27 4.31 7.09 -5.09
C LEU A 27 5.48 8.08 -5.23
N GLU A 28 5.17 9.32 -5.61
CA GLU A 28 6.21 10.34 -5.80
C GLU A 28 6.89 10.72 -4.48
N SER A 29 8.15 11.14 -4.57
CA SER A 29 8.94 11.50 -3.38
C SER A 29 8.46 12.81 -2.75
N PRO A 30 8.49 12.90 -1.40
CA PRO A 30 8.11 14.13 -0.69
C PRO A 30 9.14 15.26 -0.85
N LYS A 31 8.75 16.48 -0.50
CA LYS A 31 9.65 17.64 -0.62
C LYS A 31 10.41 17.87 0.69
N LYS A 32 10.06 17.10 1.72
CA LYS A 32 10.72 17.17 3.02
C LYS A 32 10.54 15.85 3.79
N THR A 33 11.03 15.82 5.03
CA THR A 33 10.86 14.63 5.88
C THR A 33 9.40 14.44 6.30
N ILE A 34 8.84 13.27 6.00
CA ILE A 34 7.45 12.96 6.34
C ILE A 34 7.21 13.00 7.85
N SER A 35 6.42 13.97 8.31
CA SER A 35 6.08 14.09 9.73
C SER A 35 5.25 12.89 10.21
N ASP A 36 4.12 12.65 9.53
CA ASP A 36 3.24 11.52 9.87
C ASP A 36 3.28 10.45 8.77
N PRO A 37 4.11 9.39 8.95
CA PRO A 37 4.26 8.33 7.94
C PRO A 37 2.95 7.58 7.66
N GLU A 38 2.20 7.29 8.71
CA GLU A 38 0.93 6.56 8.60
C GLU A 38 -0.13 7.39 7.84
N GLY A 39 -0.38 8.62 8.32
CA GLY A 39 -1.33 9.51 7.66
C GLY A 39 -0.97 9.78 6.20
N PHE A 40 0.33 9.94 5.93
CA PHE A 40 0.82 10.14 4.56
C PHE A 40 0.45 8.97 3.64
N LEU A 41 0.71 7.74 4.11
CA LEU A 41 0.36 6.54 3.34
C LEU A 41 -1.15 6.41 3.12
N GLN A 42 -1.92 6.47 4.20
CA GLN A 42 -3.39 6.38 4.13
C GLN A 42 -3.96 7.35 3.09
N ALA A 43 -3.53 8.61 3.17
CA ALA A 43 -4.02 9.65 2.24
C ALA A 43 -3.63 9.33 0.78
N SER A 44 -2.42 8.82 0.58
CA SER A 44 -1.92 8.50 -0.77
C SER A 44 -2.59 7.26 -1.36
N LEU A 45 -2.91 6.29 -0.50
CA LEU A 45 -3.50 5.01 -0.94
C LEU A 45 -5.03 5.07 -0.91
N LYS A 46 -5.59 6.18 -0.43
CA LYS A 46 -7.04 6.36 -0.25
C LYS A 46 -7.84 6.02 -1.53
N ASP A 47 -7.47 6.62 -2.66
CA ASP A 47 -8.19 6.42 -3.92
C ASP A 47 -7.85 5.07 -4.60
N GLY A 48 -6.97 4.28 -3.97
CA GLY A 48 -6.63 2.96 -4.50
C GLY A 48 -5.65 2.98 -5.69
N VAL A 49 -5.71 4.04 -6.51
CA VAL A 49 -4.89 4.15 -7.73
C VAL A 49 -3.41 3.77 -7.50
N VAL A 50 -2.80 4.32 -6.45
CA VAL A 50 -1.40 4.02 -6.13
C VAL A 50 -1.21 2.50 -5.85
N LEU A 51 -2.18 1.89 -5.16
CA LEU A 51 -2.14 0.45 -4.88
C LEU A 51 -2.23 -0.36 -6.19
N CYS A 52 -3.05 0.11 -7.12
CA CYS A 52 -3.18 -0.54 -8.43
C CYS A 52 -1.84 -0.54 -9.18
N ARG A 53 -1.21 0.63 -9.28
CA ARG A 53 0.13 0.74 -9.87
C ARG A 53 1.15 -0.14 -9.11
N LEU A 54 1.02 -0.18 -7.78
CA LEU A 54 1.86 -1.01 -6.92
C LEU A 54 1.78 -2.49 -7.32
N LEU A 55 0.56 -3.01 -7.44
CA LEU A 55 0.35 -4.41 -7.77
C LEU A 55 0.86 -4.74 -9.19
N GLU A 56 0.81 -3.75 -10.09
CA GLU A 56 1.35 -3.92 -11.45
C GLU A 56 2.89 -3.97 -11.48
N ARG A 57 3.54 -3.30 -10.52
CA ARG A 57 5.00 -3.39 -10.37
C ARG A 57 5.42 -4.78 -9.88
N LEU A 58 4.65 -5.32 -8.94
CA LEU A 58 4.97 -6.60 -8.30
C LEU A 58 4.43 -7.79 -9.11
N LEU A 59 3.14 -7.77 -9.41
CA LEU A 59 2.50 -8.78 -10.25
C LEU A 59 1.94 -8.15 -11.54
N PRO A 60 2.78 -8.00 -12.58
CA PRO A 60 2.39 -7.31 -13.83
C PRO A 60 1.26 -8.02 -14.60
N GLY A 61 0.17 -7.31 -14.84
CA GLY A 61 -0.96 -7.87 -15.59
C GLY A 61 -2.06 -8.42 -14.70
N THR A 62 -2.08 -7.98 -13.44
CA THR A 62 -3.11 -8.41 -12.49
C THR A 62 -4.27 -7.40 -12.44
N ILE A 63 -3.93 -6.11 -12.44
CA ILE A 63 -4.93 -5.05 -12.45
C ILE A 63 -5.67 -5.02 -13.79
N GLU A 64 -6.89 -5.53 -13.82
CA GLU A 64 -7.66 -5.62 -15.06
C GLU A 64 -8.32 -4.27 -15.40
N LYS A 65 -8.92 -3.63 -14.39
CA LYS A 65 -9.54 -2.32 -14.58
C LYS A 65 -9.39 -1.42 -13.35
N VAL A 66 -8.93 -0.20 -13.57
CA VAL A 66 -8.78 0.79 -12.50
C VAL A 66 -9.41 2.13 -12.92
N TYR A 67 -9.84 2.91 -11.93
CA TYR A 67 -10.34 4.27 -12.18
C TYR A 67 -9.29 5.31 -11.75
N PRO A 68 -8.40 5.71 -12.68
CA PRO A 68 -7.32 6.66 -12.39
C PRO A 68 -7.84 8.08 -12.11
N GLU A 69 -9.12 8.31 -12.43
CA GLU A 69 -9.79 9.58 -12.11
C GLU A 69 -11.13 9.31 -11.41
N PRO A 70 -11.09 8.93 -10.11
CA PRO A 70 -12.29 8.56 -9.36
C PRO A 70 -13.08 9.78 -8.83
N ARG A 71 -14.24 10.02 -9.43
CA ARG A 71 -15.14 11.12 -9.00
C ARG A 71 -16.19 10.59 -8.02
N SER A 72 -16.64 9.36 -8.23
CA SER A 72 -17.63 8.72 -7.33
C SER A 72 -16.94 7.78 -6.33
N GLU A 73 -17.46 7.76 -5.10
CA GLU A 73 -16.92 6.87 -4.04
C GLU A 73 -16.84 5.41 -4.52
N SER A 74 -17.89 4.97 -5.22
CA SER A 74 -17.94 3.61 -5.79
C SER A 74 -16.68 3.28 -6.62
N GLU A 75 -16.17 4.28 -7.34
CA GLU A 75 -14.98 4.10 -8.17
C GLU A 75 -13.72 3.90 -7.31
N CYS A 76 -13.52 4.77 -6.32
CA CYS A 76 -12.39 4.66 -5.40
C CYS A 76 -12.36 3.28 -4.71
N LEU A 77 -13.51 2.85 -4.21
CA LEU A 77 -13.65 1.54 -3.57
C LEU A 77 -13.34 0.40 -4.56
N SER A 78 -13.79 0.57 -5.81
CA SER A 78 -13.52 -0.41 -6.88
C SER A 78 -12.00 -0.59 -7.10
N ASN A 79 -11.26 0.52 -7.12
CA ASN A 79 -9.81 0.48 -7.28
C ASN A 79 -9.15 -0.35 -6.18
N ILE A 80 -9.51 -0.06 -4.93
CA ILE A 80 -8.97 -0.78 -3.79
C ILE A 80 -9.31 -2.28 -3.87
N ARG A 81 -10.57 -2.60 -4.21
CA ARG A 81 -11.00 -3.99 -4.35
C ARG A 81 -10.26 -4.73 -5.48
N GLU A 82 -9.90 -4.02 -6.55
CA GLU A 82 -9.05 -4.58 -7.60
C GLU A 82 -7.71 -5.06 -7.01
N PHE A 83 -7.06 -4.18 -6.26
CA PHE A 83 -5.83 -4.53 -5.54
C PHE A 83 -6.05 -5.73 -4.59
N LEU A 84 -7.14 -5.68 -3.83
CA LEU A 84 -7.51 -6.77 -2.92
C LEU A 84 -7.78 -8.09 -3.66
N ARG A 85 -8.34 -7.98 -4.86
CA ARG A 85 -8.60 -9.16 -5.71
C ARG A 85 -7.28 -9.85 -6.08
N GLY A 86 -6.35 -9.08 -6.63
CA GLY A 86 -5.06 -9.63 -7.03
C GLY A 86 -4.28 -10.23 -5.86
N CYS A 87 -4.07 -9.44 -4.81
CA CYS A 87 -3.37 -9.92 -3.61
C CYS A 87 -4.05 -11.15 -3.00
N GLY A 88 -5.38 -11.19 -3.06
CA GLY A 88 -6.14 -12.32 -2.53
C GLY A 88 -6.24 -13.50 -3.50
N ALA A 89 -5.93 -13.27 -4.78
CA ALA A 89 -6.01 -14.33 -5.79
C ALA A 89 -4.69 -15.11 -5.92
N SER A 90 -3.61 -14.42 -6.28
CA SER A 90 -2.31 -15.07 -6.52
C SER A 90 -1.50 -15.24 -5.23
N LEU A 91 -1.61 -14.27 -4.33
CA LEU A 91 -0.83 -14.27 -3.08
C LEU A 91 -1.65 -14.83 -1.90
N ARG A 92 -2.95 -14.53 -1.88
CA ARG A 92 -3.86 -15.00 -0.82
C ARG A 92 -3.40 -14.57 0.58
N LEU A 93 -2.79 -13.39 0.66
CA LEU A 93 -2.38 -12.80 1.94
C LEU A 93 -3.55 -12.04 2.60
N GLU A 94 -3.37 -11.56 3.83
CA GLU A 94 -4.46 -10.89 4.55
C GLU A 94 -4.93 -9.61 3.83
N THR A 95 -6.19 -9.60 3.42
CA THR A 95 -6.77 -8.45 2.72
C THR A 95 -7.68 -7.62 3.65
N PHE A 96 -7.63 -6.31 3.48
CA PHE A 96 -8.49 -5.38 4.22
C PHE A 96 -9.76 -5.04 3.42
N ASP A 97 -10.61 -4.18 3.98
CA ASP A 97 -11.83 -3.76 3.29
C ASP A 97 -11.65 -2.37 2.66
N ALA A 98 -12.17 -2.19 1.45
CA ALA A 98 -11.99 -0.94 0.69
C ALA A 98 -12.44 0.29 1.48
N ASN A 99 -13.45 0.12 2.34
CA ASN A 99 -14.05 1.27 3.05
C ASN A 99 -13.20 1.76 4.23
N ASP A 100 -12.49 0.84 4.92
CA ASP A 100 -11.67 1.26 6.07
C ASP A 100 -10.42 2.05 5.63
N LEU A 101 -9.82 1.67 4.52
CA LEU A 101 -8.70 2.44 3.95
C LEU A 101 -9.18 3.79 3.39
N TYR A 102 -10.22 3.74 2.56
CA TYR A 102 -10.75 4.95 1.91
C TYR A 102 -11.19 6.01 2.93
N GLN A 103 -11.85 5.59 4.00
CA GLN A 103 -12.30 6.53 5.05
C GLN A 103 -11.22 6.75 6.13
N GLY A 104 -10.19 5.92 6.13
CA GLY A 104 -9.11 6.04 7.10
C GLY A 104 -9.46 5.49 8.48
N GLN A 105 -10.33 4.48 8.50
CA GLN A 105 -10.78 3.87 9.76
C GLN A 105 -9.73 2.90 10.33
N ASN A 106 -9.41 1.84 9.58
CA ASN A 106 -8.44 0.83 10.05
C ASN A 106 -7.22 0.77 9.12
N PHE A 107 -6.20 1.56 9.43
CA PHE A 107 -4.98 1.58 8.63
C PHE A 107 -4.06 0.40 9.00
N ASN A 108 -4.23 -0.14 10.21
CA ASN A 108 -3.40 -1.24 10.69
C ASN A 108 -3.45 -2.46 9.76
N LYS A 109 -4.65 -2.82 9.31
CA LYS A 109 -4.84 -3.93 8.36
C LYS A 109 -4.12 -3.65 7.04
N VAL A 110 -4.31 -2.43 6.54
CA VAL A 110 -3.68 -1.99 5.29
C VAL A 110 -2.15 -2.09 5.37
N LEU A 111 -1.58 -1.43 6.38
CA LEU A 111 -0.13 -1.42 6.59
C LEU A 111 0.42 -2.85 6.77
N SER A 112 -0.29 -3.66 7.57
CA SER A 112 0.09 -5.07 7.77
C SER A 112 0.10 -5.85 6.45
N SER A 113 -0.91 -5.59 5.61
CA SER A 113 -1.01 -6.21 4.29
C SER A 113 0.14 -5.77 3.37
N LEU A 114 0.46 -4.48 3.40
CA LEU A 114 1.56 -3.92 2.61
C LEU A 114 2.91 -4.57 2.96
N VAL A 115 3.15 -4.78 4.26
CA VAL A 115 4.37 -5.45 4.72
C VAL A 115 4.44 -6.88 4.19
N THR A 116 3.34 -7.63 4.32
CA THR A 116 3.25 -8.99 3.76
C THR A 116 3.48 -8.97 2.25
N LEU A 117 2.94 -7.95 1.59
CA LEU A 117 3.11 -7.76 0.15
C LEU A 117 4.59 -7.64 -0.22
N ASN A 118 5.35 -6.91 0.59
CA ASN A 118 6.81 -6.80 0.40
C ASN A 118 7.50 -8.16 0.65
N LYS A 119 7.02 -8.89 1.66
CA LYS A 119 7.57 -10.22 1.99
C LYS A 119 7.38 -11.23 0.85
N VAL A 120 6.13 -11.36 0.36
CA VAL A 120 5.81 -12.33 -0.69
C VAL A 120 6.57 -12.02 -2.00
N THR A 121 6.70 -10.73 -2.33
CA THR A 121 7.41 -10.33 -3.56
C THR A 121 8.92 -10.56 -3.44
N ALA A 122 9.44 -10.49 -2.22
CA ALA A 122 10.85 -10.82 -1.96
C ALA A 122 11.14 -12.27 -2.39
N ASP A 123 10.20 -13.16 -2.12
CA ASP A 123 10.30 -14.57 -2.55
C ASP A 123 10.15 -14.70 -4.07
N ILE A 124 9.15 -14.00 -4.64
CA ILE A 124 8.93 -13.99 -6.10
C ILE A 124 10.19 -13.54 -6.86
N GLY A 125 10.93 -12.59 -6.28
CA GLY A 125 12.17 -12.14 -6.88
C GLY A 125 12.26 -10.62 -7.05
N LEU A 126 11.68 -9.88 -6.10
CA LEU A 126 11.71 -8.41 -6.13
C LEU A 126 12.19 -7.83 -4.78
N MET A 1 36.47 -9.54 11.66
CA MET A 1 35.96 -8.75 12.83
C MET A 1 34.53 -9.17 13.21
N GLY A 2 33.65 -9.30 12.20
CA GLY A 2 32.29 -9.77 12.46
C GLY A 2 31.20 -8.76 12.04
N HIS A 3 30.51 -9.06 10.95
CA HIS A 3 29.38 -8.24 10.50
C HIS A 3 28.07 -8.69 11.15
N HIS A 4 27.76 -8.10 12.30
CA HIS A 4 26.54 -8.45 13.05
C HIS A 4 25.28 -8.12 12.23
N HIS A 5 25.29 -6.95 11.60
CA HIS A 5 24.23 -6.56 10.68
C HIS A 5 24.81 -6.31 9.27
N HIS A 6 24.24 -6.95 8.25
CA HIS A 6 24.68 -6.75 6.86
C HIS A 6 24.34 -5.34 6.36
N HIS A 7 23.28 -4.76 6.93
CA HIS A 7 22.94 -3.35 6.71
C HIS A 7 22.48 -2.72 8.03
N HIS A 8 23.44 -2.22 8.81
CA HIS A 8 23.15 -1.68 10.15
C HIS A 8 22.36 -0.36 10.07
N SER A 9 21.06 -0.46 10.35
CA SER A 9 20.16 0.69 10.37
C SER A 9 18.85 0.33 11.10
N HIS A 10 17.81 1.15 10.95
CA HIS A 10 16.51 0.84 11.57
C HIS A 10 15.37 1.67 10.94
N MET A 11 14.22 1.02 10.74
CA MET A 11 13.06 1.69 10.14
C MET A 11 11.76 0.95 10.48
N ASN A 12 10.74 1.69 10.88
CA ASN A 12 9.42 1.13 11.17
C ASN A 12 8.74 0.64 9.88
N SER A 13 7.81 -0.30 10.02
CA SER A 13 7.05 -0.83 8.88
C SER A 13 6.45 0.31 8.04
N ALA A 14 5.84 1.30 8.71
CA ALA A 14 5.31 2.49 8.04
C ALA A 14 6.41 3.22 7.25
N GLU A 15 7.56 3.48 7.89
CA GLU A 15 8.68 4.18 7.25
C GLU A 15 9.15 3.47 5.98
N GLN A 16 9.40 2.17 6.06
CA GLN A 16 9.90 1.41 4.91
C GLN A 16 8.86 1.31 3.79
N THR A 17 7.58 1.23 4.16
CA THR A 17 6.49 1.18 3.16
C THR A 17 6.47 2.45 2.30
N VAL A 18 6.65 3.61 2.93
CA VAL A 18 6.75 4.88 2.18
C VAL A 18 7.87 4.81 1.12
N THR A 19 9.08 4.47 1.57
CA THR A 19 10.24 4.33 0.67
C THR A 19 9.98 3.27 -0.41
N TRP A 20 9.29 2.20 -0.01
CA TRP A 20 8.97 1.09 -0.92
C TRP A 20 8.09 1.56 -2.10
N LEU A 21 7.05 2.34 -1.80
CA LEU A 21 6.18 2.90 -2.84
C LEU A 21 6.96 3.84 -3.78
N ILE A 22 7.91 4.58 -3.22
CA ILE A 22 8.75 5.51 -3.99
C ILE A 22 9.71 4.76 -4.93
N THR A 23 10.43 3.76 -4.40
CA THR A 23 11.42 3.01 -5.19
C THR A 23 10.77 2.20 -6.33
N LEU A 24 9.51 1.81 -6.14
CA LEU A 24 8.74 1.12 -7.20
C LEU A 24 8.21 2.10 -8.26
N GLY A 25 8.36 3.39 -7.99
CA GLY A 25 7.94 4.41 -8.95
C GLY A 25 6.43 4.60 -9.04
N VAL A 26 5.70 4.09 -8.06
CA VAL A 26 4.23 4.21 -8.05
C VAL A 26 3.79 5.44 -7.25
N LEU A 27 4.59 5.82 -6.26
CA LEU A 27 4.32 7.02 -5.46
C LEU A 27 5.49 8.00 -5.59
N GLU A 28 5.16 9.29 -5.73
CA GLU A 28 6.19 10.33 -5.86
C GLU A 28 6.87 10.64 -4.52
N SER A 29 8.07 11.21 -4.60
CA SER A 29 8.86 11.55 -3.41
C SER A 29 8.32 12.82 -2.72
N PRO A 30 8.34 12.84 -1.37
CA PRO A 30 7.81 13.97 -0.59
C PRO A 30 8.72 15.21 -0.61
N LYS A 31 8.20 16.32 -0.10
CA LYS A 31 8.96 17.58 -0.07
C LYS A 31 9.97 17.61 1.09
N LYS A 32 9.61 17.01 2.23
CA LYS A 32 10.49 16.98 3.41
C LYS A 32 10.23 15.74 4.27
N THR A 33 10.85 15.68 5.44
CA THR A 33 10.63 14.59 6.39
C THR A 33 9.16 14.49 6.80
N ILE A 34 8.54 13.37 6.50
CA ILE A 34 7.14 13.12 6.86
C ILE A 34 7.01 12.87 8.38
N SER A 35 6.27 13.74 9.07
CA SER A 35 6.10 13.63 10.53
C SER A 35 5.38 12.34 10.92
N ASP A 36 4.32 12.00 10.20
CA ASP A 36 3.56 10.77 10.45
C ASP A 36 3.36 9.97 9.14
N PRO A 37 4.25 9.00 8.85
CA PRO A 37 4.19 8.19 7.62
C PRO A 37 2.88 7.40 7.46
N GLU A 38 2.33 6.91 8.58
CA GLU A 38 1.06 6.16 8.56
C GLU A 38 -0.08 6.98 7.94
N GLY A 39 -0.27 8.20 8.46
CA GLY A 39 -1.29 9.08 7.91
C GLY A 39 -1.02 9.47 6.46
N PHE A 40 0.26 9.63 6.11
CA PHE A 40 0.66 9.94 4.74
C PHE A 40 0.24 8.83 3.77
N LEU A 41 0.50 7.58 4.14
CA LEU A 41 0.13 6.41 3.32
C LEU A 41 -1.39 6.31 3.16
N GLN A 42 -2.13 6.54 4.24
CA GLN A 42 -3.59 6.51 4.22
C GLN A 42 -4.15 7.49 3.17
N ALA A 43 -3.63 8.70 3.16
CA ALA A 43 -4.08 9.73 2.20
C ALA A 43 -3.60 9.46 0.77
N SER A 44 -2.36 9.01 0.63
CA SER A 44 -1.74 8.80 -0.71
C SER A 44 -2.27 7.55 -1.41
N LEU A 45 -2.68 6.54 -0.65
CA LEU A 45 -3.24 5.30 -1.23
C LEU A 45 -4.77 5.34 -1.31
N LYS A 46 -5.35 6.45 -0.86
CA LYS A 46 -6.81 6.59 -0.72
C LYS A 46 -7.57 6.39 -2.06
N ASP A 47 -7.01 6.91 -3.14
CA ASP A 47 -7.65 6.82 -4.47
C ASP A 47 -7.65 5.39 -5.02
N GLY A 48 -6.75 4.55 -4.51
CA GLY A 48 -6.65 3.17 -4.98
C GLY A 48 -5.84 3.03 -6.27
N VAL A 49 -5.70 4.12 -7.03
CA VAL A 49 -4.94 4.11 -8.29
C VAL A 49 -3.47 3.78 -8.02
N VAL A 50 -2.90 4.41 -6.99
CA VAL A 50 -1.52 4.12 -6.57
C VAL A 50 -1.37 2.65 -6.16
N LEU A 51 -2.39 2.11 -5.48
CA LEU A 51 -2.40 0.70 -5.08
C LEU A 51 -2.36 -0.24 -6.30
N CYS A 52 -3.18 0.07 -7.31
CA CYS A 52 -3.21 -0.72 -8.55
C CYS A 52 -1.82 -0.77 -9.20
N ARG A 53 -1.23 0.41 -9.41
CA ARG A 53 0.11 0.51 -9.99
C ARG A 53 1.16 -0.22 -9.13
N LEU A 54 0.99 -0.15 -7.81
CA LEU A 54 1.82 -0.90 -6.86
C LEU A 54 1.81 -2.40 -7.18
N LEU A 55 0.60 -2.96 -7.26
CA LEU A 55 0.44 -4.38 -7.57
C LEU A 55 1.00 -4.71 -8.97
N GLU A 56 0.91 -3.77 -9.90
CA GLU A 56 1.44 -3.96 -11.25
C GLU A 56 2.98 -3.99 -11.28
N ARG A 57 3.61 -3.33 -10.31
CA ARG A 57 5.08 -3.34 -10.19
C ARG A 57 5.58 -4.66 -9.56
N LEU A 58 4.65 -5.44 -9.03
CA LEU A 58 4.96 -6.72 -8.39
C LEU A 58 4.43 -7.90 -9.21
N LEU A 59 3.11 -7.94 -9.40
CA LEU A 59 2.45 -8.94 -10.24
C LEU A 59 1.90 -8.27 -11.52
N PRO A 60 2.70 -8.24 -12.61
CA PRO A 60 2.32 -7.57 -13.87
C PRO A 60 0.98 -8.04 -14.48
N GLY A 61 0.12 -7.09 -14.82
CA GLY A 61 -1.13 -7.40 -15.51
C GLY A 61 -2.20 -8.03 -14.62
N THR A 62 -2.09 -7.87 -13.31
CA THR A 62 -3.09 -8.43 -12.38
C THR A 62 -4.32 -7.51 -12.25
N ILE A 63 -4.12 -6.22 -12.50
CA ILE A 63 -5.21 -5.24 -12.46
C ILE A 63 -6.03 -5.28 -13.76
N GLU A 64 -7.30 -5.68 -13.65
CA GLU A 64 -8.19 -5.78 -14.82
C GLU A 64 -8.82 -4.42 -15.16
N LYS A 65 -9.34 -3.72 -14.14
CA LYS A 65 -9.94 -2.40 -14.35
C LYS A 65 -9.57 -1.40 -13.25
N VAL A 66 -8.79 -0.39 -13.61
CA VAL A 66 -8.50 0.73 -12.71
C VAL A 66 -9.11 2.03 -13.26
N TYR A 67 -9.56 2.90 -12.36
CA TYR A 67 -10.12 4.20 -12.75
C TYR A 67 -9.13 5.32 -12.45
N PRO A 68 -8.36 5.79 -13.47
CA PRO A 68 -7.38 6.88 -13.30
C PRO A 68 -8.06 8.19 -12.85
N GLU A 69 -9.32 8.36 -13.23
CA GLU A 69 -10.13 9.50 -12.76
C GLU A 69 -11.40 9.01 -12.06
N PRO A 70 -11.33 8.67 -10.76
CA PRO A 70 -12.52 8.27 -9.99
C PRO A 70 -13.39 9.48 -9.60
N ARG A 71 -14.58 9.58 -10.20
CA ARG A 71 -15.49 10.70 -9.93
C ARG A 71 -16.28 10.46 -8.62
N SER A 72 -16.76 9.25 -8.43
CA SER A 72 -17.56 8.91 -7.24
C SER A 72 -16.79 8.00 -6.27
N GLU A 73 -17.21 8.02 -5.00
CA GLU A 73 -16.60 7.18 -3.94
C GLU A 73 -16.52 5.70 -4.38
N SER A 74 -17.59 5.22 -5.02
CA SER A 74 -17.67 3.83 -5.50
C SER A 74 -16.47 3.47 -6.39
N GLU A 75 -16.14 4.34 -7.34
CA GLU A 75 -15.03 4.11 -8.27
C GLU A 75 -13.69 4.07 -7.52
N CYS A 76 -13.49 5.03 -6.60
CA CYS A 76 -12.28 5.04 -5.75
C CYS A 76 -12.13 3.71 -5.00
N LEU A 77 -13.21 3.29 -4.34
CA LEU A 77 -13.24 2.01 -3.64
C LEU A 77 -12.96 0.84 -4.60
N SER A 78 -13.53 0.89 -5.80
CA SER A 78 -13.34 -0.17 -6.81
C SER A 78 -11.87 -0.38 -7.15
N ASN A 79 -11.10 0.71 -7.22
CA ASN A 79 -9.66 0.62 -7.43
C ASN A 79 -8.99 -0.20 -6.32
N ILE A 80 -9.43 0.05 -5.08
CA ILE A 80 -8.92 -0.68 -3.92
C ILE A 80 -9.39 -2.15 -3.93
N ARG A 81 -10.64 -2.39 -4.35
CA ARG A 81 -11.19 -3.76 -4.41
C ARG A 81 -10.39 -4.62 -5.38
N GLU A 82 -10.01 -4.03 -6.52
CA GLU A 82 -9.18 -4.73 -7.51
C GLU A 82 -7.82 -5.14 -6.91
N PHE A 83 -7.17 -4.19 -6.23
CA PHE A 83 -5.92 -4.46 -5.52
C PHE A 83 -6.09 -5.61 -4.51
N LEU A 84 -7.10 -5.51 -3.65
CA LEU A 84 -7.41 -6.55 -2.67
C LEU A 84 -7.72 -7.89 -3.35
N ARG A 85 -8.33 -7.83 -4.53
CA ARG A 85 -8.69 -9.02 -5.29
C ARG A 85 -7.43 -9.71 -5.87
N GLY A 86 -6.53 -8.91 -6.43
CA GLY A 86 -5.28 -9.46 -6.97
C GLY A 86 -4.42 -10.13 -5.92
N CYS A 87 -4.12 -9.41 -4.83
CA CYS A 87 -3.33 -9.97 -3.72
C CYS A 87 -4.06 -11.13 -3.04
N GLY A 88 -5.36 -10.97 -2.80
CA GLY A 88 -6.16 -12.01 -2.16
C GLY A 88 -6.31 -13.27 -3.00
N ALA A 89 -6.37 -13.12 -4.33
CA ALA A 89 -6.51 -14.27 -5.24
C ALA A 89 -5.16 -14.92 -5.57
N SER A 90 -4.27 -14.15 -6.17
CA SER A 90 -2.96 -14.66 -6.62
C SER A 90 -2.08 -15.07 -5.43
N LEU A 91 -1.84 -14.14 -4.52
CA LEU A 91 -0.96 -14.37 -3.36
C LEU A 91 -1.69 -15.04 -2.20
N ARG A 92 -3.01 -14.88 -2.14
CA ARG A 92 -3.85 -15.52 -1.11
C ARG A 92 -3.49 -15.00 0.31
N LEU A 93 -2.87 -13.82 0.36
CA LEU A 93 -2.42 -13.24 1.64
C LEU A 93 -3.53 -12.44 2.35
N GLU A 94 -3.26 -12.06 3.59
CA GLU A 94 -4.22 -11.28 4.40
C GLU A 94 -4.48 -9.88 3.81
N THR A 95 -5.75 -9.53 3.65
CA THR A 95 -6.14 -8.26 3.01
C THR A 95 -7.15 -7.46 3.86
N PHE A 96 -7.07 -6.13 3.73
CA PHE A 96 -8.00 -5.22 4.40
C PHE A 96 -9.25 -4.97 3.53
N ASP A 97 -10.18 -4.14 4.02
CA ASP A 97 -11.33 -3.74 3.21
C ASP A 97 -11.15 -2.29 2.71
N ALA A 98 -11.72 -1.98 1.55
CA ALA A 98 -11.58 -0.65 0.95
C ALA A 98 -12.04 0.46 1.91
N ASN A 99 -13.02 0.14 2.76
CA ASN A 99 -13.55 1.10 3.73
C ASN A 99 -12.52 1.43 4.83
N ASP A 100 -11.70 0.45 5.24
CA ASP A 100 -10.65 0.69 6.24
C ASP A 100 -9.73 1.84 5.80
N LEU A 101 -9.25 1.76 4.57
CA LEU A 101 -8.31 2.75 4.03
C LEU A 101 -9.02 4.06 3.62
N TYR A 102 -10.07 3.93 2.80
CA TYR A 102 -10.72 5.12 2.21
C TYR A 102 -11.42 5.99 3.27
N GLN A 103 -12.11 5.35 4.21
CA GLN A 103 -12.85 6.10 5.24
C GLN A 103 -11.95 6.49 6.41
N GLY A 104 -10.71 6.00 6.39
CA GLY A 104 -9.78 6.28 7.48
C GLY A 104 -10.21 5.67 8.81
N GLN A 105 -10.45 4.36 8.79
CA GLN A 105 -10.91 3.63 9.98
C GLN A 105 -9.77 2.86 10.64
N ASN A 106 -9.34 1.78 10.00
CA ASN A 106 -8.26 0.94 10.51
C ASN A 106 -7.09 0.87 9.51
N PHE A 107 -6.04 1.65 9.76
CA PHE A 107 -4.88 1.66 8.85
C PHE A 107 -3.97 0.45 9.07
N ASN A 108 -3.88 -0.01 10.32
CA ASN A 108 -3.03 -1.16 10.66
C ASN A 108 -3.35 -2.40 9.79
N LYS A 109 -4.63 -2.57 9.43
CA LYS A 109 -5.05 -3.64 8.53
C LYS A 109 -4.46 -3.43 7.12
N VAL A 110 -4.37 -2.17 6.71
CA VAL A 110 -3.79 -1.81 5.42
C VAL A 110 -2.28 -2.04 5.42
N LEU A 111 -1.61 -1.51 6.44
CA LEU A 111 -0.16 -1.62 6.56
C LEU A 111 0.30 -3.08 6.69
N SER A 112 -0.42 -3.89 7.46
CA SER A 112 -0.09 -5.31 7.62
C SER A 112 -0.16 -6.05 6.28
N SER A 113 -1.19 -5.75 5.50
CA SER A 113 -1.34 -6.31 4.16
C SER A 113 -0.18 -5.88 3.24
N LEU A 114 0.18 -4.59 3.32
CA LEU A 114 1.29 -4.04 2.52
C LEU A 114 2.64 -4.70 2.90
N VAL A 115 2.89 -4.85 4.20
CA VAL A 115 4.10 -5.51 4.69
C VAL A 115 4.16 -6.96 4.19
N THR A 116 3.04 -7.68 4.30
CA THR A 116 2.95 -9.05 3.76
C THR A 116 3.21 -9.05 2.25
N LEU A 117 2.65 -8.06 1.56
CA LEU A 117 2.87 -7.88 0.12
C LEU A 117 4.37 -7.66 -0.18
N ASN A 118 5.05 -6.93 0.69
CA ASN A 118 6.50 -6.73 0.58
C ASN A 118 7.26 -8.04 0.88
N LYS A 119 6.75 -8.82 1.82
CA LYS A 119 7.37 -10.11 2.18
C LYS A 119 7.31 -11.12 1.02
N VAL A 120 6.11 -11.35 0.48
CA VAL A 120 5.92 -12.31 -0.60
C VAL A 120 6.69 -11.92 -1.87
N THR A 121 6.86 -10.62 -2.09
CA THR A 121 7.62 -10.12 -3.25
C THR A 121 9.12 -10.13 -3.00
N ALA A 122 9.53 -9.88 -1.74
CA ALA A 122 10.94 -10.04 -1.35
C ALA A 122 11.39 -11.49 -1.56
N ASP A 123 10.45 -12.42 -1.45
CA ASP A 123 10.69 -13.82 -1.77
C ASP A 123 10.92 -14.00 -3.29
N ILE A 124 10.15 -13.29 -4.09
CA ILE A 124 10.27 -13.35 -5.56
C ILE A 124 11.58 -12.69 -6.05
N GLY A 125 11.97 -11.60 -5.39
CA GLY A 125 13.17 -10.87 -5.77
C GLY A 125 12.89 -9.55 -6.46
N LEU A 126 12.80 -8.47 -5.69
CA LEU A 126 12.52 -7.12 -6.24
C LEU A 126 13.71 -6.56 -7.04
N MET A 1 33.13 -4.63 26.39
CA MET A 1 31.73 -4.15 26.27
C MET A 1 31.52 -3.44 24.92
N GLY A 2 30.33 -3.61 24.34
CA GLY A 2 30.01 -2.96 23.08
C GLY A 2 29.64 -1.49 23.25
N HIS A 3 29.11 -0.87 22.21
CA HIS A 3 28.70 0.53 22.27
C HIS A 3 27.35 0.68 23.00
N HIS A 4 27.39 1.25 24.20
CA HIS A 4 26.20 1.45 25.02
C HIS A 4 25.22 2.43 24.33
N HIS A 5 25.75 3.28 23.45
CA HIS A 5 24.94 4.14 22.59
C HIS A 5 24.75 3.50 21.21
N HIS A 6 23.51 3.10 20.90
CA HIS A 6 23.21 2.46 19.62
C HIS A 6 23.12 3.49 18.49
N HIS A 7 24.16 3.54 17.66
CA HIS A 7 24.22 4.49 16.54
C HIS A 7 23.32 4.02 15.38
N HIS A 8 23.29 2.71 15.16
CA HIS A 8 22.46 2.11 14.11
C HIS A 8 21.23 1.41 14.70
N SER A 9 20.05 1.93 14.40
CA SER A 9 18.79 1.36 14.90
C SER A 9 17.79 1.16 13.76
N HIS A 10 16.65 0.54 14.07
CA HIS A 10 15.64 0.20 13.04
C HIS A 10 14.48 1.20 13.01
N MET A 11 13.60 1.06 12.02
CA MET A 11 12.50 2.02 11.80
C MET A 11 11.12 1.40 12.06
N ASN A 12 10.08 2.17 11.72
CA ASN A 12 8.68 1.73 11.86
C ASN A 12 8.18 1.07 10.55
N SER A 13 7.24 0.14 10.68
CA SER A 13 6.67 -0.61 9.53
C SER A 13 6.22 0.32 8.39
N ALA A 14 5.79 1.52 8.74
CA ALA A 14 5.35 2.51 7.74
C ALA A 14 6.54 3.16 7.01
N GLU A 15 7.60 3.48 7.75
CA GLU A 15 8.76 4.19 7.19
C GLU A 15 9.45 3.38 6.07
N GLN A 16 9.48 2.07 6.22
CA GLN A 16 10.02 1.19 5.17
C GLN A 16 9.08 1.15 3.96
N THR A 17 7.77 1.23 4.22
CA THR A 17 6.75 1.17 3.16
C THR A 17 6.71 2.45 2.32
N VAL A 18 6.82 3.60 2.97
CA VAL A 18 6.84 4.89 2.25
C VAL A 18 7.89 4.88 1.14
N THR A 19 9.15 4.64 1.52
CA THR A 19 10.26 4.57 0.56
C THR A 19 10.03 3.45 -0.47
N TRP A 20 9.48 2.32 0.00
CA TRP A 20 9.18 1.17 -0.88
C TRP A 20 8.23 1.57 -2.03
N LEU A 21 7.23 2.38 -1.72
CA LEU A 21 6.29 2.86 -2.74
C LEU A 21 6.98 3.82 -3.73
N ILE A 22 7.91 4.63 -3.23
CA ILE A 22 8.64 5.59 -4.07
C ILE A 22 9.60 4.88 -5.04
N THR A 23 10.38 3.91 -4.54
CA THR A 23 11.35 3.17 -5.38
C THR A 23 10.65 2.37 -6.49
N LEU A 24 9.52 1.73 -6.16
CA LEU A 24 8.73 0.99 -7.17
C LEU A 24 8.06 1.95 -8.17
N GLY A 25 8.21 3.26 -7.95
CA GLY A 25 7.67 4.25 -8.87
C GLY A 25 6.13 4.32 -8.85
N VAL A 26 5.52 3.74 -7.82
CA VAL A 26 4.06 3.73 -7.71
C VAL A 26 3.55 4.98 -7.00
N LEU A 27 4.42 5.61 -6.21
CA LEU A 27 4.10 6.85 -5.49
C LEU A 27 5.23 7.88 -5.65
N GLU A 28 4.88 9.10 -6.01
CA GLU A 28 5.84 10.19 -6.13
C GLU A 28 6.42 10.59 -4.76
N SER A 29 7.56 11.29 -4.77
CA SER A 29 8.17 11.77 -3.53
C SER A 29 7.26 12.79 -2.82
N PRO A 30 7.20 12.75 -1.48
CA PRO A 30 6.32 13.65 -0.69
C PRO A 30 6.63 15.15 -0.86
N LYS A 31 5.94 15.96 -0.07
CA LYS A 31 6.15 17.42 -0.07
C LYS A 31 7.49 17.76 0.60
N LYS A 32 7.65 17.26 1.82
CA LYS A 32 8.90 17.39 2.59
C LYS A 32 9.09 16.16 3.50
N THR A 33 9.96 16.27 4.49
CA THR A 33 10.16 15.19 5.47
C THR A 33 8.85 14.85 6.20
N ILE A 34 8.56 13.56 6.33
CA ILE A 34 7.28 13.10 6.86
C ILE A 34 7.33 12.82 8.37
N SER A 35 6.52 13.55 9.12
CA SER A 35 6.38 13.33 10.57
C SER A 35 5.47 12.14 10.87
N ASP A 36 4.35 12.07 10.16
CA ASP A 36 3.39 10.96 10.29
C ASP A 36 3.43 10.00 9.08
N PRO A 37 4.31 8.98 9.12
CA PRO A 37 4.47 8.05 7.99
C PRO A 37 3.20 7.22 7.73
N GLU A 38 2.52 6.84 8.80
CA GLU A 38 1.29 6.04 8.70
C GLU A 38 0.11 6.89 8.20
N GLY A 39 0.04 8.15 8.61
CA GLY A 39 -1.01 9.05 8.14
C GLY A 39 -0.85 9.40 6.67
N PHE A 40 0.37 9.78 6.27
CA PHE A 40 0.69 10.10 4.87
C PHE A 40 0.24 8.98 3.91
N LEU A 41 0.62 7.74 4.24
CA LEU A 41 0.29 6.58 3.40
C LEU A 41 -1.23 6.43 3.19
N GLN A 42 -2.01 6.65 4.25
CA GLN A 42 -3.47 6.57 4.15
C GLN A 42 -4.01 7.61 3.16
N ALA A 43 -3.50 8.83 3.25
CA ALA A 43 -3.93 9.92 2.37
C ALA A 43 -3.60 9.65 0.89
N SER A 44 -2.43 9.06 0.64
CA SER A 44 -1.97 8.78 -0.73
C SER A 44 -2.61 7.51 -1.31
N LEU A 45 -2.55 6.40 -0.56
CA LEU A 45 -3.14 5.12 -1.01
C LEU A 45 -4.67 5.20 -1.10
N LYS A 46 -5.24 6.22 -0.46
CA LYS A 46 -6.69 6.47 -0.46
C LYS A 46 -7.33 6.27 -1.85
N ASP A 47 -6.76 6.93 -2.86
CA ASP A 47 -7.31 6.92 -4.23
C ASP A 47 -7.31 5.52 -4.86
N GLY A 48 -6.55 4.59 -4.29
CA GLY A 48 -6.48 3.24 -4.82
C GLY A 48 -5.52 3.10 -6.01
N VAL A 49 -5.47 4.14 -6.85
CA VAL A 49 -4.60 4.14 -8.05
C VAL A 49 -3.16 3.72 -7.71
N VAL A 50 -2.60 4.27 -6.64
CA VAL A 50 -1.24 3.92 -6.19
C VAL A 50 -1.12 2.40 -5.92
N LEU A 51 -2.15 1.82 -5.31
CA LEU A 51 -2.19 0.37 -5.05
C LEU A 51 -2.22 -0.42 -6.35
N CYS A 52 -3.02 0.05 -7.31
CA CYS A 52 -3.10 -0.57 -8.64
C CYS A 52 -1.72 -0.62 -9.30
N ARG A 53 -0.99 0.50 -9.23
CA ARG A 53 0.39 0.56 -9.72
C ARG A 53 1.27 -0.47 -9.00
N LEU A 54 1.16 -0.49 -7.67
CA LEU A 54 1.93 -1.40 -6.81
C LEU A 54 1.75 -2.86 -7.23
N LEU A 55 0.51 -3.28 -7.40
CA LEU A 55 0.20 -4.66 -7.79
C LEU A 55 0.76 -4.98 -9.20
N GLU A 56 0.64 -4.04 -10.13
CA GLU A 56 1.16 -4.24 -11.49
C GLU A 56 2.70 -4.25 -11.53
N ARG A 57 3.35 -3.63 -10.55
CA ARG A 57 4.82 -3.65 -10.45
C ARG A 57 5.33 -5.01 -9.96
N LEU A 58 4.58 -5.62 -9.03
CA LEU A 58 4.99 -6.91 -8.45
C LEU A 58 4.40 -8.09 -9.25
N LEU A 59 3.10 -8.04 -9.51
CA LEU A 59 2.41 -9.03 -10.35
C LEU A 59 1.78 -8.33 -11.57
N PRO A 60 2.57 -8.15 -12.65
CA PRO A 60 2.12 -7.40 -13.85
C PRO A 60 0.98 -8.10 -14.62
N GLY A 61 -0.11 -7.37 -14.84
CA GLY A 61 -1.23 -7.91 -15.61
C GLY A 61 -2.36 -8.44 -14.74
N THR A 62 -2.37 -8.08 -13.46
CA THR A 62 -3.41 -8.55 -12.53
C THR A 62 -4.62 -7.60 -12.52
N ILE A 63 -4.35 -6.29 -12.46
CA ILE A 63 -5.43 -5.28 -12.47
C ILE A 63 -6.20 -5.31 -13.79
N GLU A 64 -7.50 -5.59 -13.72
CA GLU A 64 -8.34 -5.70 -14.92
C GLU A 64 -8.88 -4.33 -15.35
N LYS A 65 -9.19 -3.47 -14.37
CA LYS A 65 -9.64 -2.11 -14.64
C LYS A 65 -9.26 -1.15 -13.50
N VAL A 66 -9.07 0.13 -13.82
CA VAL A 66 -8.73 1.14 -12.82
C VAL A 66 -9.29 2.53 -13.21
N TYR A 67 -9.62 3.33 -12.21
CA TYR A 67 -10.09 4.70 -12.42
C TYR A 67 -8.99 5.71 -12.03
N PRO A 68 -8.27 6.29 -13.01
CA PRO A 68 -7.17 7.25 -12.73
C PRO A 68 -7.66 8.54 -12.06
N GLU A 69 -8.96 8.77 -12.07
CA GLU A 69 -9.56 9.95 -11.44
C GLU A 69 -10.83 9.57 -10.65
N PRO A 70 -10.68 9.13 -9.37
CA PRO A 70 -11.81 8.69 -8.55
C PRO A 70 -12.72 9.85 -8.09
N ARG A 71 -13.67 10.20 -8.94
CA ARG A 71 -14.64 11.27 -8.66
C ARG A 71 -15.71 10.79 -7.67
N SER A 72 -16.13 9.54 -7.82
CA SER A 72 -17.19 8.96 -6.96
C SER A 72 -16.65 7.83 -6.09
N GLU A 73 -17.32 7.60 -4.95
CA GLU A 73 -16.92 6.56 -3.99
C GLU A 73 -16.73 5.19 -4.66
N SER A 74 -17.74 4.74 -5.41
CA SER A 74 -17.69 3.43 -6.10
C SER A 74 -16.39 3.26 -6.89
N GLU A 75 -15.93 4.33 -7.54
CA GLU A 75 -14.71 4.29 -8.35
C GLU A 75 -13.48 4.06 -7.47
N CYS A 76 -13.27 4.93 -6.48
CA CYS A 76 -12.10 4.83 -5.58
C CYS A 76 -12.08 3.49 -4.85
N LEU A 77 -13.23 3.06 -4.33
CA LEU A 77 -13.36 1.76 -3.69
C LEU A 77 -12.98 0.62 -4.65
N SER A 78 -13.46 0.70 -5.89
CA SER A 78 -13.17 -0.32 -6.90
C SER A 78 -11.66 -0.42 -7.19
N ASN A 79 -10.98 0.72 -7.27
CA ASN A 79 -9.51 0.73 -7.45
C ASN A 79 -8.82 -0.11 -6.37
N ILE A 80 -9.21 0.11 -5.12
CA ILE A 80 -8.68 -0.65 -4.00
C ILE A 80 -9.10 -2.13 -4.07
N ARG A 81 -10.36 -2.38 -4.42
CA ARG A 81 -10.90 -3.74 -4.51
C ARG A 81 -10.19 -4.58 -5.59
N GLU A 82 -9.78 -3.94 -6.68
CA GLU A 82 -8.96 -4.62 -7.69
C GLU A 82 -7.62 -5.09 -7.10
N PHE A 83 -6.97 -4.20 -6.36
CA PHE A 83 -5.73 -4.54 -5.65
C PHE A 83 -5.95 -5.72 -4.69
N LEU A 84 -6.99 -5.60 -3.86
CA LEU A 84 -7.36 -6.66 -2.91
C LEU A 84 -7.68 -7.98 -3.62
N ARG A 85 -8.43 -7.87 -4.72
CA ARG A 85 -8.81 -9.04 -5.52
C ARG A 85 -7.58 -9.75 -6.09
N GLY A 86 -6.62 -8.97 -6.58
CA GLY A 86 -5.38 -9.54 -7.12
C GLY A 86 -4.54 -10.24 -6.06
N CYS A 87 -4.25 -9.52 -4.96
CA CYS A 87 -3.48 -10.09 -3.86
C CYS A 87 -4.19 -11.30 -3.23
N GLY A 88 -5.52 -11.29 -3.25
CA GLY A 88 -6.31 -12.41 -2.74
C GLY A 88 -6.45 -13.57 -3.74
N ALA A 89 -6.35 -13.28 -5.03
CA ALA A 89 -6.47 -14.32 -6.07
C ALA A 89 -5.15 -15.07 -6.31
N SER A 90 -4.08 -14.32 -6.60
CA SER A 90 -2.77 -14.92 -6.89
C SER A 90 -2.05 -15.35 -5.61
N LEU A 91 -1.76 -14.40 -4.74
CA LEU A 91 -1.04 -14.67 -3.48
C LEU A 91 -1.95 -15.22 -2.37
N ARG A 92 -3.22 -14.79 -2.38
CA ARG A 92 -4.19 -15.19 -1.36
C ARG A 92 -3.75 -14.72 0.04
N LEU A 93 -3.03 -13.61 0.10
CA LEU A 93 -2.52 -13.08 1.37
C LEU A 93 -3.61 -12.32 2.16
N GLU A 94 -3.31 -11.97 3.41
CA GLU A 94 -4.25 -11.25 4.26
C GLU A 94 -4.45 -9.81 3.77
N THR A 95 -5.68 -9.47 3.40
CA THR A 95 -5.99 -8.15 2.83
C THR A 95 -6.85 -7.29 3.77
N PHE A 96 -6.99 -6.01 3.42
CA PHE A 96 -7.86 -5.08 4.13
C PHE A 96 -9.14 -4.77 3.32
N ASP A 97 -10.02 -3.92 3.84
CA ASP A 97 -11.23 -3.53 3.10
C ASP A 97 -11.09 -2.12 2.52
N ALA A 98 -11.66 -1.91 1.34
CA ALA A 98 -11.57 -0.61 0.67
C ALA A 98 -12.08 0.54 1.56
N ASN A 99 -13.01 0.23 2.46
CA ASN A 99 -13.63 1.26 3.31
C ASN A 99 -12.67 1.80 4.38
N ASP A 100 -11.93 0.93 5.07
CA ASP A 100 -11.05 1.38 6.15
C ASP A 100 -9.90 2.26 5.64
N LEU A 101 -9.38 1.96 4.45
CA LEU A 101 -8.34 2.79 3.83
C LEU A 101 -8.93 4.11 3.27
N TYR A 102 -9.98 4.00 2.46
CA TYR A 102 -10.59 5.18 1.81
C TYR A 102 -11.14 6.19 2.83
N GLN A 103 -11.66 5.70 3.95
CA GLN A 103 -12.21 6.58 5.00
C GLN A 103 -11.14 6.93 6.07
N GLY A 104 -10.08 6.13 6.15
CA GLY A 104 -9.01 6.39 7.11
C GLY A 104 -9.30 5.85 8.51
N GLN A 105 -9.87 4.65 8.58
CA GLN A 105 -10.20 4.02 9.86
C GLN A 105 -9.08 3.07 10.33
N ASN A 106 -9.11 1.82 9.86
CA ASN A 106 -8.13 0.81 10.27
C ASN A 106 -6.91 0.80 9.36
N PHE A 107 -5.98 1.74 9.56
CA PHE A 107 -4.75 1.78 8.76
C PHE A 107 -3.85 0.57 9.05
N ASN A 108 -3.94 0.03 10.27
CA ASN A 108 -3.14 -1.13 10.67
C ASN A 108 -3.38 -2.32 9.73
N LYS A 109 -4.64 -2.54 9.35
CA LYS A 109 -4.99 -3.59 8.38
C LYS A 109 -4.27 -3.35 7.04
N VAL A 110 -4.35 -2.11 6.56
CA VAL A 110 -3.70 -1.72 5.30
C VAL A 110 -2.19 -1.94 5.37
N LEU A 111 -1.54 -1.33 6.36
CA LEU A 111 -0.09 -1.39 6.52
C LEU A 111 0.40 -2.85 6.63
N SER A 112 -0.23 -3.64 7.49
CA SER A 112 0.15 -5.05 7.67
C SER A 112 0.01 -5.85 6.36
N SER A 113 -1.04 -5.54 5.60
CA SER A 113 -1.26 -6.18 4.29
C SER A 113 -0.15 -5.80 3.30
N LEU A 114 0.23 -4.52 3.31
CA LEU A 114 1.34 -4.03 2.48
C LEU A 114 2.67 -4.70 2.85
N VAL A 115 2.94 -4.77 4.16
CA VAL A 115 4.14 -5.46 4.66
C VAL A 115 4.16 -6.93 4.20
N THR A 116 3.03 -7.62 4.37
CA THR A 116 2.91 -9.01 3.89
C THR A 116 3.18 -9.10 2.39
N LEU A 117 2.60 -8.17 1.62
CA LEU A 117 2.82 -8.10 0.17
C LEU A 117 4.32 -7.92 -0.15
N ASN A 118 4.98 -7.05 0.60
CA ASN A 118 6.43 -6.82 0.46
C ASN A 118 7.22 -8.09 0.82
N LYS A 119 6.79 -8.77 1.89
CA LYS A 119 7.46 -10.00 2.35
C LYS A 119 7.37 -11.13 1.30
N VAL A 120 6.15 -11.43 0.84
CA VAL A 120 5.93 -12.53 -0.12
C VAL A 120 6.66 -12.28 -1.45
N THR A 121 6.74 -11.02 -1.86
CA THR A 121 7.45 -10.65 -3.11
C THR A 121 8.96 -10.55 -2.88
N ALA A 122 9.36 -10.16 -1.67
CA ALA A 122 10.78 -10.15 -1.28
C ALA A 122 11.34 -11.58 -1.24
N ASP A 123 10.51 -12.52 -0.78
CA ASP A 123 10.88 -13.94 -0.77
C ASP A 123 11.14 -14.42 -2.21
N ILE A 124 10.20 -14.13 -3.11
CA ILE A 124 10.40 -14.40 -4.54
C ILE A 124 11.62 -13.63 -5.09
N GLY A 125 11.88 -12.46 -4.50
CA GLY A 125 13.04 -11.68 -4.87
C GLY A 125 12.73 -10.59 -5.90
N LEU A 126 11.74 -9.76 -5.61
CA LEU A 126 11.38 -8.64 -6.50
C LEU A 126 11.96 -7.31 -5.98
N MET A 1 25.91 2.96 25.97
CA MET A 1 24.69 3.44 25.27
C MET A 1 24.48 4.96 25.49
N GLY A 2 23.81 5.61 24.53
CA GLY A 2 23.59 7.05 24.62
C GLY A 2 22.36 7.51 23.84
N HIS A 3 21.48 8.26 24.51
CA HIS A 3 20.23 8.72 23.89
C HIS A 3 20.36 10.13 23.26
N HIS A 4 21.40 10.87 23.66
CA HIS A 4 21.64 12.22 23.10
C HIS A 4 22.58 12.16 21.89
N HIS A 5 22.34 13.03 20.92
CA HIS A 5 23.17 13.15 19.69
C HIS A 5 22.95 11.97 18.72
N HIS A 6 22.64 10.79 19.26
CA HIS A 6 22.34 9.62 18.46
C HIS A 6 21.05 9.83 17.64
N HIS A 7 21.21 10.23 16.37
CA HIS A 7 20.06 10.41 15.47
C HIS A 7 19.25 9.12 15.33
N HIS A 8 17.94 9.20 15.56
CA HIS A 8 17.07 8.03 15.48
C HIS A 8 15.66 8.41 15.00
N SER A 9 15.03 7.46 14.30
CA SER A 9 13.66 7.65 13.80
C SER A 9 12.65 6.92 14.71
N HIS A 10 11.41 6.77 14.25
CA HIS A 10 10.42 5.99 15.00
C HIS A 10 10.59 4.48 14.72
N MET A 11 11.11 4.16 13.53
CA MET A 11 11.31 2.78 13.11
C MET A 11 9.97 2.04 12.98
N ASN A 12 8.99 2.76 12.44
CA ASN A 12 7.64 2.20 12.25
C ASN A 12 7.50 1.61 10.84
N SER A 13 6.74 0.52 10.74
CA SER A 13 6.52 -0.18 9.47
C SER A 13 6.05 0.79 8.37
N ALA A 14 5.17 1.71 8.74
CA ALA A 14 4.64 2.70 7.79
C ALA A 14 5.75 3.57 7.17
N GLU A 15 6.75 3.92 7.97
CA GLU A 15 7.82 4.83 7.53
C GLU A 15 8.62 4.23 6.35
N GLN A 16 9.08 2.99 6.50
CA GLN A 16 9.83 2.33 5.43
C GLN A 16 8.92 1.96 4.24
N THR A 17 7.63 1.73 4.51
CA THR A 17 6.64 1.45 3.45
C THR A 17 6.52 2.64 2.49
N VAL A 18 6.62 3.86 3.03
CA VAL A 18 6.64 5.08 2.19
C VAL A 18 7.78 5.00 1.16
N THR A 19 8.98 4.65 1.64
CA THR A 19 10.15 4.47 0.76
C THR A 19 9.90 3.35 -0.26
N TRP A 20 9.22 2.30 0.18
CA TRP A 20 8.89 1.17 -0.69
C TRP A 20 8.02 1.60 -1.89
N LEU A 21 7.03 2.44 -1.63
CA LEU A 21 6.18 2.97 -2.71
C LEU A 21 6.99 3.83 -3.70
N ILE A 22 7.89 4.66 -3.17
CA ILE A 22 8.71 5.55 -3.99
C ILE A 22 9.71 4.76 -4.87
N THR A 23 10.41 3.78 -4.27
CA THR A 23 11.41 2.99 -5.01
C THR A 23 10.76 2.17 -6.14
N LEU A 24 9.49 1.79 -5.96
CA LEU A 24 8.75 1.08 -7.01
C LEU A 24 8.21 2.04 -8.08
N GLY A 25 8.25 3.34 -7.79
CA GLY A 25 7.79 4.35 -8.75
C GLY A 25 6.27 4.45 -8.85
N VAL A 26 5.58 3.91 -7.85
CA VAL A 26 4.11 3.91 -7.83
C VAL A 26 3.57 5.19 -7.17
N LEU A 27 4.39 5.78 -6.33
CA LEU A 27 4.06 7.05 -5.67
C LEU A 27 5.22 8.04 -5.84
N GLU A 28 4.95 9.16 -6.49
CA GLU A 28 5.98 10.17 -6.77
C GLU A 28 6.53 10.79 -5.48
N SER A 29 7.77 11.24 -5.53
CA SER A 29 8.50 11.69 -4.33
C SER A 29 7.94 13.00 -3.76
N PRO A 30 7.75 13.08 -2.43
CA PRO A 30 7.33 14.32 -1.75
C PRO A 30 8.44 15.38 -1.74
N LYS A 31 8.15 16.58 -1.24
CA LYS A 31 9.13 17.66 -1.24
C LYS A 31 9.92 17.73 0.08
N LYS A 32 9.65 16.80 1.00
CA LYS A 32 10.37 16.73 2.27
C LYS A 32 10.26 15.34 2.91
N THR A 33 10.96 15.15 4.04
CA THR A 33 10.88 13.91 4.80
C THR A 33 9.50 13.75 5.46
N ILE A 34 8.79 12.69 5.11
CA ILE A 34 7.44 12.44 5.63
C ILE A 34 7.41 12.39 7.17
N SER A 35 6.77 13.38 7.77
CA SER A 35 6.65 13.47 9.23
C SER A 35 5.43 12.69 9.73
N ASP A 36 4.45 12.49 8.85
CA ASP A 36 3.25 11.72 9.17
C ASP A 36 3.15 10.47 8.27
N PRO A 37 3.89 9.38 8.59
CA PRO A 37 3.95 8.20 7.71
C PRO A 37 2.59 7.52 7.50
N GLU A 38 1.89 7.24 8.60
CA GLU A 38 0.60 6.55 8.54
C GLU A 38 -0.49 7.44 7.90
N GLY A 39 -0.50 8.71 8.28
CA GLY A 39 -1.44 9.66 7.70
C GLY A 39 -1.21 9.92 6.21
N PHE A 40 0.07 9.98 5.82
CA PHE A 40 0.44 10.17 4.42
C PHE A 40 0.02 8.97 3.55
N LEU A 41 0.27 7.76 4.04
CA LEU A 41 -0.14 6.54 3.32
C LEU A 41 -1.67 6.44 3.23
N GLN A 42 -2.38 6.69 4.33
CA GLN A 42 -3.84 6.66 4.33
C GLN A 42 -4.42 7.66 3.30
N ALA A 43 -3.85 8.86 3.27
CA ALA A 43 -4.29 9.91 2.35
C ALA A 43 -4.04 9.52 0.88
N SER A 44 -2.83 9.06 0.58
CA SER A 44 -2.44 8.72 -0.79
C SER A 44 -3.11 7.43 -1.30
N LEU A 45 -3.03 6.36 -0.51
CA LEU A 45 -3.58 5.06 -0.90
C LEU A 45 -5.12 5.05 -0.91
N LYS A 46 -5.73 6.05 -0.29
CA LYS A 46 -7.19 6.13 -0.15
C LYS A 46 -7.94 5.93 -1.48
N ASP A 47 -7.43 6.53 -2.55
CA ASP A 47 -8.09 6.49 -3.86
C ASP A 47 -7.78 5.19 -4.64
N GLY A 48 -7.00 4.30 -4.03
CA GLY A 48 -6.72 2.99 -4.64
C GLY A 48 -5.72 3.02 -5.80
N VAL A 49 -5.69 4.11 -6.56
CA VAL A 49 -4.84 4.22 -7.76
C VAL A 49 -3.37 3.84 -7.48
N VAL A 50 -2.81 4.34 -6.36
CA VAL A 50 -1.43 4.02 -5.99
C VAL A 50 -1.28 2.52 -5.66
N LEU A 51 -2.32 1.93 -5.06
CA LEU A 51 -2.32 0.49 -4.74
C LEU A 51 -2.29 -0.36 -6.01
N CYS A 52 -3.06 0.07 -7.02
CA CYS A 52 -3.07 -0.61 -8.33
C CYS A 52 -1.67 -0.64 -8.95
N ARG A 53 -1.03 0.53 -9.04
CA ARG A 53 0.35 0.62 -9.52
C ARG A 53 1.30 -0.24 -8.67
N LEU A 54 1.12 -0.20 -7.35
CA LEU A 54 1.90 -1.01 -6.42
C LEU A 54 1.86 -2.51 -6.79
N LEU A 55 0.65 -3.01 -7.00
CA LEU A 55 0.47 -4.42 -7.37
C LEU A 55 1.10 -4.74 -8.73
N GLU A 56 0.99 -3.82 -9.68
CA GLU A 56 1.51 -4.05 -11.04
C GLU A 56 3.05 -4.06 -11.10
N ARG A 57 3.70 -3.37 -10.16
CA ARG A 57 5.17 -3.36 -10.10
C ARG A 57 5.73 -4.67 -9.52
N LEU A 58 4.87 -5.42 -8.83
CA LEU A 58 5.24 -6.73 -8.29
C LEU A 58 4.67 -7.85 -9.18
N LEU A 59 3.36 -7.83 -9.36
CA LEU A 59 2.67 -8.72 -10.31
C LEU A 59 2.26 -7.93 -11.57
N PRO A 60 3.07 -8.04 -12.66
CA PRO A 60 2.94 -7.18 -13.85
C PRO A 60 1.56 -7.22 -14.52
N GLY A 61 0.75 -6.19 -14.29
CA GLY A 61 -0.53 -6.04 -14.99
C GLY A 61 -1.65 -6.93 -14.48
N THR A 62 -1.59 -7.32 -13.21
CA THR A 62 -2.68 -8.12 -12.61
C THR A 62 -4.00 -7.32 -12.54
N ILE A 63 -3.87 -6.00 -12.38
CA ILE A 63 -5.03 -5.10 -12.36
C ILE A 63 -5.79 -5.14 -13.70
N GLU A 64 -7.10 -5.38 -13.63
CA GLU A 64 -7.94 -5.52 -14.82
C GLU A 64 -8.53 -4.18 -15.27
N LYS A 65 -9.08 -3.42 -14.32
CA LYS A 65 -9.69 -2.13 -14.63
C LYS A 65 -9.54 -1.12 -13.48
N VAL A 66 -8.61 -0.20 -13.61
CA VAL A 66 -8.41 0.86 -12.61
C VAL A 66 -8.92 2.22 -13.14
N TYR A 67 -9.44 3.04 -12.24
CA TYR A 67 -9.92 4.38 -12.61
C TYR A 67 -8.90 5.45 -12.18
N PRO A 68 -8.06 5.96 -13.12
CA PRO A 68 -7.00 6.94 -12.80
C PRO A 68 -7.56 8.29 -12.34
N GLU A 69 -8.82 8.55 -12.63
CA GLU A 69 -9.51 9.77 -12.19
C GLU A 69 -10.84 9.43 -11.51
N PRO A 70 -10.82 8.95 -10.26
CA PRO A 70 -12.04 8.58 -9.52
C PRO A 70 -12.84 9.80 -9.04
N ARG A 71 -14.05 9.97 -9.58
CA ARG A 71 -14.90 11.10 -9.22
C ARG A 71 -15.72 10.79 -7.95
N SER A 72 -16.31 9.59 -7.92
CA SER A 72 -17.16 9.16 -6.81
C SER A 72 -16.45 8.15 -5.89
N GLU A 73 -16.95 8.03 -4.67
CA GLU A 73 -16.39 7.11 -3.66
C GLU A 73 -16.25 5.68 -4.21
N SER A 74 -17.31 5.18 -4.85
CA SER A 74 -17.34 3.82 -5.40
C SER A 74 -16.12 3.52 -6.29
N GLU A 75 -15.67 4.53 -7.04
CA GLU A 75 -14.53 4.38 -7.95
C GLU A 75 -13.22 4.19 -7.16
N CYS A 76 -12.95 5.09 -6.21
CA CYS A 76 -11.76 4.97 -5.35
C CYS A 76 -11.72 3.60 -4.66
N LEU A 77 -12.86 3.19 -4.11
CA LEU A 77 -12.98 1.88 -3.45
C LEU A 77 -12.76 0.73 -4.44
N SER A 78 -13.29 0.87 -5.65
CA SER A 78 -13.12 -0.14 -6.70
C SER A 78 -11.64 -0.36 -7.02
N ASN A 79 -10.88 0.74 -7.14
CA ASN A 79 -9.43 0.66 -7.37
C ASN A 79 -8.74 -0.16 -6.25
N ILE A 80 -9.19 0.04 -5.01
CA ILE A 80 -8.69 -0.73 -3.88
C ILE A 80 -9.10 -2.21 -4.01
N ARG A 81 -10.33 -2.45 -4.46
CA ARG A 81 -10.85 -3.81 -4.64
C ARG A 81 -10.06 -4.58 -5.72
N GLU A 82 -9.56 -3.87 -6.73
CA GLU A 82 -8.66 -4.47 -7.73
C GLU A 82 -7.35 -4.94 -7.06
N PHE A 83 -6.80 -4.10 -6.20
CA PHE A 83 -5.61 -4.45 -5.42
C PHE A 83 -5.87 -5.70 -4.56
N LEU A 84 -6.98 -5.68 -3.83
CA LEU A 84 -7.38 -6.82 -2.99
C LEU A 84 -7.63 -8.09 -3.83
N ARG A 85 -8.28 -7.91 -4.98
CA ARG A 85 -8.54 -9.01 -5.90
C ARG A 85 -7.25 -9.70 -6.36
N GLY A 86 -6.32 -8.92 -6.89
CA GLY A 86 -5.06 -9.48 -7.37
C GLY A 86 -4.26 -10.16 -6.26
N CYS A 87 -4.12 -9.48 -5.12
CA CYS A 87 -3.37 -10.02 -3.97
C CYS A 87 -4.06 -11.26 -3.38
N GLY A 88 -5.38 -11.33 -3.49
CA GLY A 88 -6.12 -12.48 -2.98
C GLY A 88 -6.23 -13.64 -3.98
N ALA A 89 -6.26 -13.32 -5.28
CA ALA A 89 -6.43 -14.33 -6.33
C ALA A 89 -5.09 -14.96 -6.76
N SER A 90 -4.03 -14.15 -6.76
CA SER A 90 -2.70 -14.65 -7.15
C SER A 90 -1.88 -15.08 -5.92
N LEU A 91 -1.55 -14.12 -5.05
CA LEU A 91 -0.77 -14.38 -3.83
C LEU A 91 -1.61 -15.04 -2.71
N ARG A 92 -2.89 -14.66 -2.65
CA ARG A 92 -3.78 -15.08 -1.58
C ARG A 92 -3.20 -14.74 -0.19
N LEU A 93 -3.02 -13.45 0.05
CA LEU A 93 -2.48 -12.96 1.33
C LEU A 93 -3.57 -12.28 2.17
N GLU A 94 -3.28 -12.04 3.46
CA GLU A 94 -4.21 -11.36 4.35
C GLU A 94 -4.55 -9.95 3.84
N THR A 95 -5.81 -9.73 3.45
CA THR A 95 -6.24 -8.45 2.89
C THR A 95 -7.06 -7.62 3.88
N PHE A 96 -7.36 -6.39 3.47
CA PHE A 96 -8.23 -5.47 4.22
C PHE A 96 -9.43 -5.09 3.35
N ASP A 97 -10.32 -4.24 3.85
CA ASP A 97 -11.43 -3.74 3.03
C ASP A 97 -11.22 -2.28 2.63
N ALA A 98 -11.68 -1.93 1.42
CA ALA A 98 -11.57 -0.57 0.90
C ALA A 98 -12.18 0.45 1.89
N ASN A 99 -13.17 0.02 2.66
CA ASN A 99 -13.90 0.89 3.57
C ASN A 99 -13.01 1.40 4.72
N ASP A 100 -12.34 0.49 5.42
CA ASP A 100 -11.51 0.87 6.58
C ASP A 100 -10.29 1.72 6.16
N LEU A 101 -9.76 1.49 4.97
CA LEU A 101 -8.70 2.34 4.42
C LEU A 101 -9.23 3.74 4.07
N TYR A 102 -10.30 3.77 3.30
CA TYR A 102 -10.91 5.02 2.84
C TYR A 102 -11.32 5.91 4.03
N GLN A 103 -12.04 5.33 4.97
CA GLN A 103 -12.52 6.06 6.16
C GLN A 103 -11.41 6.20 7.22
N GLY A 104 -10.29 5.52 7.02
CA GLY A 104 -9.19 5.56 8.00
C GLY A 104 -9.52 4.89 9.33
N GLN A 105 -10.35 3.86 9.28
CA GLN A 105 -10.81 3.16 10.48
C GLN A 105 -9.81 2.10 10.96
N ASN A 106 -9.27 1.31 10.02
CA ASN A 106 -8.29 0.26 10.37
C ASN A 106 -7.05 0.33 9.47
N PHE A 107 -6.26 1.39 9.61
CA PHE A 107 -5.02 1.52 8.83
C PHE A 107 -4.03 0.40 9.17
N ASN A 108 -4.15 -0.13 10.39
CA ASN A 108 -3.33 -1.27 10.83
C ASN A 108 -3.52 -2.49 9.90
N LYS A 109 -4.76 -2.71 9.44
CA LYS A 109 -5.05 -3.76 8.46
C LYS A 109 -4.29 -3.50 7.15
N VAL A 110 -4.49 -2.30 6.60
CA VAL A 110 -3.84 -1.89 5.35
C VAL A 110 -2.31 -2.05 5.43
N LEU A 111 -1.72 -1.49 6.48
CA LEU A 111 -0.28 -1.54 6.68
C LEU A 111 0.24 -2.99 6.76
N SER A 112 -0.41 -3.81 7.59
CA SER A 112 -0.01 -5.22 7.75
C SER A 112 -0.13 -5.98 6.42
N SER A 113 -1.16 -5.65 5.64
CA SER A 113 -1.36 -6.26 4.31
C SER A 113 -0.22 -5.86 3.36
N LEU A 114 0.17 -4.58 3.40
CA LEU A 114 1.30 -4.08 2.62
C LEU A 114 2.61 -4.78 3.01
N VAL A 115 2.83 -4.92 4.33
CA VAL A 115 4.01 -5.63 4.84
C VAL A 115 4.05 -7.08 4.34
N THR A 116 2.92 -7.79 4.45
CA THR A 116 2.81 -9.15 3.93
C THR A 116 3.08 -9.18 2.42
N LEU A 117 2.50 -8.22 1.70
CA LEU A 117 2.71 -8.08 0.25
C LEU A 117 4.21 -7.97 -0.08
N ASN A 118 4.92 -7.15 0.68
CA ASN A 118 6.37 -7.00 0.52
C ASN A 118 7.10 -8.33 0.79
N LYS A 119 6.74 -8.99 1.89
CA LYS A 119 7.40 -10.23 2.32
C LYS A 119 7.21 -11.38 1.31
N VAL A 120 5.97 -11.57 0.83
CA VAL A 120 5.66 -12.66 -0.10
C VAL A 120 6.30 -12.43 -1.49
N THR A 121 6.27 -11.20 -1.97
CA THR A 121 6.87 -10.88 -3.27
C THR A 121 8.40 -10.86 -3.20
N ALA A 122 8.94 -10.35 -2.09
CA ALA A 122 10.38 -10.39 -1.84
C ALA A 122 10.90 -11.84 -1.80
N ASP A 123 10.07 -12.73 -1.26
CA ASP A 123 10.40 -14.16 -1.20
C ASP A 123 10.64 -14.72 -2.62
N ILE A 124 9.86 -14.24 -3.59
CA ILE A 124 10.01 -14.65 -4.99
C ILE A 124 11.39 -14.25 -5.55
N GLY A 125 11.90 -13.11 -5.11
CA GLY A 125 13.23 -12.66 -5.55
C GLY A 125 13.31 -11.16 -5.85
N LEU A 126 13.30 -10.33 -4.81
CA LEU A 126 13.44 -8.87 -4.97
C LEU A 126 14.80 -8.38 -4.44
N MET A 1 36.54 -2.70 16.79
CA MET A 1 36.68 -1.31 17.30
C MET A 1 35.34 -0.76 17.82
N GLY A 2 34.33 -1.60 17.93
CA GLY A 2 33.02 -1.18 18.44
C GLY A 2 33.02 -1.04 19.96
N HIS A 3 33.81 -0.10 20.47
CA HIS A 3 34.01 0.08 21.92
C HIS A 3 32.72 0.55 22.61
N HIS A 4 31.80 1.12 21.84
CA HIS A 4 30.48 1.53 22.37
C HIS A 4 29.40 0.49 22.00
N HIS A 5 28.48 0.24 22.93
CA HIS A 5 27.48 -0.83 22.79
C HIS A 5 26.21 -0.37 22.05
N HIS A 6 26.33 0.67 21.22
CA HIS A 6 25.18 1.20 20.46
C HIS A 6 24.86 0.35 19.22
N HIS A 7 23.58 0.31 18.86
CA HIS A 7 23.13 -0.36 17.63
C HIS A 7 21.87 0.33 17.07
N HIS A 8 21.74 0.37 15.73
CA HIS A 8 20.60 1.02 15.08
C HIS A 8 19.27 0.32 15.43
N SER A 9 18.27 1.10 15.79
CA SER A 9 16.95 0.57 16.18
C SER A 9 16.11 0.17 14.95
N HIS A 10 14.89 -0.32 15.19
CA HIS A 10 14.01 -0.79 14.12
C HIS A 10 13.29 0.38 13.42
N MET A 11 13.55 0.55 12.13
CA MET A 11 12.83 1.53 11.31
C MET A 11 11.37 1.08 11.12
N ASN A 12 10.41 1.95 11.45
CA ASN A 12 8.99 1.56 11.48
C ASN A 12 8.49 1.01 10.13
N SER A 13 7.52 0.11 10.21
CA SER A 13 6.92 -0.52 9.02
C SER A 13 6.43 0.54 8.03
N ALA A 14 5.71 1.55 8.52
CA ALA A 14 5.24 2.65 7.69
C ALA A 14 6.40 3.36 6.96
N GLU A 15 7.50 3.59 7.68
CA GLU A 15 8.67 4.28 7.13
C GLU A 15 9.26 3.51 5.93
N GLN A 16 9.52 2.21 6.12
CA GLN A 16 10.09 1.37 5.06
C GLN A 16 9.08 1.21 3.90
N THR A 17 7.78 1.20 4.22
CA THR A 17 6.73 1.08 3.21
C THR A 17 6.72 2.29 2.27
N VAL A 18 6.86 3.50 2.82
CA VAL A 18 6.96 4.72 2.01
C VAL A 18 8.08 4.58 0.96
N THR A 19 9.28 4.23 1.42
CA THR A 19 10.42 3.99 0.54
C THR A 19 10.13 2.89 -0.50
N TRP A 20 9.44 1.84 -0.05
CA TRP A 20 9.09 0.72 -0.92
C TRP A 20 8.15 1.15 -2.06
N LEU A 21 7.20 2.02 -1.76
CA LEU A 21 6.27 2.54 -2.77
C LEU A 21 6.98 3.51 -3.73
N ILE A 22 7.90 4.31 -3.21
CA ILE A 22 8.65 5.27 -4.02
C ILE A 22 9.66 4.57 -4.95
N THR A 23 10.34 3.54 -4.45
CA THR A 23 11.32 2.80 -5.27
C THR A 23 10.64 2.05 -6.43
N LEU A 24 9.38 1.68 -6.23
CA LEU A 24 8.59 1.04 -7.29
C LEU A 24 7.92 2.08 -8.20
N GLY A 25 8.15 3.37 -7.90
CA GLY A 25 7.62 4.44 -8.74
C GLY A 25 6.10 4.59 -8.68
N VAL A 26 5.47 4.00 -7.67
CA VAL A 26 4.01 4.06 -7.53
C VAL A 26 3.57 5.17 -6.57
N LEU A 27 4.54 5.78 -5.89
CA LEU A 27 4.28 6.89 -4.97
C LEU A 27 5.35 7.98 -5.14
N GLU A 28 4.93 9.24 -5.14
CA GLU A 28 5.87 10.36 -5.29
C GLU A 28 6.72 10.56 -4.04
N SER A 29 7.89 11.17 -4.21
CA SER A 29 8.80 11.44 -3.09
C SER A 29 8.41 12.74 -2.36
N PRO A 30 8.70 12.84 -1.06
CA PRO A 30 8.40 14.05 -0.26
C PRO A 30 9.32 15.23 -0.59
N LYS A 31 8.77 16.45 -0.58
CA LYS A 31 9.56 17.66 -0.79
C LYS A 31 10.29 18.08 0.49
N LYS A 32 9.82 17.57 1.63
CA LYS A 32 10.45 17.83 2.93
C LYS A 32 10.05 16.77 3.97
N THR A 33 10.38 17.02 5.24
CA THR A 33 10.20 16.04 6.32
C THR A 33 8.76 15.51 6.45
N ILE A 34 8.61 14.19 6.59
CA ILE A 34 7.31 13.57 6.87
C ILE A 34 7.23 13.15 8.36
N SER A 35 6.35 13.81 9.12
CA SER A 35 6.18 13.51 10.54
C SER A 35 5.22 12.33 10.76
N ASP A 36 4.22 12.21 9.87
CA ASP A 36 3.24 11.12 9.95
C ASP A 36 3.25 10.23 8.68
N PRO A 37 4.08 9.17 8.67
CA PRO A 37 4.19 8.26 7.51
C PRO A 37 2.87 7.52 7.21
N GLU A 38 2.21 7.02 8.26
CA GLU A 38 0.94 6.31 8.10
C GLU A 38 -0.15 7.22 7.50
N GLY A 39 -0.22 8.47 7.98
CA GLY A 39 -1.15 9.44 7.45
C GLY A 39 -0.88 9.78 5.98
N PHE A 40 0.38 10.06 5.67
CA PHE A 40 0.83 10.32 4.30
C PHE A 40 0.41 9.19 3.35
N LEU A 41 0.59 7.95 3.79
CA LEU A 41 0.18 6.78 3.01
C LEU A 41 -1.34 6.71 2.85
N GLN A 42 -2.07 6.78 3.97
CA GLN A 42 -3.54 6.67 3.97
C GLN A 42 -4.18 7.61 2.94
N ALA A 43 -3.84 8.90 3.01
CA ALA A 43 -4.40 9.91 2.10
C ALA A 43 -4.09 9.58 0.62
N SER A 44 -2.91 9.04 0.36
CA SER A 44 -2.47 8.71 -1.00
C SER A 44 -3.08 7.39 -1.51
N LEU A 45 -3.27 6.43 -0.61
CA LEU A 45 -3.82 5.12 -0.97
C LEU A 45 -5.36 5.15 -1.01
N LYS A 46 -5.94 6.22 -0.48
CA LYS A 46 -7.41 6.38 -0.37
C LYS A 46 -8.16 6.05 -1.68
N ASP A 47 -7.66 6.56 -2.80
CA ASP A 47 -8.31 6.39 -4.11
C ASP A 47 -8.00 5.02 -4.74
N GLY A 48 -7.12 4.24 -4.11
CA GLY A 48 -6.79 2.89 -4.60
C GLY A 48 -5.86 2.88 -5.82
N VAL A 49 -5.69 4.02 -6.46
CA VAL A 49 -4.87 4.13 -7.68
C VAL A 49 -3.40 3.71 -7.42
N VAL A 50 -2.82 4.23 -6.33
CA VAL A 50 -1.45 3.87 -5.94
C VAL A 50 -1.32 2.35 -5.72
N LEU A 51 -2.32 1.77 -5.05
CA LEU A 51 -2.35 0.32 -4.79
C LEU A 51 -2.36 -0.49 -6.10
N CYS A 52 -3.20 -0.07 -7.04
CA CYS A 52 -3.30 -0.75 -8.34
C CYS A 52 -1.95 -0.77 -9.08
N ARG A 53 -1.31 0.40 -9.16
CA ARG A 53 0.01 0.51 -9.78
C ARG A 53 1.04 -0.35 -9.03
N LEU A 54 0.95 -0.35 -7.70
CA LEU A 54 1.80 -1.19 -6.84
C LEU A 54 1.71 -2.67 -7.26
N LEU A 55 0.49 -3.18 -7.37
CA LEU A 55 0.27 -4.57 -7.78
C LEU A 55 0.74 -4.81 -9.23
N GLU A 56 0.65 -3.78 -10.07
CA GLU A 56 1.13 -3.86 -11.47
C GLU A 56 2.67 -3.89 -11.54
N ARG A 57 3.34 -3.44 -10.48
CA ARG A 57 4.81 -3.54 -10.40
C ARG A 57 5.24 -4.95 -9.99
N LEU A 58 4.57 -5.50 -8.98
CA LEU A 58 4.91 -6.82 -8.45
C LEU A 58 4.35 -7.96 -9.34
N LEU A 59 3.10 -7.82 -9.75
CA LEU A 59 2.45 -8.77 -10.65
C LEU A 59 1.87 -8.04 -11.89
N PRO A 60 2.72 -7.73 -12.87
CA PRO A 60 2.30 -6.99 -14.09
C PRO A 60 1.15 -7.70 -14.85
N GLY A 61 0.03 -6.99 -15.03
CA GLY A 61 -1.09 -7.53 -15.79
C GLY A 61 -2.16 -8.20 -14.93
N THR A 62 -2.25 -7.78 -13.67
CA THR A 62 -3.26 -8.31 -12.75
C THR A 62 -4.46 -7.37 -12.63
N ILE A 63 -4.19 -6.07 -12.58
CA ILE A 63 -5.24 -5.06 -12.53
C ILE A 63 -5.98 -4.98 -13.88
N GLU A 64 -7.18 -5.53 -13.93
CA GLU A 64 -7.94 -5.60 -15.20
C GLU A 64 -8.40 -4.20 -15.65
N LYS A 65 -8.77 -3.36 -14.69
CA LYS A 65 -9.08 -1.95 -14.97
C LYS A 65 -9.05 -1.09 -13.70
N VAL A 66 -8.31 0.00 -13.74
CA VAL A 66 -8.24 0.96 -12.64
C VAL A 66 -8.77 2.33 -13.08
N TYR A 67 -9.35 3.08 -12.15
CA TYR A 67 -9.83 4.43 -12.44
C TYR A 67 -8.83 5.48 -11.94
N PRO A 68 -8.03 6.08 -12.86
CA PRO A 68 -6.98 7.05 -12.50
C PRO A 68 -7.58 8.33 -11.91
N GLU A 69 -8.68 8.78 -12.51
CA GLU A 69 -9.44 9.92 -12.00
C GLU A 69 -10.82 9.48 -11.46
N PRO A 70 -10.88 9.04 -10.19
CA PRO A 70 -12.15 8.64 -9.56
C PRO A 70 -13.03 9.84 -9.18
N ARG A 71 -14.14 10.03 -9.89
CA ARG A 71 -15.10 11.10 -9.58
C ARG A 71 -15.99 10.70 -8.40
N SER A 72 -16.33 9.41 -8.34
CA SER A 72 -17.27 8.88 -7.35
C SER A 72 -16.57 8.00 -6.29
N GLU A 73 -17.15 7.96 -5.09
CA GLU A 73 -16.71 7.04 -4.03
C GLU A 73 -16.65 5.60 -4.55
N SER A 74 -17.65 5.22 -5.34
CA SER A 74 -17.73 3.86 -5.92
C SER A 74 -16.44 3.50 -6.69
N GLU A 75 -15.90 4.47 -7.43
CA GLU A 75 -14.68 4.26 -8.21
C GLU A 75 -13.46 4.02 -7.30
N CYS A 76 -13.28 4.91 -6.31
CA CYS A 76 -12.18 4.77 -5.34
C CYS A 76 -12.22 3.39 -4.67
N LEU A 77 -13.39 3.01 -4.16
CA LEU A 77 -13.58 1.70 -3.55
C LEU A 77 -13.29 0.57 -4.55
N SER A 78 -13.70 0.76 -5.80
CA SER A 78 -13.49 -0.23 -6.87
C SER A 78 -11.99 -0.46 -7.12
N ASN A 79 -11.20 0.62 -7.12
CA ASN A 79 -9.75 0.52 -7.31
C ASN A 79 -9.11 -0.30 -6.18
N ILE A 80 -9.48 0.01 -4.93
CA ILE A 80 -8.98 -0.74 -3.77
C ILE A 80 -9.40 -2.22 -3.87
N ARG A 81 -10.67 -2.45 -4.22
CA ARG A 81 -11.19 -3.81 -4.37
C ARG A 81 -10.43 -4.61 -5.44
N GLU A 82 -10.12 -3.98 -6.57
CA GLU A 82 -9.34 -4.61 -7.64
C GLU A 82 -7.96 -5.07 -7.11
N PHE A 83 -7.30 -4.18 -6.36
CA PHE A 83 -6.03 -4.52 -5.69
C PHE A 83 -6.20 -5.74 -4.75
N LEU A 84 -7.21 -5.67 -3.89
CA LEU A 84 -7.51 -6.76 -2.95
C LEU A 84 -7.82 -8.07 -3.69
N ARG A 85 -8.47 -7.94 -4.85
CA ARG A 85 -8.81 -9.10 -5.69
C ARG A 85 -7.55 -9.78 -6.22
N GLY A 86 -6.64 -8.98 -6.79
CA GLY A 86 -5.38 -9.51 -7.32
C GLY A 86 -4.53 -10.20 -6.26
N CYS A 87 -4.20 -9.46 -5.19
CA CYS A 87 -3.39 -10.01 -4.08
C CYS A 87 -4.08 -11.20 -3.41
N GLY A 88 -5.39 -11.10 -3.22
CA GLY A 88 -6.16 -12.17 -2.59
C GLY A 88 -6.25 -13.44 -3.44
N ALA A 89 -6.34 -13.28 -4.76
CA ALA A 89 -6.47 -14.43 -5.67
C ALA A 89 -5.12 -15.12 -5.94
N SER A 90 -4.13 -14.34 -6.39
CA SER A 90 -2.81 -14.88 -6.74
C SER A 90 -1.96 -15.21 -5.51
N LEU A 91 -1.82 -14.23 -4.62
CA LEU A 91 -0.95 -14.36 -3.44
C LEU A 91 -1.67 -15.01 -2.25
N ARG A 92 -2.98 -14.78 -2.13
CA ARG A 92 -3.79 -15.34 -1.03
C ARG A 92 -3.33 -14.82 0.34
N LEU A 93 -2.69 -13.65 0.34
CA LEU A 93 -2.11 -13.07 1.56
C LEU A 93 -3.15 -12.35 2.42
N GLU A 94 -2.71 -11.90 3.60
CA GLU A 94 -3.56 -11.14 4.52
C GLU A 94 -3.96 -9.79 3.93
N THR A 95 -5.26 -9.57 3.75
CA THR A 95 -5.76 -8.33 3.12
C THR A 95 -6.63 -7.50 4.09
N PHE A 96 -6.90 -6.26 3.68
CA PHE A 96 -7.84 -5.37 4.38
C PHE A 96 -9.10 -5.18 3.51
N ASP A 97 -10.07 -4.40 4.00
CA ASP A 97 -11.24 -4.06 3.19
C ASP A 97 -11.20 -2.57 2.77
N ALA A 98 -11.83 -2.26 1.64
CA ALA A 98 -11.79 -0.91 1.07
C ALA A 98 -12.22 0.17 2.09
N ASN A 99 -13.20 -0.15 2.94
CA ASN A 99 -13.71 0.81 3.92
C ASN A 99 -12.67 1.19 4.98
N ASP A 100 -11.84 0.22 5.38
CA ASP A 100 -10.79 0.48 6.39
C ASP A 100 -9.86 1.63 5.94
N LEU A 101 -9.38 1.52 4.71
CA LEU A 101 -8.44 2.50 4.14
C LEU A 101 -9.15 3.80 3.71
N TYR A 102 -10.20 3.66 2.91
CA TYR A 102 -10.89 4.81 2.32
C TYR A 102 -11.45 5.77 3.37
N GLN A 103 -12.21 5.23 4.34
CA GLN A 103 -12.84 6.06 5.38
C GLN A 103 -11.86 6.44 6.50
N GLY A 104 -10.61 5.98 6.39
CA GLY A 104 -9.61 6.26 7.41
C GLY A 104 -9.93 5.59 8.74
N GLN A 105 -10.46 4.37 8.70
CA GLN A 105 -10.85 3.65 9.91
C GLN A 105 -9.66 2.87 10.49
N ASN A 106 -9.32 1.75 9.86
CA ASN A 106 -8.22 0.90 10.32
C ASN A 106 -7.07 0.88 9.31
N PHE A 107 -6.09 1.76 9.49
CA PHE A 107 -4.92 1.78 8.60
C PHE A 107 -3.95 0.65 8.95
N ASN A 108 -3.93 0.24 10.23
CA ASN A 108 -3.09 -0.87 10.67
C ASN A 108 -3.33 -2.15 9.85
N LYS A 109 -4.58 -2.38 9.45
CA LYS A 109 -4.93 -3.50 8.56
C LYS A 109 -4.28 -3.32 7.17
N VAL A 110 -4.34 -2.10 6.66
CA VAL A 110 -3.76 -1.77 5.36
C VAL A 110 -2.23 -1.94 5.37
N LEU A 111 -1.59 -1.30 6.34
CA LEU A 111 -0.13 -1.34 6.48
C LEU A 111 0.39 -2.78 6.64
N SER A 112 -0.23 -3.54 7.55
CA SER A 112 0.15 -4.95 7.77
C SER A 112 -0.02 -5.79 6.49
N SER A 113 -1.03 -5.44 5.69
CA SER A 113 -1.25 -6.11 4.39
C SER A 113 -0.13 -5.76 3.40
N LEU A 114 0.23 -4.47 3.34
CA LEU A 114 1.33 -4.01 2.46
C LEU A 114 2.67 -4.66 2.86
N VAL A 115 2.92 -4.75 4.18
CA VAL A 115 4.10 -5.45 4.68
C VAL A 115 4.13 -6.90 4.19
N THR A 116 2.99 -7.59 4.30
CA THR A 116 2.86 -8.96 3.78
C THR A 116 3.12 -9.00 2.27
N LEU A 117 2.58 -8.02 1.56
CA LEU A 117 2.77 -7.89 0.11
C LEU A 117 4.27 -7.76 -0.24
N ASN A 118 5.02 -7.05 0.59
CA ASN A 118 6.47 -6.96 0.43
C ASN A 118 7.17 -8.28 0.78
N LYS A 119 6.71 -8.93 1.84
CA LYS A 119 7.26 -10.23 2.27
C LYS A 119 7.18 -11.29 1.16
N VAL A 120 5.96 -11.55 0.69
CA VAL A 120 5.71 -12.59 -0.32
C VAL A 120 6.49 -12.35 -1.63
N THR A 121 6.61 -11.08 -2.02
CA THR A 121 7.33 -10.73 -3.26
C THR A 121 8.86 -10.72 -3.05
N ALA A 122 9.30 -10.23 -1.89
CA ALA A 122 10.73 -10.27 -1.54
C ALA A 122 11.24 -11.71 -1.44
N ASP A 123 10.34 -12.64 -1.11
CA ASP A 123 10.64 -14.07 -1.12
C ASP A 123 10.96 -14.54 -2.55
N ILE A 124 10.24 -14.00 -3.52
CA ILE A 124 10.48 -14.29 -4.95
C ILE A 124 11.76 -13.59 -5.44
N GLY A 125 12.01 -12.38 -4.94
CA GLY A 125 13.21 -11.64 -5.30
C GLY A 125 12.92 -10.37 -6.09
N LEU A 126 12.80 -9.24 -5.40
CA LEU A 126 12.58 -7.94 -6.05
C LEU A 126 13.92 -7.23 -6.36
N MET A 1 20.76 -5.18 26.62
CA MET A 1 20.99 -3.97 27.46
C MET A 1 21.21 -2.73 26.56
N GLY A 2 20.91 -1.55 27.08
CA GLY A 2 21.01 -0.32 26.30
C GLY A 2 22.45 0.16 26.09
N HIS A 3 23.27 0.11 27.15
CA HIS A 3 24.67 0.57 27.09
C HIS A 3 25.41 0.03 25.85
N HIS A 4 25.35 -1.28 25.63
CA HIS A 4 25.89 -1.87 24.40
C HIS A 4 24.77 -2.07 23.38
N HIS A 5 24.60 -1.09 22.50
CA HIS A 5 23.48 -1.07 21.54
C HIS A 5 23.58 -2.22 20.52
N HIS A 6 22.41 -2.62 19.97
CA HIS A 6 22.34 -3.74 19.02
C HIS A 6 20.93 -3.88 18.43
N HIS A 7 20.31 -2.74 18.12
CA HIS A 7 18.93 -2.70 17.57
C HIS A 7 17.91 -3.28 18.57
N HIS A 8 17.30 -2.42 19.38
CA HIS A 8 16.25 -2.86 20.31
C HIS A 8 15.06 -1.88 20.33
N SER A 9 14.06 -2.14 19.48
CA SER A 9 12.89 -1.27 19.35
C SER A 9 11.92 -1.83 18.30
N HIS A 10 10.85 -1.08 18.02
CA HIS A 10 9.85 -1.48 17.02
C HIS A 10 10.04 -0.66 15.73
N MET A 11 10.50 -1.31 14.67
CA MET A 11 10.77 -0.63 13.39
C MET A 11 9.48 -0.14 12.72
N ASN A 12 9.45 1.15 12.37
CA ASN A 12 8.28 1.76 11.76
C ASN A 12 7.99 1.20 10.35
N SER A 13 7.18 0.15 10.31
CA SER A 13 6.80 -0.50 9.04
C SER A 13 6.15 0.48 8.06
N ALA A 14 5.50 1.52 8.59
CA ALA A 14 4.86 2.54 7.76
C ALA A 14 5.89 3.36 6.95
N GLU A 15 6.99 3.74 7.60
CA GLU A 15 8.00 4.59 6.96
C GLU A 15 8.77 3.85 5.86
N GLN A 16 9.11 2.58 6.10
CA GLN A 16 9.77 1.77 5.07
C GLN A 16 8.85 1.58 3.85
N THR A 17 7.54 1.44 4.12
CA THR A 17 6.54 1.31 3.04
C THR A 17 6.51 2.55 2.16
N VAL A 18 6.60 3.73 2.78
CA VAL A 18 6.66 5.00 2.02
C VAL A 18 7.78 4.96 0.97
N THR A 19 9.01 4.70 1.42
CA THR A 19 10.17 4.60 0.53
C THR A 19 10.03 3.43 -0.46
N TRP A 20 9.35 2.36 -0.03
CA TRP A 20 9.09 1.20 -0.90
C TRP A 20 8.21 1.60 -2.10
N LEU A 21 7.19 2.41 -1.86
CA LEU A 21 6.33 2.92 -2.93
C LEU A 21 7.13 3.83 -3.89
N ILE A 22 8.07 4.57 -3.33
CA ILE A 22 8.90 5.49 -4.10
C ILE A 22 9.92 4.75 -4.98
N THR A 23 10.60 3.75 -4.42
CA THR A 23 11.60 2.97 -5.18
C THR A 23 10.99 2.19 -6.35
N LEU A 24 9.68 1.92 -6.26
CA LEU A 24 8.95 1.25 -7.35
C LEU A 24 8.39 2.27 -8.36
N GLY A 25 8.57 3.56 -8.07
CA GLY A 25 8.15 4.62 -8.99
C GLY A 25 6.64 4.88 -9.01
N VAL A 26 5.89 4.14 -8.17
CA VAL A 26 4.43 4.29 -8.14
C VAL A 26 4.00 5.52 -7.32
N LEU A 27 4.85 5.94 -6.39
CA LEU A 27 4.58 7.14 -5.58
C LEU A 27 5.79 8.09 -5.62
N GLU A 28 5.52 9.38 -5.78
CA GLU A 28 6.59 10.39 -5.83
C GLU A 28 7.25 10.59 -4.44
N SER A 29 8.52 10.98 -4.45
CA SER A 29 9.25 11.26 -3.20
C SER A 29 8.86 12.64 -2.63
N PRO A 30 8.76 12.76 -1.29
CA PRO A 30 8.36 14.01 -0.64
C PRO A 30 9.43 15.12 -0.72
N LYS A 31 9.07 16.32 -0.26
CA LYS A 31 9.99 17.46 -0.26
C LYS A 31 10.83 17.50 1.03
N LYS A 32 10.27 16.99 2.13
CA LYS A 32 10.97 16.94 3.42
C LYS A 32 10.67 15.64 4.18
N THR A 33 11.13 15.58 5.43
CA THR A 33 10.91 14.40 6.29
C THR A 33 9.43 14.16 6.59
N ILE A 34 8.93 12.97 6.24
CA ILE A 34 7.54 12.59 6.54
C ILE A 34 7.28 12.56 8.05
N SER A 35 6.43 13.49 8.52
CA SER A 35 6.10 13.59 9.95
C SER A 35 5.11 12.49 10.39
N ASP A 36 4.13 12.21 9.54
CA ASP A 36 3.12 11.18 9.81
C ASP A 36 3.06 10.14 8.67
N PRO A 37 3.81 9.02 8.80
CA PRO A 37 3.88 7.99 7.75
C PRO A 37 2.52 7.36 7.40
N GLU A 38 1.77 6.96 8.43
CA GLU A 38 0.47 6.33 8.23
C GLU A 38 -0.55 7.32 7.63
N GLY A 39 -0.55 8.55 8.13
CA GLY A 39 -1.41 9.60 7.56
C GLY A 39 -1.09 9.89 6.10
N PHE A 40 0.20 10.04 5.80
CA PHE A 40 0.67 10.24 4.41
C PHE A 40 0.22 9.09 3.50
N LEU A 41 0.40 7.86 3.96
CA LEU A 41 0.00 6.66 3.19
C LEU A 41 -1.51 6.60 2.99
N GLN A 42 -2.28 6.92 4.03
CA GLN A 42 -3.75 6.91 3.95
C GLN A 42 -4.24 7.91 2.88
N ALA A 43 -3.74 9.14 2.95
CA ALA A 43 -4.13 10.19 2.01
C ALA A 43 -3.71 9.88 0.56
N SER A 44 -2.53 9.28 0.39
CA SER A 44 -2.00 8.97 -0.95
C SER A 44 -2.63 7.70 -1.55
N LEU A 45 -2.70 6.63 -0.75
CA LEU A 45 -3.26 5.35 -1.21
C LEU A 45 -4.79 5.38 -1.25
N LYS A 46 -5.39 6.42 -0.69
CA LYS A 46 -6.85 6.58 -0.62
C LYS A 46 -7.53 6.31 -1.98
N ASP A 47 -7.00 6.89 -3.04
CA ASP A 47 -7.59 6.77 -4.39
C ASP A 47 -7.50 5.33 -4.93
N GLY A 48 -6.67 4.49 -4.32
CA GLY A 48 -6.48 3.12 -4.79
C GLY A 48 -5.55 3.02 -6.00
N VAL A 49 -5.54 4.06 -6.84
CA VAL A 49 -4.72 4.08 -8.06
C VAL A 49 -3.25 3.70 -7.80
N VAL A 50 -2.63 4.30 -6.77
CA VAL A 50 -1.25 3.96 -6.41
C VAL A 50 -1.11 2.48 -6.04
N LEU A 51 -2.09 1.95 -5.31
CA LEU A 51 -2.10 0.52 -4.93
C LEU A 51 -2.18 -0.39 -6.17
N CYS A 52 -3.06 -0.03 -7.11
CA CYS A 52 -3.20 -0.78 -8.36
C CYS A 52 -1.87 -0.89 -9.09
N ARG A 53 -1.23 0.25 -9.34
CA ARG A 53 0.07 0.29 -10.03
C ARG A 53 1.16 -0.39 -9.18
N LEU A 54 1.06 -0.26 -7.86
CA LEU A 54 1.95 -0.98 -6.94
C LEU A 54 1.91 -2.48 -7.23
N LEU A 55 0.70 -3.03 -7.31
CA LEU A 55 0.52 -4.46 -7.61
C LEU A 55 0.99 -4.78 -9.04
N GLU A 56 0.77 -3.86 -9.98
CA GLU A 56 1.22 -4.04 -11.37
C GLU A 56 2.76 -4.11 -11.47
N ARG A 57 3.44 -3.46 -10.53
CA ARG A 57 4.91 -3.51 -10.45
C ARG A 57 5.41 -4.86 -9.90
N LEU A 58 4.64 -5.44 -8.98
CA LEU A 58 5.00 -6.73 -8.37
C LEU A 58 4.48 -7.90 -9.21
N LEU A 59 3.16 -7.94 -9.40
CA LEU A 59 2.51 -8.93 -10.27
C LEU A 59 2.09 -8.28 -11.60
N PRO A 60 2.94 -8.42 -12.65
CA PRO A 60 2.71 -7.77 -13.97
C PRO A 60 1.31 -7.97 -14.56
N GLY A 61 0.58 -6.86 -14.73
CA GLY A 61 -0.68 -6.87 -15.45
C GLY A 61 -1.83 -7.59 -14.73
N THR A 62 -1.71 -7.82 -13.43
CA THR A 62 -2.77 -8.47 -12.65
C THR A 62 -4.00 -7.54 -12.52
N ILE A 63 -3.77 -6.23 -12.51
CA ILE A 63 -4.86 -5.25 -12.43
C ILE A 63 -5.54 -5.07 -13.80
N GLU A 64 -6.69 -5.71 -13.96
CA GLU A 64 -7.48 -5.61 -15.20
C GLU A 64 -8.10 -4.22 -15.41
N LYS A 65 -8.70 -3.68 -14.35
CA LYS A 65 -9.46 -2.42 -14.45
C LYS A 65 -9.10 -1.45 -13.32
N VAL A 66 -9.01 -0.16 -13.65
CA VAL A 66 -8.74 0.89 -12.66
C VAL A 66 -9.32 2.24 -13.10
N TYR A 67 -9.79 3.02 -12.13
CA TYR A 67 -10.33 4.36 -12.39
C TYR A 67 -9.35 5.43 -11.88
N PRO A 68 -8.54 6.03 -12.78
CA PRO A 68 -7.54 7.05 -12.40
C PRO A 68 -8.16 8.28 -11.73
N GLU A 69 -9.43 8.55 -12.02
CA GLU A 69 -10.16 9.65 -11.38
C GLU A 69 -11.45 9.18 -10.71
N PRO A 70 -11.38 8.77 -9.43
CA PRO A 70 -12.57 8.42 -8.67
C PRO A 70 -13.48 9.64 -8.37
N ARG A 71 -14.46 9.87 -9.24
CA ARG A 71 -15.40 11.00 -9.08
C ARG A 71 -16.48 10.65 -8.04
N SER A 72 -16.66 9.36 -7.80
CA SER A 72 -17.61 8.87 -6.78
C SER A 72 -16.93 7.84 -5.86
N GLU A 73 -17.46 7.68 -4.65
CA GLU A 73 -16.88 6.77 -3.64
C GLU A 73 -16.69 5.35 -4.20
N SER A 74 -17.76 4.78 -4.76
CA SER A 74 -17.72 3.42 -5.35
C SER A 74 -16.49 3.21 -6.24
N GLU A 75 -16.22 4.17 -7.14
CA GLU A 75 -15.07 4.07 -8.05
C GLU A 75 -13.74 3.95 -7.28
N CYS A 76 -13.55 4.83 -6.30
CA CYS A 76 -12.32 4.81 -5.48
C CYS A 76 -12.17 3.48 -4.74
N LEU A 77 -13.27 3.00 -4.17
CA LEU A 77 -13.29 1.70 -3.50
C LEU A 77 -12.99 0.56 -4.48
N SER A 78 -13.51 0.68 -5.70
CA SER A 78 -13.30 -0.35 -6.74
C SER A 78 -11.81 -0.54 -7.06
N ASN A 79 -11.07 0.57 -7.17
CA ASN A 79 -9.62 0.51 -7.37
C ASN A 79 -8.93 -0.32 -6.28
N ILE A 80 -9.34 -0.08 -5.03
CA ILE A 80 -8.83 -0.84 -3.89
C ILE A 80 -9.26 -2.33 -3.99
N ARG A 81 -10.50 -2.56 -4.42
CA ARG A 81 -11.02 -3.93 -4.56
C ARG A 81 -10.25 -4.74 -5.62
N GLU A 82 -9.76 -4.06 -6.66
CA GLU A 82 -8.93 -4.71 -7.68
C GLU A 82 -7.56 -5.09 -7.10
N PHE A 83 -6.99 -4.19 -6.30
CA PHE A 83 -5.76 -4.49 -5.55
C PHE A 83 -5.96 -5.72 -4.65
N LEU A 84 -7.09 -5.75 -3.95
CA LEU A 84 -7.46 -6.88 -3.10
C LEU A 84 -7.65 -8.18 -3.92
N ARG A 85 -8.20 -8.03 -5.13
CA ARG A 85 -8.41 -9.17 -6.03
C ARG A 85 -7.08 -9.92 -6.29
N GLY A 86 -6.09 -9.19 -6.80
CA GLY A 86 -4.79 -9.78 -7.10
C GLY A 86 -4.08 -10.37 -5.88
N CYS A 87 -3.91 -9.55 -4.84
CA CYS A 87 -3.25 -9.97 -3.61
C CYS A 87 -4.01 -11.11 -2.91
N GLY A 88 -5.34 -11.07 -3.00
CA GLY A 88 -6.17 -12.09 -2.37
C GLY A 88 -6.16 -13.42 -3.14
N ALA A 89 -6.11 -13.35 -4.47
CA ALA A 89 -6.13 -14.56 -5.30
C ALA A 89 -4.74 -15.22 -5.39
N SER A 90 -3.79 -14.54 -6.03
CA SER A 90 -2.45 -15.10 -6.27
C SER A 90 -1.61 -15.20 -5.00
N LEU A 91 -1.63 -14.15 -4.19
CA LEU A 91 -0.83 -14.10 -2.96
C LEU A 91 -1.58 -14.68 -1.74
N ARG A 92 -2.90 -14.57 -1.75
CA ARG A 92 -3.75 -15.13 -0.67
C ARG A 92 -3.36 -14.56 0.71
N LEU A 93 -2.82 -13.35 0.73
CA LEU A 93 -2.40 -12.69 1.97
C LEU A 93 -3.58 -11.98 2.66
N GLU A 94 -3.33 -11.43 3.86
CA GLU A 94 -4.36 -10.71 4.63
C GLU A 94 -4.96 -9.56 3.82
N THR A 95 -6.24 -9.65 3.48
CA THR A 95 -6.91 -8.60 2.71
C THR A 95 -7.87 -7.77 3.59
N PHE A 96 -7.69 -6.45 3.55
CA PHE A 96 -8.53 -5.52 4.32
C PHE A 96 -9.80 -5.14 3.52
N ASP A 97 -10.64 -4.29 4.12
CA ASP A 97 -11.83 -3.77 3.42
C ASP A 97 -11.53 -2.37 2.86
N ALA A 98 -12.11 -2.06 1.70
CA ALA A 98 -11.84 -0.78 1.02
C ALA A 98 -12.12 0.44 1.92
N ASN A 99 -13.08 0.30 2.83
CA ASN A 99 -13.45 1.41 3.73
C ASN A 99 -12.40 1.65 4.83
N ASP A 100 -11.64 0.62 5.19
CA ASP A 100 -10.57 0.77 6.19
C ASP A 100 -9.55 1.82 5.74
N LEU A 101 -9.22 1.81 4.44
CA LEU A 101 -8.28 2.78 3.88
C LEU A 101 -8.98 4.08 3.46
N TYR A 102 -10.05 3.95 2.67
CA TYR A 102 -10.76 5.14 2.14
C TYR A 102 -11.38 5.98 3.27
N GLN A 103 -12.19 5.34 4.12
CA GLN A 103 -12.80 6.04 5.26
C GLN A 103 -11.78 6.20 6.41
N GLY A 104 -10.73 5.39 6.37
CA GLY A 104 -9.68 5.45 7.39
C GLY A 104 -10.09 4.82 8.72
N GLN A 105 -10.86 3.74 8.66
CA GLN A 105 -11.33 3.05 9.88
C GLN A 105 -10.20 2.32 10.61
N ASN A 106 -9.65 1.28 9.97
CA ASN A 106 -8.52 0.54 10.55
C ASN A 106 -7.35 0.45 9.56
N PHE A 107 -6.50 1.48 9.56
CA PHE A 107 -5.34 1.52 8.66
C PHE A 107 -4.31 0.43 8.99
N ASN A 108 -4.30 -0.01 10.26
CA ASN A 108 -3.34 -1.03 10.71
C ASN A 108 -3.44 -2.32 9.86
N LYS A 109 -4.67 -2.72 9.51
CA LYS A 109 -4.89 -3.88 8.65
C LYS A 109 -4.34 -3.61 7.23
N VAL A 110 -4.56 -2.39 6.75
CA VAL A 110 -4.05 -1.97 5.43
C VAL A 110 -2.52 -2.04 5.38
N LEU A 111 -1.88 -1.36 6.33
CA LEU A 111 -0.42 -1.35 6.44
C LEU A 111 0.14 -2.78 6.57
N SER A 112 -0.47 -3.57 7.45
CA SER A 112 -0.06 -4.98 7.65
C SER A 112 -0.12 -5.77 6.33
N SER A 113 -1.16 -5.50 5.53
CA SER A 113 -1.31 -6.11 4.21
C SER A 113 -0.18 -5.68 3.26
N LEU A 114 0.15 -4.39 3.29
CA LEU A 114 1.23 -3.82 2.46
C LEU A 114 2.59 -4.44 2.83
N VAL A 115 2.87 -4.55 4.13
CA VAL A 115 4.11 -5.18 4.61
C VAL A 115 4.19 -6.64 4.14
N THR A 116 3.09 -7.37 4.29
CA THR A 116 3.00 -8.75 3.79
C THR A 116 3.21 -8.79 2.27
N LEU A 117 2.58 -7.85 1.57
CA LEU A 117 2.71 -7.72 0.12
C LEU A 117 4.19 -7.64 -0.31
N ASN A 118 4.96 -6.86 0.44
CA ASN A 118 6.42 -6.77 0.21
C ASN A 118 7.10 -8.12 0.51
N LYS A 119 6.84 -8.67 1.69
CA LYS A 119 7.48 -9.90 2.14
C LYS A 119 7.25 -11.09 1.18
N VAL A 120 6.04 -11.22 0.66
CA VAL A 120 5.71 -12.32 -0.25
C VAL A 120 6.33 -12.12 -1.65
N THR A 121 6.16 -10.93 -2.23
CA THR A 121 6.64 -10.67 -3.59
C THR A 121 8.17 -10.60 -3.67
N ALA A 122 8.79 -9.95 -2.69
CA ALA A 122 10.25 -9.83 -2.63
C ALA A 122 10.92 -11.20 -2.57
N ASP A 123 10.35 -12.10 -1.77
CA ASP A 123 10.88 -13.46 -1.63
C ASP A 123 10.72 -14.26 -2.94
N ILE A 124 9.58 -14.07 -3.63
CA ILE A 124 9.34 -14.72 -4.93
C ILE A 124 10.46 -14.38 -5.94
N GLY A 125 10.97 -13.15 -5.88
CA GLY A 125 12.04 -12.74 -6.77
C GLY A 125 11.58 -11.79 -7.87
N LEU A 126 11.71 -10.49 -7.61
CA LEU A 126 11.32 -9.45 -8.58
C LEU A 126 12.46 -9.16 -9.57
N MET A 1 -3.22 -6.38 33.91
CA MET A 1 -2.31 -7.54 34.11
C MET A 1 -2.79 -8.77 33.32
N GLY A 2 -1.85 -9.63 32.93
CA GLY A 2 -2.22 -10.83 32.20
C GLY A 2 -1.01 -11.68 31.80
N HIS A 3 -1.16 -13.00 31.90
CA HIS A 3 -0.11 -13.93 31.52
C HIS A 3 -0.17 -14.24 30.00
N HIS A 4 0.73 -13.62 29.23
CA HIS A 4 0.77 -13.82 27.77
C HIS A 4 2.10 -13.33 27.16
N HIS A 5 2.68 -14.15 26.28
CA HIS A 5 3.94 -13.80 25.61
C HIS A 5 3.79 -12.57 24.69
N HIS A 6 4.80 -11.71 24.69
CA HIS A 6 4.76 -10.44 23.95
C HIS A 6 4.91 -10.66 22.42
N HIS A 7 3.81 -11.06 21.77
CA HIS A 7 3.80 -11.32 20.33
C HIS A 7 3.42 -10.06 19.52
N HIS A 8 3.90 -8.90 19.97
CA HIS A 8 3.54 -7.62 19.33
C HIS A 8 4.67 -6.58 19.52
N SER A 9 5.54 -6.43 18.52
CA SER A 9 6.66 -5.48 18.59
C SER A 9 7.18 -5.12 17.19
N HIS A 10 7.53 -3.86 17.00
CA HIS A 10 8.09 -3.38 15.72
C HIS A 10 8.48 -1.90 15.78
N MET A 11 9.28 -1.46 14.81
CA MET A 11 9.57 -0.03 14.64
C MET A 11 8.51 0.60 13.71
N ASN A 12 8.69 1.87 13.33
CA ASN A 12 7.73 2.52 12.44
C ASN A 12 7.71 1.82 11.06
N SER A 13 6.74 0.93 10.89
CA SER A 13 6.63 0.12 9.66
C SER A 13 6.14 0.98 8.48
N ALA A 14 5.61 2.16 8.77
CA ALA A 14 5.16 3.07 7.71
C ALA A 14 6.33 3.65 6.91
N GLU A 15 7.43 4.03 7.60
CA GLU A 15 8.62 4.58 6.93
C GLU A 15 9.11 3.67 5.79
N GLN A 16 9.43 2.42 6.11
CA GLN A 16 9.89 1.44 5.11
C GLN A 16 8.87 1.30 3.96
N THR A 17 7.58 1.32 4.29
CA THR A 17 6.52 1.19 3.29
C THR A 17 6.54 2.37 2.29
N VAL A 18 6.63 3.59 2.81
CA VAL A 18 6.73 4.79 1.95
C VAL A 18 7.93 4.67 1.01
N THR A 19 9.10 4.38 1.58
CA THR A 19 10.33 4.18 0.80
C THR A 19 10.14 3.09 -0.27
N TRP A 20 9.47 2.00 0.11
CA TRP A 20 9.21 0.87 -0.79
C TRP A 20 8.29 1.28 -1.97
N LEU A 21 7.28 2.09 -1.68
CA LEU A 21 6.38 2.59 -2.74
C LEU A 21 7.10 3.54 -3.70
N ILE A 22 8.03 4.33 -3.16
CA ILE A 22 8.80 5.28 -3.98
C ILE A 22 9.80 4.56 -4.90
N THR A 23 10.52 3.56 -4.38
CA THR A 23 11.51 2.83 -5.18
C THR A 23 10.87 2.10 -6.37
N LEU A 24 9.64 1.61 -6.18
CA LEU A 24 8.90 0.94 -7.26
C LEU A 24 8.25 1.96 -8.22
N GLY A 25 8.45 3.24 -7.95
CA GLY A 25 7.96 4.30 -8.84
C GLY A 25 6.44 4.41 -8.88
N VAL A 26 5.76 3.93 -7.83
CA VAL A 26 4.29 3.99 -7.75
C VAL A 26 3.81 5.16 -6.88
N LEU A 27 4.72 5.68 -6.06
CA LEU A 27 4.43 6.83 -5.20
C LEU A 27 5.50 7.92 -5.36
N GLU A 28 5.07 9.16 -5.58
CA GLU A 28 6.00 10.28 -5.74
C GLU A 28 6.60 10.73 -4.39
N SER A 29 7.78 11.34 -4.45
CA SER A 29 8.48 11.81 -3.25
C SER A 29 7.88 13.11 -2.70
N PRO A 30 7.73 13.23 -1.36
CA PRO A 30 7.15 14.41 -0.71
C PRO A 30 8.07 15.64 -0.74
N LYS A 31 7.53 16.80 -0.33
CA LYS A 31 8.30 18.05 -0.31
C LYS A 31 9.41 18.02 0.75
N LYS A 32 9.14 17.38 1.89
CA LYS A 32 10.13 17.26 2.97
C LYS A 32 10.04 15.90 3.67
N THR A 33 10.86 15.69 4.70
CA THR A 33 10.79 14.46 5.50
C THR A 33 9.47 14.39 6.26
N ILE A 34 8.67 13.38 5.94
CA ILE A 34 7.31 13.25 6.50
C ILE A 34 7.31 12.98 8.01
N SER A 35 6.55 13.77 8.75
CA SER A 35 6.37 13.58 10.20
C SER A 35 5.65 12.26 10.49
N ASP A 36 4.38 12.18 10.08
CA ASP A 36 3.60 10.95 10.21
C ASP A 36 3.42 10.26 8.84
N PRO A 37 4.21 9.21 8.55
CA PRO A 37 4.07 8.44 7.31
C PRO A 37 2.81 7.55 7.29
N GLU A 38 2.29 7.22 8.48
CA GLU A 38 1.11 6.36 8.60
C GLU A 38 -0.14 7.06 8.03
N GLY A 39 -0.46 8.23 8.57
CA GLY A 39 -1.57 9.02 8.04
C GLY A 39 -1.36 9.44 6.59
N PHE A 40 -0.09 9.69 6.24
CA PHE A 40 0.28 10.03 4.85
C PHE A 40 -0.13 8.91 3.87
N LEU A 41 0.24 7.67 4.20
CA LEU A 41 -0.10 6.51 3.36
C LEU A 41 -1.61 6.39 3.13
N GLN A 42 -2.39 6.49 4.22
CA GLN A 42 -3.86 6.41 4.13
C GLN A 42 -4.41 7.44 3.13
N ALA A 43 -3.95 8.68 3.24
CA ALA A 43 -4.41 9.76 2.36
C ALA A 43 -3.96 9.57 0.90
N SER A 44 -2.84 8.86 0.71
CA SER A 44 -2.30 8.62 -0.63
C SER A 44 -2.93 7.39 -1.31
N LEU A 45 -3.24 6.37 -0.51
CA LEU A 45 -3.79 5.11 -1.03
C LEU A 45 -5.33 5.15 -1.07
N LYS A 46 -5.90 6.23 -0.55
CA LYS A 46 -7.37 6.43 -0.48
C LYS A 46 -8.09 6.02 -1.79
N ASP A 47 -7.69 6.64 -2.89
CA ASP A 47 -8.34 6.41 -4.19
C ASP A 47 -7.95 5.07 -4.85
N GLY A 48 -7.08 4.31 -4.18
CA GLY A 48 -6.70 2.98 -4.68
C GLY A 48 -5.70 2.99 -5.84
N VAL A 49 -5.74 4.03 -6.68
CA VAL A 49 -4.89 4.13 -7.89
C VAL A 49 -3.42 3.78 -7.61
N VAL A 50 -2.85 4.30 -6.53
CA VAL A 50 -1.45 4.00 -6.16
C VAL A 50 -1.24 2.49 -5.94
N LEU A 51 -2.20 1.85 -5.26
CA LEU A 51 -2.14 0.40 -5.02
C LEU A 51 -2.17 -0.38 -6.34
N CYS A 52 -3.02 0.08 -7.27
CA CYS A 52 -3.12 -0.55 -8.60
C CYS A 52 -1.77 -0.51 -9.34
N ARG A 53 -1.08 0.64 -9.25
CA ARG A 53 0.26 0.76 -9.83
C ARG A 53 1.23 -0.23 -9.15
N LEU A 54 1.13 -0.30 -7.81
CA LEU A 54 1.95 -1.21 -7.01
C LEU A 54 1.78 -2.67 -7.47
N LEU A 55 0.54 -3.08 -7.68
CA LEU A 55 0.24 -4.46 -8.12
C LEU A 55 0.77 -4.71 -9.54
N GLU A 56 0.76 -3.68 -10.40
CA GLU A 56 1.31 -3.80 -11.76
C GLU A 56 2.84 -3.87 -11.76
N ARG A 57 3.47 -3.39 -10.69
CA ARG A 57 4.93 -3.49 -10.53
C ARG A 57 5.36 -4.91 -10.12
N LEU A 58 4.60 -5.52 -9.21
CA LEU A 58 4.91 -6.86 -8.70
C LEU A 58 4.28 -7.96 -9.58
N LEU A 59 3.02 -7.75 -9.97
CA LEU A 59 2.29 -8.69 -10.84
C LEU A 59 1.70 -7.96 -12.08
N PRO A 60 2.55 -7.66 -13.09
CA PRO A 60 2.12 -6.91 -14.29
C PRO A 60 1.00 -7.60 -15.09
N GLY A 61 -0.13 -6.92 -15.24
CA GLY A 61 -1.25 -7.46 -16.01
C GLY A 61 -2.40 -7.94 -15.15
N THR A 62 -2.20 -7.97 -13.83
CA THR A 62 -3.23 -8.43 -12.89
C THR A 62 -4.37 -7.43 -12.75
N ILE A 63 -4.05 -6.14 -12.85
CA ILE A 63 -5.06 -5.09 -12.82
C ILE A 63 -5.93 -5.15 -14.09
N GLU A 64 -7.18 -5.58 -13.93
CA GLU A 64 -8.12 -5.73 -15.05
C GLU A 64 -8.57 -4.35 -15.56
N LYS A 65 -8.98 -3.48 -14.63
CA LYS A 65 -9.27 -2.07 -14.96
C LYS A 65 -9.14 -1.19 -13.71
N VAL A 66 -8.38 -0.10 -13.84
CA VAL A 66 -8.26 0.89 -12.78
C VAL A 66 -8.84 2.24 -13.22
N TYR A 67 -9.46 2.96 -12.29
CA TYR A 67 -9.97 4.31 -12.56
C TYR A 67 -8.91 5.37 -12.18
N PRO A 68 -8.15 5.89 -13.16
CA PRO A 68 -7.08 6.88 -12.90
C PRO A 68 -7.63 8.27 -12.59
N GLU A 69 -8.95 8.41 -12.74
CA GLU A 69 -9.63 9.68 -12.50
C GLU A 69 -10.92 9.49 -11.67
N PRO A 70 -10.78 8.98 -10.43
CA PRO A 70 -11.94 8.69 -9.57
C PRO A 70 -12.78 9.93 -9.28
N ARG A 71 -13.91 10.05 -9.98
CA ARG A 71 -14.80 11.20 -9.85
C ARG A 71 -15.67 11.09 -8.58
N SER A 72 -15.91 9.86 -8.12
CA SER A 72 -16.72 9.64 -6.91
C SER A 72 -16.27 8.42 -6.11
N GLU A 73 -16.89 8.23 -4.94
CA GLU A 73 -16.53 7.19 -3.98
C GLU A 73 -16.45 5.78 -4.60
N SER A 74 -17.48 5.41 -5.36
CA SER A 74 -17.58 4.04 -5.92
C SER A 74 -16.32 3.65 -6.70
N GLU A 75 -15.83 4.56 -7.56
CA GLU A 75 -14.59 4.31 -8.33
C GLU A 75 -13.39 4.06 -7.39
N CYS A 76 -13.25 4.91 -6.37
CA CYS A 76 -12.16 4.77 -5.39
C CYS A 76 -12.18 3.39 -4.73
N LEU A 77 -13.34 3.00 -4.21
CA LEU A 77 -13.52 1.68 -3.58
C LEU A 77 -13.25 0.54 -4.58
N SER A 78 -13.65 0.74 -5.83
CA SER A 78 -13.43 -0.25 -6.89
C SER A 78 -11.94 -0.48 -7.16
N ASN A 79 -11.17 0.61 -7.21
CA ASN A 79 -9.71 0.52 -7.38
C ASN A 79 -9.08 -0.32 -6.26
N ILE A 80 -9.51 -0.07 -5.03
CA ILE A 80 -9.03 -0.85 -3.88
C ILE A 80 -9.42 -2.33 -4.00
N ARG A 81 -10.67 -2.59 -4.39
CA ARG A 81 -11.15 -3.97 -4.60
C ARG A 81 -10.38 -4.69 -5.72
N GLU A 82 -10.03 -3.94 -6.77
CA GLU A 82 -9.18 -4.46 -7.85
C GLU A 82 -7.84 -4.98 -7.29
N PHE A 83 -7.16 -4.12 -6.53
CA PHE A 83 -5.91 -4.49 -5.86
C PHE A 83 -6.11 -5.71 -4.92
N LEU A 84 -7.16 -5.64 -4.11
CA LEU A 84 -7.48 -6.73 -3.16
C LEU A 84 -7.75 -8.05 -3.89
N ARG A 85 -8.40 -7.98 -5.05
CA ARG A 85 -8.68 -9.17 -5.85
C ARG A 85 -7.38 -9.86 -6.28
N GLY A 86 -6.48 -9.09 -6.87
CA GLY A 86 -5.20 -9.64 -7.33
C GLY A 86 -4.36 -10.25 -6.21
N CYS A 87 -4.07 -9.45 -5.18
CA CYS A 87 -3.27 -9.92 -4.04
C CYS A 87 -3.96 -11.06 -3.28
N GLY A 88 -5.28 -10.96 -3.13
CA GLY A 88 -6.05 -12.00 -2.46
C GLY A 88 -6.09 -13.32 -3.23
N ALA A 89 -6.23 -13.22 -4.55
CA ALA A 89 -6.32 -14.40 -5.41
C ALA A 89 -4.97 -15.14 -5.51
N SER A 90 -3.95 -14.45 -6.06
CA SER A 90 -2.63 -15.07 -6.30
C SER A 90 -1.82 -15.25 -5.01
N LEU A 91 -1.63 -14.16 -4.26
CA LEU A 91 -0.74 -14.16 -3.08
C LEU A 91 -1.44 -14.69 -1.82
N ARG A 92 -2.76 -14.52 -1.73
CA ARG A 92 -3.54 -14.99 -0.57
C ARG A 92 -3.05 -14.36 0.74
N LEU A 93 -2.51 -13.14 0.64
CA LEU A 93 -1.92 -12.46 1.79
C LEU A 93 -2.97 -11.72 2.65
N GLU A 94 -2.49 -11.06 3.71
CA GLU A 94 -3.36 -10.26 4.59
C GLU A 94 -4.18 -9.22 3.80
N THR A 95 -5.47 -9.49 3.63
CA THR A 95 -6.37 -8.54 2.94
C THR A 95 -7.14 -7.68 3.94
N PHE A 96 -7.69 -6.58 3.46
CA PHE A 96 -8.43 -5.63 4.31
C PHE A 96 -9.67 -5.07 3.59
N ASP A 97 -10.61 -4.55 4.36
CA ASP A 97 -11.81 -3.91 3.79
C ASP A 97 -11.45 -2.54 3.18
N ALA A 98 -11.96 -2.27 1.99
CA ALA A 98 -11.71 -0.99 1.29
C ALA A 98 -12.15 0.20 2.14
N ASN A 99 -13.16 -0.02 2.98
CA ASN A 99 -13.69 1.02 3.85
C ASN A 99 -12.65 1.49 4.90
N ASP A 100 -11.86 0.55 5.43
CA ASP A 100 -10.80 0.89 6.40
C ASP A 100 -9.81 1.89 5.81
N LEU A 101 -9.35 1.63 4.59
CA LEU A 101 -8.39 2.52 3.93
C LEU A 101 -9.05 3.83 3.49
N TYR A 102 -10.16 3.72 2.77
CA TYR A 102 -10.82 4.89 2.19
C TYR A 102 -11.30 5.89 3.28
N GLN A 103 -11.71 5.38 4.44
CA GLN A 103 -12.19 6.25 5.54
C GLN A 103 -11.19 6.32 6.71
N GLY A 104 -10.05 5.65 6.58
CA GLY A 104 -9.04 5.67 7.63
C GLY A 104 -9.55 5.14 8.97
N GLN A 105 -10.15 3.96 8.95
CA GLN A 105 -10.69 3.34 10.18
C GLN A 105 -9.63 2.50 10.89
N ASN A 106 -9.39 1.28 10.40
CA ASN A 106 -8.33 0.41 10.95
C ASN A 106 -7.14 0.31 9.98
N PHE A 107 -6.24 1.28 10.06
CA PHE A 107 -5.09 1.35 9.15
C PHE A 107 -4.07 0.21 9.42
N ASN A 108 -4.09 -0.31 10.64
CA ASN A 108 -3.18 -1.40 11.03
C ASN A 108 -3.24 -2.59 10.06
N LYS A 109 -4.44 -2.91 9.57
CA LYS A 109 -4.63 -3.99 8.59
C LYS A 109 -4.02 -3.62 7.23
N VAL A 110 -4.26 -2.37 6.81
CA VAL A 110 -3.73 -1.87 5.54
C VAL A 110 -2.19 -1.90 5.53
N LEU A 111 -1.58 -1.32 6.56
CA LEU A 111 -0.12 -1.30 6.68
C LEU A 111 0.46 -2.73 6.69
N SER A 112 -0.14 -3.60 7.49
CA SER A 112 0.28 -5.00 7.56
C SER A 112 0.13 -5.71 6.21
N SER A 113 -0.91 -5.35 5.45
CA SER A 113 -1.12 -5.88 4.10
C SER A 113 0.04 -5.49 3.18
N LEU A 114 0.39 -4.20 3.20
CA LEU A 114 1.51 -3.68 2.39
C LEU A 114 2.83 -4.35 2.76
N VAL A 115 3.10 -4.47 4.06
CA VAL A 115 4.31 -5.15 4.55
C VAL A 115 4.33 -6.63 4.12
N THR A 116 3.19 -7.31 4.27
CA THR A 116 3.07 -8.70 3.82
C THR A 116 3.27 -8.81 2.31
N LEU A 117 2.77 -7.83 1.57
CA LEU A 117 2.95 -7.76 0.12
C LEU A 117 4.44 -7.70 -0.25
N ASN A 118 5.21 -6.91 0.51
CA ASN A 118 6.66 -6.87 0.35
C ASN A 118 7.29 -8.23 0.75
N LYS A 119 6.86 -8.77 1.89
CA LYS A 119 7.36 -10.05 2.41
C LYS A 119 7.23 -11.19 1.38
N VAL A 120 6.01 -11.42 0.92
CA VAL A 120 5.72 -12.54 0.01
C VAL A 120 6.43 -12.40 -1.35
N THR A 121 6.36 -11.21 -1.97
CA THR A 121 6.98 -10.99 -3.28
C THR A 121 8.51 -11.00 -3.20
N ALA A 122 9.05 -10.45 -2.11
CA ALA A 122 10.50 -10.52 -1.85
C ALA A 122 10.96 -11.98 -1.72
N ASP A 123 10.11 -12.81 -1.12
CA ASP A 123 10.38 -14.25 -0.99
C ASP A 123 10.33 -14.94 -2.38
N ILE A 124 9.55 -14.36 -3.30
CA ILE A 124 9.41 -14.89 -4.66
C ILE A 124 10.59 -14.47 -5.57
N GLY A 125 11.08 -13.24 -5.41
CA GLY A 125 12.22 -12.79 -6.21
C GLY A 125 12.25 -11.27 -6.43
N LEU A 126 12.59 -10.51 -5.39
CA LEU A 126 12.78 -9.05 -5.51
C LEU A 126 14.25 -8.65 -5.21
N MET A 1 31.40 -6.89 18.69
CA MET A 1 31.16 -5.56 18.09
C MET A 1 29.78 -5.52 17.39
N GLY A 2 29.34 -4.32 16.98
CA GLY A 2 28.10 -4.20 16.22
C GLY A 2 26.85 -4.13 17.09
N HIS A 3 26.92 -4.65 18.31
CA HIS A 3 25.76 -4.73 19.19
C HIS A 3 25.46 -3.40 19.91
N HIS A 4 24.96 -2.43 19.13
CA HIS A 4 24.56 -1.12 19.66
C HIS A 4 23.37 -0.53 18.88
N HIS A 5 22.80 -1.30 17.95
CA HIS A 5 21.70 -0.81 17.12
C HIS A 5 20.34 -1.03 17.80
N HIS A 6 19.85 0.00 18.50
CA HIS A 6 18.59 -0.07 19.23
C HIS A 6 17.71 1.15 18.93
N HIS A 7 16.39 0.97 19.02
CA HIS A 7 15.45 2.07 18.78
C HIS A 7 14.53 2.31 19.99
N HIS A 8 14.23 3.59 20.26
CA HIS A 8 13.37 3.96 21.39
C HIS A 8 11.91 3.55 21.13
N SER A 9 11.57 3.32 19.87
CA SER A 9 10.24 2.85 19.48
C SER A 9 10.35 1.60 18.59
N HIS A 10 9.22 1.00 18.25
CA HIS A 10 9.20 -0.13 17.31
C HIS A 10 9.52 0.35 15.88
N MET A 11 10.11 -0.54 15.08
CA MET A 11 10.37 -0.22 13.67
C MET A 11 9.05 -0.07 12.90
N ASN A 12 8.60 1.17 12.80
CA ASN A 12 7.31 1.49 12.17
C ASN A 12 7.29 1.01 10.71
N SER A 13 6.37 0.10 10.41
CA SER A 13 6.26 -0.49 9.08
C SER A 13 5.86 0.55 8.02
N ALA A 14 5.11 1.57 8.43
CA ALA A 14 4.65 2.60 7.50
C ALA A 14 5.81 3.43 6.94
N GLU A 15 6.82 3.72 7.79
CA GLU A 15 8.02 4.44 7.36
C GLU A 15 8.67 3.77 6.14
N GLN A 16 9.06 2.51 6.30
CA GLN A 16 9.69 1.73 5.22
C GLN A 16 8.74 1.55 4.03
N THR A 17 7.42 1.49 4.30
CA THR A 17 6.42 1.35 3.22
C THR A 17 6.44 2.57 2.29
N VAL A 18 6.55 3.77 2.85
CA VAL A 18 6.66 4.99 2.03
C VAL A 18 7.82 4.89 1.03
N THR A 19 9.02 4.68 1.56
CA THR A 19 10.22 4.52 0.72
C THR A 19 10.06 3.37 -0.29
N TRP A 20 9.41 2.29 0.15
CA TRP A 20 9.15 1.13 -0.71
C TRP A 20 8.27 1.51 -1.93
N LEU A 21 7.21 2.27 -1.68
CA LEU A 21 6.33 2.73 -2.78
C LEU A 21 7.08 3.69 -3.73
N ILE A 22 7.95 4.52 -3.17
CA ILE A 22 8.75 5.47 -3.95
C ILE A 22 9.79 4.75 -4.84
N THR A 23 10.53 3.81 -4.27
CA THR A 23 11.58 3.10 -5.00
C THR A 23 11.02 2.21 -6.13
N LEU A 24 9.76 1.78 -5.98
CA LEU A 24 9.07 1.01 -7.02
C LEU A 24 8.49 1.91 -8.13
N GLY A 25 8.55 3.22 -7.92
CA GLY A 25 8.03 4.17 -8.91
C GLY A 25 6.51 4.18 -9.01
N VAL A 26 5.83 3.65 -7.99
CA VAL A 26 4.36 3.60 -7.98
C VAL A 26 3.77 4.77 -7.18
N LEU A 27 4.62 5.43 -6.40
CA LEU A 27 4.21 6.61 -5.64
C LEU A 27 5.24 7.74 -5.82
N GLU A 28 4.75 8.95 -6.06
CA GLU A 28 5.62 10.12 -6.22
C GLU A 28 6.21 10.56 -4.87
N SER A 29 7.41 11.12 -4.90
CA SER A 29 8.16 11.46 -3.69
C SER A 29 7.77 12.84 -3.12
N PRO A 30 7.78 12.98 -1.78
CA PRO A 30 7.58 14.28 -1.12
C PRO A 30 8.87 15.11 -1.02
N LYS A 31 8.73 16.40 -0.72
CA LYS A 31 9.89 17.29 -0.56
C LYS A 31 10.46 17.20 0.87
N LYS A 32 9.58 17.07 1.86
CA LYS A 32 10.00 16.94 3.26
C LYS A 32 9.95 15.49 3.75
N THR A 33 10.61 15.24 4.88
CA THR A 33 10.53 13.94 5.56
C THR A 33 9.13 13.73 6.15
N ILE A 34 8.55 12.56 5.92
CA ILE A 34 7.19 12.28 6.38
C ILE A 34 7.09 12.31 7.93
N SER A 35 6.29 13.26 8.45
CA SER A 35 6.10 13.39 9.90
C SER A 35 5.36 12.19 10.48
N ASP A 36 4.24 11.83 9.86
CA ASP A 36 3.49 10.64 10.26
C ASP A 36 3.14 9.78 9.04
N PRO A 37 3.91 8.70 8.79
CA PRO A 37 3.71 7.84 7.61
C PRO A 37 2.36 7.10 7.62
N GLU A 38 1.83 6.85 8.82
CA GLU A 38 0.57 6.13 8.97
C GLU A 38 -0.62 6.98 8.50
N GLY A 39 -0.60 8.27 8.82
CA GLY A 39 -1.63 9.19 8.33
C GLY A 39 -1.41 9.57 6.86
N PHE A 40 -0.15 9.81 6.49
CA PHE A 40 0.24 10.16 5.12
C PHE A 40 -0.24 9.10 4.11
N LEU A 41 0.19 7.85 4.31
CA LEU A 41 -0.19 6.76 3.41
C LEU A 41 -1.72 6.61 3.31
N GLN A 42 -2.40 6.70 4.46
CA GLN A 42 -3.86 6.61 4.50
C GLN A 42 -4.50 7.61 3.52
N ALA A 43 -4.00 8.84 3.50
CA ALA A 43 -4.53 9.88 2.62
C ALA A 43 -3.98 9.77 1.18
N SER A 44 -2.72 9.35 1.04
CA SER A 44 -2.06 9.29 -0.28
C SER A 44 -2.40 7.99 -1.04
N LEU A 45 -2.99 7.02 -0.35
CA LEU A 45 -3.43 5.77 -0.99
C LEU A 45 -4.96 5.72 -1.13
N LYS A 46 -5.64 6.78 -0.68
CA LYS A 46 -7.11 6.80 -0.61
C LYS A 46 -7.76 6.64 -2.00
N ASP A 47 -7.07 7.09 -3.04
CA ASP A 47 -7.57 6.99 -4.42
C ASP A 47 -7.62 5.54 -4.92
N GLY A 48 -6.80 4.68 -4.31
CA GLY A 48 -6.74 3.28 -4.72
C GLY A 48 -5.89 3.03 -5.96
N VAL A 49 -5.75 4.05 -6.81
CA VAL A 49 -4.99 3.92 -8.06
C VAL A 49 -3.51 3.63 -7.76
N VAL A 50 -2.96 4.29 -6.74
CA VAL A 50 -1.59 4.02 -6.30
C VAL A 50 -1.41 2.53 -5.94
N LEU A 51 -2.42 1.96 -5.29
CA LEU A 51 -2.42 0.53 -4.96
C LEU A 51 -2.39 -0.33 -6.23
N CYS A 52 -3.21 0.04 -7.22
CA CYS A 52 -3.24 -0.66 -8.51
C CYS A 52 -1.87 -0.59 -9.20
N ARG A 53 -1.25 0.60 -9.19
CA ARG A 53 0.12 0.77 -9.70
C ARG A 53 1.10 -0.18 -8.98
N LEU A 54 1.00 -0.22 -7.66
CA LEU A 54 1.84 -1.10 -6.83
C LEU A 54 1.71 -2.57 -7.25
N LEU A 55 0.47 -3.06 -7.30
CA LEU A 55 0.21 -4.45 -7.67
C LEU A 55 0.58 -4.72 -9.13
N GLU A 56 0.37 -3.74 -10.00
CA GLU A 56 0.76 -3.85 -11.41
C GLU A 56 2.29 -3.80 -11.61
N ARG A 57 2.99 -3.24 -10.63
CA ARG A 57 4.46 -3.19 -10.66
C ARG A 57 5.05 -4.57 -10.30
N LEU A 58 4.59 -5.11 -9.19
CA LEU A 58 5.07 -6.41 -8.69
C LEU A 58 4.44 -7.58 -9.46
N LEU A 59 3.15 -7.46 -9.80
CA LEU A 59 2.44 -8.46 -10.59
C LEU A 59 1.73 -7.80 -11.80
N PRO A 60 2.47 -7.55 -12.90
CA PRO A 60 1.91 -6.89 -14.11
C PRO A 60 0.82 -7.73 -14.80
N GLY A 61 -0.37 -7.16 -14.95
CA GLY A 61 -1.48 -7.88 -15.56
C GLY A 61 -2.33 -8.62 -14.54
N THR A 62 -2.52 -8.00 -13.37
CA THR A 62 -3.35 -8.59 -12.31
C THR A 62 -4.61 -7.74 -12.08
N ILE A 63 -4.50 -6.43 -12.27
CA ILE A 63 -5.65 -5.54 -12.20
C ILE A 63 -6.49 -5.63 -13.49
N GLU A 64 -7.76 -6.00 -13.35
CA GLU A 64 -8.63 -6.21 -14.52
C GLU A 64 -9.29 -4.90 -14.98
N LYS A 65 -9.74 -4.10 -14.01
CA LYS A 65 -10.34 -2.80 -14.33
C LYS A 65 -10.09 -1.76 -13.23
N VAL A 66 -9.48 -0.65 -13.61
CA VAL A 66 -9.13 0.41 -12.66
C VAL A 66 -9.53 1.80 -13.21
N TYR A 67 -9.88 2.71 -12.31
CA TYR A 67 -10.26 4.08 -12.69
C TYR A 67 -9.08 5.04 -12.52
N PRO A 68 -8.40 5.41 -13.63
CA PRO A 68 -7.20 6.29 -13.57
C PRO A 68 -7.54 7.74 -13.20
N GLU A 69 -8.83 8.06 -13.22
CA GLU A 69 -9.32 9.38 -12.81
C GLU A 69 -10.59 9.25 -11.94
N PRO A 70 -10.45 8.82 -10.68
CA PRO A 70 -11.59 8.58 -9.78
C PRO A 70 -12.37 9.86 -9.44
N ARG A 71 -13.53 10.03 -10.08
CA ARG A 71 -14.37 11.22 -9.87
C ARG A 71 -15.29 11.06 -8.65
N SER A 72 -15.64 9.81 -8.34
CA SER A 72 -16.55 9.49 -7.23
C SER A 72 -15.96 8.42 -6.29
N GLU A 73 -16.58 8.24 -5.12
CA GLU A 73 -16.13 7.24 -4.13
C GLU A 73 -16.14 5.83 -4.71
N SER A 74 -17.24 5.48 -5.38
CA SER A 74 -17.39 4.16 -6.01
C SER A 74 -16.14 3.75 -6.79
N GLU A 75 -15.57 4.71 -7.51
CA GLU A 75 -14.35 4.48 -8.29
C GLU A 75 -13.14 4.19 -7.38
N CYS A 76 -12.81 5.14 -6.51
CA CYS A 76 -11.66 4.99 -5.57
C CYS A 76 -11.75 3.66 -4.81
N LEU A 77 -12.94 3.36 -4.28
CA LEU A 77 -13.19 2.12 -3.56
C LEU A 77 -12.97 0.89 -4.44
N SER A 78 -13.46 0.95 -5.69
CA SER A 78 -13.26 -0.16 -6.66
C SER A 78 -11.78 -0.37 -6.97
N ASN A 79 -11.02 0.72 -7.07
CA ASN A 79 -9.57 0.64 -7.28
C ASN A 79 -8.90 -0.15 -6.14
N ILE A 80 -9.37 0.07 -4.92
CA ILE A 80 -8.89 -0.68 -3.76
C ILE A 80 -9.35 -2.14 -3.83
N ARG A 81 -10.59 -2.37 -4.26
CA ARG A 81 -11.14 -3.72 -4.41
C ARG A 81 -10.32 -4.57 -5.39
N GLU A 82 -9.82 -3.95 -6.45
CA GLU A 82 -8.93 -4.63 -7.40
C GLU A 82 -7.61 -5.07 -6.73
N PHE A 83 -7.04 -4.18 -5.93
CA PHE A 83 -5.84 -4.50 -5.15
C PHE A 83 -6.10 -5.69 -4.21
N LEU A 84 -7.24 -5.65 -3.53
CA LEU A 84 -7.67 -6.74 -2.65
C LEU A 84 -7.85 -8.05 -3.43
N ARG A 85 -8.49 -7.95 -4.60
CA ARG A 85 -8.73 -9.09 -5.48
C ARG A 85 -7.42 -9.76 -5.90
N GLY A 86 -6.55 -8.98 -6.56
CA GLY A 86 -5.29 -9.51 -7.06
C GLY A 86 -4.40 -10.09 -5.97
N CYS A 87 -4.11 -9.30 -4.94
CA CYS A 87 -3.28 -9.76 -3.81
C CYS A 87 -3.92 -10.96 -3.08
N GLY A 88 -5.25 -10.95 -2.99
CA GLY A 88 -5.98 -12.05 -2.35
C GLY A 88 -6.14 -13.27 -3.24
N ALA A 89 -6.00 -13.10 -4.56
CA ALA A 89 -6.13 -14.21 -5.51
C ALA A 89 -4.76 -14.84 -5.82
N SER A 90 -3.88 -14.06 -6.47
CA SER A 90 -2.58 -14.56 -6.92
C SER A 90 -1.67 -14.93 -5.74
N LEU A 91 -1.45 -13.98 -4.84
CA LEU A 91 -0.61 -14.19 -3.65
C LEU A 91 -1.42 -14.78 -2.48
N ARG A 92 -2.70 -14.41 -2.41
CA ARG A 92 -3.62 -14.95 -1.39
C ARG A 92 -3.16 -14.56 0.03
N LEU A 93 -2.68 -13.32 0.16
CA LEU A 93 -2.10 -12.82 1.41
C LEU A 93 -3.10 -12.04 2.27
N GLU A 94 -2.60 -11.41 3.34
CA GLU A 94 -3.43 -10.57 4.23
C GLU A 94 -4.23 -9.51 3.47
N THR A 95 -5.55 -9.63 3.47
CA THR A 95 -6.43 -8.64 2.84
C THR A 95 -7.12 -7.76 3.88
N PHE A 96 -7.76 -6.68 3.40
CA PHE A 96 -8.48 -5.74 4.27
C PHE A 96 -9.75 -5.24 3.58
N ASP A 97 -10.50 -4.37 4.25
CA ASP A 97 -11.70 -3.76 3.65
C ASP A 97 -11.38 -2.39 3.02
N ALA A 98 -12.04 -2.07 1.92
CA ALA A 98 -11.77 -0.84 1.18
C ALA A 98 -11.96 0.42 2.05
N ASN A 99 -12.92 0.38 2.96
CA ASN A 99 -13.20 1.53 3.84
C ASN A 99 -12.12 1.68 4.92
N ASP A 100 -11.48 0.56 5.30
CA ASP A 100 -10.38 0.58 6.27
C ASP A 100 -9.31 1.58 5.84
N LEU A 101 -9.03 1.64 4.54
CA LEU A 101 -8.06 2.58 3.99
C LEU A 101 -8.72 3.92 3.61
N TYR A 102 -9.79 3.84 2.82
CA TYR A 102 -10.45 5.04 2.27
C TYR A 102 -10.89 6.02 3.39
N GLN A 103 -11.30 5.48 4.53
CA GLN A 103 -11.70 6.30 5.67
C GLN A 103 -10.68 6.23 6.82
N GLY A 104 -9.70 5.33 6.69
CA GLY A 104 -8.73 5.12 7.74
C GLY A 104 -9.31 4.37 8.95
N GLN A 105 -10.42 3.67 8.74
CA GLN A 105 -11.10 2.93 9.80
C GLN A 105 -10.16 1.90 10.46
N ASN A 106 -9.34 1.26 9.64
CA ASN A 106 -8.34 0.29 10.12
C ASN A 106 -7.05 0.37 9.29
N PHE A 107 -6.18 1.34 9.60
CA PHE A 107 -4.94 1.48 8.84
C PHE A 107 -4.00 0.29 9.07
N ASN A 108 -3.96 -0.22 10.30
CA ASN A 108 -3.15 -1.40 10.63
C ASN A 108 -3.47 -2.58 9.69
N LYS A 109 -4.76 -2.74 9.35
CA LYS A 109 -5.19 -3.75 8.35
C LYS A 109 -4.48 -3.53 7.01
N VAL A 110 -4.50 -2.29 6.54
CA VAL A 110 -3.87 -1.92 5.27
C VAL A 110 -2.36 -2.10 5.32
N LEU A 111 -1.74 -1.56 6.36
CA LEU A 111 -0.30 -1.64 6.55
C LEU A 111 0.18 -3.10 6.64
N SER A 112 -0.50 -3.92 7.43
CA SER A 112 -0.18 -5.35 7.54
C SER A 112 -0.21 -6.02 6.15
N SER A 113 -1.18 -5.62 5.32
CA SER A 113 -1.28 -6.14 3.95
C SER A 113 -0.08 -5.68 3.10
N LEU A 114 0.20 -4.38 3.10
CA LEU A 114 1.34 -3.82 2.35
C LEU A 114 2.66 -4.49 2.77
N VAL A 115 2.87 -4.61 4.07
CA VAL A 115 4.07 -5.29 4.60
C VAL A 115 4.14 -6.74 4.13
N THR A 116 3.01 -7.45 4.17
CA THR A 116 2.95 -8.83 3.67
C THR A 116 3.27 -8.89 2.17
N LEU A 117 2.78 -7.91 1.43
CA LEU A 117 3.07 -7.79 0.00
C LEU A 117 4.58 -7.59 -0.22
N ASN A 118 5.20 -6.78 0.63
CA ASN A 118 6.66 -6.60 0.62
C ASN A 118 7.38 -7.91 0.96
N LYS A 119 6.93 -8.58 2.03
CA LYS A 119 7.51 -9.86 2.46
C LYS A 119 7.50 -10.91 1.34
N VAL A 120 6.31 -11.20 0.81
CA VAL A 120 6.16 -12.24 -0.22
C VAL A 120 6.96 -11.91 -1.50
N THR A 121 6.89 -10.65 -1.95
CA THR A 121 7.61 -10.25 -3.18
C THR A 121 9.12 -10.11 -2.94
N ALA A 122 9.50 -9.83 -1.69
CA ALA A 122 10.92 -9.86 -1.30
C ALA A 122 11.45 -11.30 -1.36
N ASP A 123 10.60 -12.25 -0.96
CA ASP A 123 10.91 -13.67 -1.09
C ASP A 123 11.06 -14.06 -2.58
N ILE A 124 10.24 -13.43 -3.43
CA ILE A 124 10.33 -13.63 -4.88
C ILE A 124 11.58 -12.94 -5.48
N GLY A 125 11.91 -11.76 -4.96
CA GLY A 125 13.05 -11.00 -5.46
C GLY A 125 12.71 -9.58 -5.88
N LEU A 126 12.82 -8.64 -4.95
CA LEU A 126 12.60 -7.20 -5.25
C LEU A 126 13.85 -6.56 -5.86
#